data_4X4M
#
_entry.id   4X4M
#
_cell.length_a   59.921
_cell.length_b   67.991
_cell.length_c   125.028
_cell.angle_alpha   89.86
_cell.angle_beta   112.25
_cell.angle_gamma   89.96
#
_symmetry.space_group_name_H-M   'P 1'
#
loop_
_entity.id
_entity.type
_entity.pdbx_description
1 polymer 'Ig gamma-1 chain C region'
2 polymer 'High affinity immunoglobulin gamma Fc receptor I'
3 branched 2-acetamido-2-deoxy-beta-D-glucopyranose-(1-2)-alpha-D-mannopyranose-(1-3)-[2-acetamido-2-deoxy-beta-D-glucopyranose-(1-2)-alpha-D-mannopyranose-(1-6)]beta-D-mannopyranose-(1-4)-2-acetamido-2-deoxy-beta-D-glucopyranose-(1-4)-[beta-L-fucopyranose-(1-6)]2-acetamido-2-deoxy-beta-D-glucopyranose
4 branched beta-D-galactopyranose-(1-4)-2-acetamido-2-deoxy-beta-D-glucopyranose-(1-2)-alpha-D-mannopyranose-(1-6)-[2-acetamido-2-deoxy-beta-D-glucopyranose-(1-2)-alpha-D-mannopyranose-(1-3)]beta-D-mannopyranose-(1-4)-2-acetamido-2-deoxy-beta-D-glucopyranose-(1-4)-[beta-L-fucopyranose-(1-6)]2-acetamido-2-deoxy-beta-D-glucopyranose
5 branched 2-acetamido-2-deoxy-beta-D-glucopyranose-(1-2)-alpha-D-mannopyranose-(1-3)-[2-acetamido-2-deoxy-beta-D-glucopyranose-(1-2)-alpha-D-mannopyranose-(1-6)]beta-D-mannopyranose-(1-4)-2-acetamido-2-deoxy-beta-D-glucopyranose
6 branched 'N-acetyl-alpha-neuraminic acid-(2-3)-beta-D-galactopyranose'
7 non-polymer 2-acetamido-2-deoxy-beta-D-glucopyranose
8 non-polymer beta-L-fucopyranose
#
loop_
_entity_poly.entity_id
_entity_poly.type
_entity_poly.pdbx_seq_one_letter_code
_entity_poly.pdbx_strand_id
1 'polypeptide(L)'
;CPAPELLGGPSVFLFPPKPKDTLMISRTPEVTCVVVDVSHEDPEVKFNWYVDGVEVHNAKTKPREEQYNSTYRVVSVLTV
LHQDWLNGKEYKCKVSNKALPAPIEKTISKAKGQPREPQVYTLPPSRDELTKNQVSLTCLVKGFYPSDIAVEWESNGQPE
NNYKTTPPVLDSDGSFFLYSKLTVDKSRWQQGNVFSCSVMHEALHNHYTQKSLSLSPGK
;
A,B,C,D
2 'polypeptide(L)'
;KAVIKLQPPWVSVFQEESVTLHCEVPHLPGSSSTQWFLNGTAIQTSTPTYHITSASEDDSGEYRCQRGLSGRSDPIQLEV
HRGWLLLQVSSRVLTEGEPLALRCHAWKDKLVYNVLYYRNGKAFKFFHWNSNLTILKTNMSHSGTYHCSGMGKHRYTSAG
ISVTVKELFPAPVLTASVTSPLLEGTPVTLSCETKLLLQRPGLQLYFSFYMGSKTLRGRDTSSEYQILTARREDSGLYWC
EAATEDGNVLKRSPELELQVLGHQQPTPVHHHHHH
;
E,F
#
loop_
_chem_comp.id
_chem_comp.type
_chem_comp.name
_chem_comp.formula
BMA D-saccharide, beta linking beta-D-mannopyranose 'C6 H12 O6'
FUL L-saccharide, beta linking beta-L-fucopyranose 'C6 H12 O5'
GAL D-saccharide, beta linking beta-D-galactopyranose 'C6 H12 O6'
MAN D-saccharide, alpha linking alpha-D-mannopyranose 'C6 H12 O6'
NAG D-saccharide, beta linking 2-acetamido-2-deoxy-beta-D-glucopyranose 'C8 H15 N O6'
SIA D-saccharide, alpha linking 'N-acetyl-alpha-neuraminic acid' 'C11 H19 N O9'
#
# COMPACT_ATOMS: atom_id res chain seq x y z
N CYS A 1 -16.23 -15.89 9.91
CA CYS A 1 -16.02 -16.84 8.82
C CYS A 1 -16.79 -16.44 7.56
N PRO A 2 -16.49 -15.26 7.00
CA PRO A 2 -17.21 -14.88 5.78
C PRO A 2 -16.74 -15.75 4.62
N ALA A 3 -17.25 -16.98 4.65
CA ALA A 3 -16.89 -18.06 3.75
C ALA A 3 -18.15 -18.80 3.28
N PRO A 4 -19.24 -18.05 2.96
CA PRO A 4 -20.34 -18.76 2.27
C PRO A 4 -19.98 -19.46 0.97
N GLU A 5 -19.97 -20.78 1.06
CA GLU A 5 -19.37 -21.66 0.04
C GLU A 5 -20.31 -21.69 -1.16
N LEU A 6 -19.79 -21.54 -2.37
CA LEU A 6 -20.58 -21.93 -3.54
C LEU A 6 -20.32 -22.82 -4.75
N LEU A 7 -19.38 -22.40 -5.58
CA LEU A 7 -18.88 -23.27 -6.62
C LEU A 7 -17.75 -22.34 -7.10
N GLY A 8 -17.28 -22.67 -8.30
CA GLY A 8 -16.08 -22.18 -8.95
C GLY A 8 -16.07 -20.81 -9.63
N GLY A 9 -15.86 -19.72 -8.90
CA GLY A 9 -15.84 -18.40 -9.53
C GLY A 9 -14.68 -17.47 -9.16
N PRO A 10 -14.69 -16.24 -9.72
CA PRO A 10 -13.62 -15.29 -9.42
C PRO A 10 -13.67 -15.08 -7.92
N SER A 11 -12.55 -14.77 -7.29
CA SER A 11 -12.58 -14.60 -5.85
C SER A 11 -12.20 -13.22 -5.37
N VAL A 12 -12.73 -12.88 -4.20
CA VAL A 12 -12.57 -11.56 -3.64
C VAL A 12 -11.93 -11.61 -2.26
N PHE A 13 -10.93 -10.75 -2.08
CA PHE A 13 -10.32 -10.58 -0.77
C PHE A 13 -10.39 -9.13 -0.39
N LEU A 14 -10.81 -8.90 0.85
CA LEU A 14 -11.06 -7.56 1.32
C LEU A 14 -10.14 -7.28 2.47
N PHE A 15 -9.27 -6.30 2.26
CA PHE A 15 -8.19 -6.05 3.19
C PHE A 15 -8.34 -4.76 3.96
N PRO A 16 -7.99 -4.81 5.25
CA PRO A 16 -8.10 -3.66 6.15
C PRO A 16 -6.95 -2.71 5.85
N PRO A 17 -7.03 -1.47 6.38
CA PRO A 17 -5.93 -0.52 6.29
C PRO A 17 -4.70 -0.85 7.14
N LYS A 18 -3.58 -0.23 6.78
CA LYS A 18 -2.36 -0.29 7.57
C LYS A 18 -2.54 0.50 8.86
N PRO A 19 -2.05 -0.03 9.98
CA PRO A 19 -2.23 0.64 11.27
C PRO A 19 -1.74 2.08 11.28
N LYS A 20 -0.52 2.30 10.78
CA LYS A 20 0.07 3.63 10.73
C LYS A 20 -0.83 4.54 9.90
N ASP A 21 -1.51 3.96 8.93
CA ASP A 21 -2.44 4.71 8.11
C ASP A 21 -3.58 5.10 9.02
N THR A 22 -3.96 4.17 9.90
CA THR A 22 -5.02 4.45 10.85
C THR A 22 -4.58 5.43 11.93
N LEU A 23 -3.27 5.59 12.09
CA LEU A 23 -2.76 6.29 13.27
C LEU A 23 -2.30 7.72 13.06
N MET A 24 -1.78 8.03 11.88
CA MET A 24 -1.31 9.39 11.67
C MET A 24 -2.25 10.14 10.75
N ILE A 25 -2.73 11.29 11.23
CA ILE A 25 -3.77 12.02 10.54
C ILE A 25 -3.16 12.58 9.28
N SER A 26 -1.84 12.69 9.32
CA SER A 26 -1.05 13.10 8.17
C SER A 26 -0.81 11.91 7.25
N ARG A 27 -1.67 10.90 7.39
CA ARG A 27 -1.62 9.74 6.53
C ARG A 27 -3.01 9.34 6.10
N THR A 28 -3.07 8.52 5.07
CA THR A 28 -4.32 8.16 4.43
C THR A 28 -4.52 6.66 4.49
N PRO A 29 -5.41 6.22 5.38
CA PRO A 29 -5.81 4.83 5.61
C PRO A 29 -6.72 4.37 4.49
N GLU A 30 -6.58 3.10 4.08
CA GLU A 30 -7.37 2.59 2.99
C GLU A 30 -7.94 1.23 3.33
N VAL A 31 -9.19 0.98 2.95
CA VAL A 31 -9.73 -0.38 2.86
C VAL A 31 -9.59 -0.96 1.47
N THR A 32 -9.27 -2.26 1.39
CA THR A 32 -8.95 -2.85 0.09
C THR A 32 -9.75 -4.09 -0.26
N CYS A 33 -10.51 -3.99 -1.34
CA CYS A 33 -11.33 -5.06 -1.86
C CYS A 33 -10.56 -5.62 -3.04
N VAL A 34 -10.09 -6.86 -2.96
CA VAL A 34 -9.28 -7.44 -4.02
C VAL A 34 -10.01 -8.53 -4.79
N VAL A 35 -10.02 -8.37 -6.11
CA VAL A 35 -10.70 -9.30 -7.02
C VAL A 35 -9.78 -10.07 -7.96
N VAL A 36 -9.86 -11.39 -7.89
CA VAL A 36 -9.07 -12.28 -8.71
C VAL A 36 -9.97 -13.11 -9.62
N ASP A 37 -9.36 -13.86 -10.54
CA ASP A 37 -10.10 -14.75 -11.44
C ASP A 37 -11.10 -14.00 -12.33
N VAL A 38 -10.72 -12.81 -12.80
CA VAL A 38 -11.44 -12.12 -13.86
C VAL A 38 -11.02 -12.61 -15.24
N SER A 39 -11.98 -13.05 -16.05
CA SER A 39 -11.66 -13.54 -17.39
C SER A 39 -11.43 -12.41 -18.37
N HIS A 40 -10.73 -12.69 -19.46
CA HIS A 40 -10.57 -11.71 -20.51
C HIS A 40 -11.95 -11.57 -21.15
N GLU A 41 -12.70 -12.65 -21.07
CA GLU A 41 -14.03 -12.69 -21.64
C GLU A 41 -14.98 -11.82 -20.86
N ASP A 42 -14.82 -11.84 -19.55
CA ASP A 42 -15.67 -11.01 -18.71
C ASP A 42 -14.87 -10.25 -17.66
N PRO A 43 -14.20 -9.19 -18.10
CA PRO A 43 -13.23 -8.38 -17.38
C PRO A 43 -13.95 -7.23 -16.71
N GLU A 44 -15.24 -7.12 -16.99
CA GLU A 44 -16.02 -6.05 -16.43
C GLU A 44 -16.38 -6.36 -14.99
N VAL A 45 -15.97 -5.46 -14.10
CA VAL A 45 -16.23 -5.61 -12.69
C VAL A 45 -17.00 -4.43 -12.10
N LYS A 46 -18.07 -4.72 -11.38
CA LYS A 46 -18.81 -3.65 -10.72
C LYS A 46 -18.52 -3.65 -9.24
N PHE A 47 -18.18 -2.49 -8.71
CA PHE A 47 -17.97 -2.38 -7.28
C PHE A 47 -19.16 -1.66 -6.66
N ASN A 48 -19.73 -2.26 -5.64
CA ASN A 48 -20.60 -1.51 -4.76
C ASN A 48 -19.93 -1.50 -3.40
N TRP A 49 -20.01 -0.36 -2.73
CA TRP A 49 -19.34 -0.14 -1.46
C TRP A 49 -20.27 0.25 -0.31
N TYR A 50 -21.21 -0.63 0.04
CA TYR A 50 -22.13 -0.28 1.12
C TYR A 50 -21.36 -0.05 2.42
N VAL A 51 -21.51 1.15 2.99
CA VAL A 51 -20.94 1.40 4.30
C VAL A 51 -22.04 1.32 5.36
N ASP A 52 -22.00 0.28 6.16
CA ASP A 52 -23.06 0.00 7.13
C ASP A 52 -24.41 -0.16 6.42
N GLY A 53 -24.36 -0.20 5.09
CA GLY A 53 -25.54 -0.38 4.29
C GLY A 53 -25.77 0.84 3.43
N VAL A 54 -25.09 1.94 3.76
CA VAL A 54 -25.25 3.13 2.97
C VAL A 54 -24.28 3.08 1.82
N GLU A 55 -24.78 2.75 0.63
CA GLU A 55 -23.98 2.79 -0.58
C GLU A 55 -23.21 4.10 -0.63
N VAL A 56 -21.90 4.03 -0.86
CA VAL A 56 -21.10 5.23 -1.12
C VAL A 56 -20.48 5.14 -2.51
N HIS A 57 -19.97 6.27 -3.00
CA HIS A 57 -19.24 6.28 -4.25
C HIS A 57 -17.84 6.76 -3.93
N ASN A 58 -17.17 7.44 -4.86
CA ASN A 58 -15.83 7.97 -4.62
C ASN A 58 -14.80 6.88 -4.33
N ALA A 59 -15.20 5.62 -4.48
CA ALA A 59 -14.18 4.59 -4.58
C ALA A 59 -13.40 4.81 -5.84
N LYS A 60 -12.10 4.53 -5.75
CA LYS A 60 -11.23 4.65 -6.90
C LYS A 60 -10.81 3.31 -7.48
N THR A 61 -9.75 3.33 -8.29
CA THR A 61 -9.28 2.12 -8.92
C THR A 61 -7.90 2.26 -9.55
N LYS A 62 -6.98 1.43 -9.11
CA LYS A 62 -5.62 1.46 -9.61
C LYS A 62 -5.75 0.68 -10.90
N PRO A 63 -4.82 0.86 -11.83
CA PRO A 63 -4.97 0.08 -13.05
C PRO A 63 -4.86 -1.43 -12.90
N ARG A 64 -5.70 -2.11 -13.67
CA ARG A 64 -5.77 -3.56 -13.67
C ARG A 64 -4.41 -4.10 -14.04
N GLU A 65 -4.05 -5.22 -13.47
CA GLU A 65 -2.76 -5.73 -13.82
C GLU A 65 -2.98 -7.12 -14.36
N GLU A 66 -2.39 -7.36 -15.52
CA GLU A 66 -2.53 -8.65 -16.16
C GLU A 66 -1.67 -9.54 -15.32
N GLN A 67 -2.15 -10.71 -14.95
CA GLN A 67 -1.25 -11.55 -14.20
C GLN A 67 -0.52 -12.45 -15.17
N TYR A 68 0.61 -12.97 -14.70
CA TYR A 68 1.39 -13.93 -15.45
C TYR A 68 0.51 -15.07 -15.93
N ASN A 69 -0.44 -15.47 -15.09
CA ASN A 69 -1.31 -16.57 -15.45
C ASN A 69 -2.44 -16.11 -16.36
N SER A 70 -2.37 -14.85 -16.77
CA SER A 70 -3.33 -14.30 -17.74
C SER A 70 -4.70 -14.05 -17.16
N THR A 71 -4.82 -13.97 -15.84
CA THR A 71 -6.04 -13.40 -15.32
C THR A 71 -5.79 -11.94 -15.09
N TYR A 72 -6.85 -11.19 -14.89
CA TYR A 72 -6.73 -9.82 -14.43
C TYR A 72 -6.84 -9.70 -12.93
N ARG A 73 -6.15 -8.69 -12.42
CA ARG A 73 -6.26 -8.30 -11.02
C ARG A 73 -6.69 -6.87 -10.93
N VAL A 74 -7.69 -6.65 -10.10
CA VAL A 74 -8.23 -5.33 -9.88
C VAL A 74 -8.34 -4.99 -8.41
N VAL A 75 -7.93 -3.78 -8.07
CA VAL A 75 -7.84 -3.36 -6.70
C VAL A 75 -8.76 -2.16 -6.59
N SER A 76 -9.59 -2.12 -5.56
CA SER A 76 -10.34 -0.91 -5.28
C SER A 76 -10.00 -0.37 -3.90
N VAL A 77 -9.69 0.91 -3.84
CA VAL A 77 -9.29 1.53 -2.61
C VAL A 77 -10.33 2.54 -2.18
N LEU A 78 -10.93 2.30 -1.03
CA LEU A 78 -11.87 3.24 -0.47
C LEU A 78 -11.14 4.00 0.62
N THR A 79 -10.99 5.30 0.41
CA THR A 79 -10.46 6.17 1.44
C THR A 79 -11.36 6.20 2.67
N VAL A 80 -10.74 6.12 3.84
CA VAL A 80 -11.49 5.99 5.07
C VAL A 80 -11.21 7.11 6.05
N LEU A 81 -12.25 7.54 6.78
CA LEU A 81 -12.09 8.55 7.81
C LEU A 81 -11.61 7.89 9.09
N HIS A 82 -10.53 8.42 9.68
CA HIS A 82 -9.92 7.85 10.89
C HIS A 82 -10.93 7.42 11.95
N GLN A 83 -11.82 8.33 12.31
CA GLN A 83 -12.76 8.11 13.41
C GLN A 83 -13.84 7.12 13.01
N ASP A 84 -14.14 7.07 11.71
CA ASP A 84 -15.03 6.06 11.19
C ASP A 84 -14.58 4.64 11.50
N TRP A 85 -13.32 4.35 11.22
CA TRP A 85 -12.77 3.02 11.44
C TRP A 85 -12.70 2.56 12.89
N LEU A 86 -12.21 3.43 13.77
CA LEU A 86 -12.00 3.05 15.16
C LEU A 86 -13.30 2.83 15.90
N ASN A 87 -14.33 3.58 15.55
CA ASN A 87 -15.65 3.31 16.09
C ASN A 87 -16.22 2.00 15.56
N GLY A 88 -15.53 1.36 14.63
CA GLY A 88 -15.99 0.04 14.26
C GLY A 88 -17.09 0.12 13.21
N LYS A 89 -17.08 1.20 12.45
CA LYS A 89 -18.00 1.30 11.34
C LYS A 89 -17.75 0.14 10.40
N GLU A 90 -18.81 -0.36 9.79
CA GLU A 90 -18.69 -1.51 8.90
C GLU A 90 -18.50 -1.08 7.48
N TYR A 91 -17.56 -1.75 6.82
CA TYR A 91 -17.31 -1.51 5.42
C TYR A 91 -17.68 -2.76 4.64
N LYS A 92 -18.59 -2.60 3.69
CA LYS A 92 -19.11 -3.73 2.93
C LYS A 92 -18.74 -3.54 1.48
N CYS A 93 -18.14 -4.56 0.88
CA CYS A 93 -17.83 -4.51 -0.54
C CYS A 93 -18.69 -5.43 -1.37
N LYS A 94 -19.37 -4.85 -2.35
CA LYS A 94 -20.23 -5.61 -3.23
C LYS A 94 -19.60 -5.63 -4.62
N VAL A 95 -19.55 -6.82 -5.21
CA VAL A 95 -18.84 -7.02 -6.46
C VAL A 95 -19.80 -7.57 -7.49
N SER A 96 -19.96 -6.83 -8.58
CA SER A 96 -20.82 -7.27 -9.66
C SER A 96 -20.11 -7.62 -10.96
N ASN A 97 -20.49 -8.76 -11.53
CA ASN A 97 -19.93 -9.20 -12.81
C ASN A 97 -20.93 -10.14 -13.43
N LYS A 98 -21.09 -10.01 -14.74
CA LYS A 98 -22.09 -10.79 -15.45
C LYS A 98 -21.91 -12.29 -15.30
N ALA A 99 -20.70 -12.73 -14.99
CA ALA A 99 -20.47 -14.16 -14.88
C ALA A 99 -20.82 -14.69 -13.51
N LEU A 100 -21.22 -13.80 -12.60
CA LEU A 100 -21.56 -14.24 -11.27
C LEU A 100 -23.07 -14.33 -11.14
N PRO A 101 -23.59 -15.52 -10.84
CA PRO A 101 -25.01 -15.72 -10.56
C PRO A 101 -25.55 -14.73 -9.54
N ALA A 102 -24.88 -14.66 -8.39
CA ALA A 102 -25.24 -13.73 -7.33
C ALA A 102 -24.09 -12.85 -6.87
N PRO A 103 -24.42 -11.62 -6.45
CA PRO A 103 -23.52 -10.62 -5.89
C PRO A 103 -22.74 -11.12 -4.68
N ILE A 104 -21.61 -10.48 -4.40
CA ILE A 104 -20.74 -10.86 -3.29
C ILE A 104 -20.80 -9.82 -2.18
N GLU A 105 -20.91 -10.26 -0.94
CA GLU A 105 -21.00 -9.28 0.11
C GLU A 105 -19.91 -9.60 1.08
N LYS A 106 -18.68 -9.36 0.64
CA LYS A 106 -17.58 -9.49 1.58
C LYS A 106 -17.84 -8.43 2.63
N THR A 107 -17.60 -8.78 3.88
CA THR A 107 -17.72 -7.82 4.95
C THR A 107 -16.46 -7.71 5.79
N ILE A 108 -16.16 -6.50 6.22
CA ILE A 108 -15.15 -6.25 7.23
C ILE A 108 -15.50 -5.15 8.19
N SER A 109 -14.66 -5.03 9.21
CA SER A 109 -14.78 -4.03 10.23
C SER A 109 -13.71 -4.28 11.26
N LYS A 110 -13.43 -3.27 12.07
CA LYS A 110 -12.38 -3.38 13.08
C LYS A 110 -12.63 -4.61 13.95
N ALA A 111 -11.56 -5.23 14.39
CA ALA A 111 -11.64 -6.35 15.30
C ALA A 111 -12.45 -5.98 16.53
N LYS A 112 -13.21 -6.94 17.03
CA LYS A 112 -14.09 -6.70 18.15
C LYS A 112 -13.39 -7.06 19.43
N GLY A 113 -13.86 -6.50 20.55
CA GLY A 113 -13.26 -6.77 21.83
C GLY A 113 -12.82 -5.51 22.53
N GLN A 114 -12.73 -5.58 23.85
CA GLN A 114 -12.45 -4.41 24.64
C GLN A 114 -11.08 -3.83 24.35
N PRO A 115 -11.05 -2.61 23.79
CA PRO A 115 -9.76 -1.98 23.52
C PRO A 115 -9.03 -1.86 24.84
N ARG A 116 -7.75 -2.21 24.94
CA ARG A 116 -7.12 -2.02 26.23
C ARG A 116 -5.82 -1.26 26.11
N GLU A 117 -5.64 -0.29 27.00
CA GLU A 117 -4.52 0.62 26.90
C GLU A 117 -3.29 -0.14 27.37
N PRO A 118 -2.21 -0.05 26.59
CA PRO A 118 -0.95 -0.70 26.94
C PRO A 118 -0.29 -0.04 28.13
N GLN A 119 0.37 -0.85 28.94
CA GLN A 119 1.34 -0.34 29.90
C GLN A 119 2.70 -0.40 29.24
N VAL A 120 3.50 0.63 29.45
CA VAL A 120 4.82 0.65 28.86
C VAL A 120 5.88 0.77 29.93
N TYR A 121 6.82 -0.17 29.91
CA TYR A 121 7.89 -0.20 30.89
C TYR A 121 9.18 -0.37 30.13
N THR A 122 10.14 0.49 30.42
CA THR A 122 11.45 0.38 29.77
C THR A 122 12.45 -0.31 30.68
N LEU A 123 13.28 -1.17 30.10
CA LEU A 123 14.20 -1.93 30.92
C LEU A 123 15.64 -1.84 30.45
N PRO A 124 16.53 -1.46 31.36
CA PRO A 124 17.95 -1.38 31.01
C PRO A 124 18.52 -2.77 30.81
N PRO A 125 19.71 -2.86 30.22
CA PRO A 125 20.48 -4.10 30.07
C PRO A 125 20.75 -4.78 31.41
N SER A 126 20.84 -6.11 31.41
CA SER A 126 21.37 -6.83 32.56
C SER A 126 22.82 -6.46 32.79
N ARG A 127 23.24 -6.50 34.05
CA ARG A 127 24.63 -6.18 34.36
C ARG A 127 25.51 -7.18 33.61
N ASP A 128 25.07 -8.43 33.55
CA ASP A 128 25.87 -9.46 32.90
C ASP A 128 26.19 -9.12 31.46
N GLU A 129 25.35 -8.29 30.83
CA GLU A 129 25.58 -7.93 29.44
C GLU A 129 26.62 -6.83 29.32
N LEU A 130 26.80 -6.08 30.41
CA LEU A 130 27.72 -4.96 30.41
C LEU A 130 29.16 -5.33 30.07
N THR A 131 29.38 -6.62 29.78
CA THR A 131 30.71 -7.11 29.52
C THR A 131 30.93 -7.14 28.01
N LYS A 132 29.85 -6.99 27.26
CA LYS A 132 29.92 -7.11 25.81
C LYS A 132 30.12 -5.79 25.08
N ASN A 133 30.47 -5.90 23.80
CA ASN A 133 30.61 -4.77 22.90
C ASN A 133 29.31 -4.09 22.53
N GLN A 134 28.25 -4.89 22.49
CA GLN A 134 26.92 -4.40 22.22
C GLN A 134 26.02 -4.70 23.38
N VAL A 135 25.04 -3.84 23.60
CA VAL A 135 24.12 -4.05 24.71
C VAL A 135 22.69 -4.03 24.23
N SER A 136 21.81 -4.60 25.04
CA SER A 136 20.43 -4.78 24.64
C SER A 136 19.56 -3.83 25.42
N LEU A 137 18.72 -3.11 24.70
CA LEU A 137 17.76 -2.24 25.35
C LEU A 137 16.35 -2.75 25.14
N THR A 138 15.59 -2.85 26.22
CA THR A 138 14.33 -3.55 26.15
C THR A 138 13.18 -2.61 26.39
N CYS A 139 12.16 -2.75 25.55
CA CYS A 139 10.91 -2.03 25.73
C CYS A 139 9.81 -3.07 25.87
N LEU A 140 9.15 -3.09 27.01
CA LEU A 140 8.07 -4.04 27.20
C LEU A 140 6.69 -3.43 26.99
N VAL A 141 5.92 -4.03 26.09
CA VAL A 141 4.56 -3.58 25.84
C VAL A 141 3.52 -4.66 26.08
N LYS A 142 2.62 -4.42 27.04
CA LYS A 142 1.66 -5.42 27.45
C LYS A 142 0.31 -4.80 27.80
N GLY A 143 -0.74 -5.63 27.81
CA GLY A 143 -2.05 -5.15 28.19
C GLY A 143 -2.87 -4.53 27.08
N PHE A 144 -2.39 -4.63 25.85
CA PHE A 144 -3.02 -3.92 24.76
C PHE A 144 -4.04 -4.75 24.01
N TYR A 145 -5.00 -4.04 23.41
CA TYR A 145 -6.01 -4.61 22.54
C TYR A 145 -6.68 -3.54 21.68
N PRO A 146 -7.00 -3.90 20.43
CA PRO A 146 -6.61 -5.13 19.76
C PRO A 146 -5.10 -5.24 19.53
N SER A 147 -4.69 -6.32 18.88
CA SER A 147 -3.27 -6.63 18.72
C SER A 147 -2.69 -5.74 17.63
N ASP A 148 -3.57 -5.12 16.85
CA ASP A 148 -3.18 -4.16 15.84
C ASP A 148 -2.38 -3.04 16.49
N ILE A 149 -1.19 -2.77 15.99
CA ILE A 149 -0.31 -1.80 16.64
C ILE A 149 0.90 -1.40 15.80
N ALA A 150 1.47 -0.24 16.11
CA ALA A 150 2.75 0.17 15.55
C ALA A 150 3.69 0.66 16.65
N VAL A 151 4.94 0.22 16.58
CA VAL A 151 5.97 0.53 17.55
C VAL A 151 7.29 1.01 16.95
N GLU A 152 7.85 2.08 17.51
CA GLU A 152 9.16 2.52 17.05
C GLU A 152 10.07 2.84 18.22
N TRP A 153 11.37 2.83 17.92
CA TRP A 153 12.44 3.22 18.81
C TRP A 153 13.14 4.47 18.29
N GLU A 154 13.46 5.41 19.17
CA GLU A 154 14.10 6.62 18.67
C GLU A 154 15.28 7.03 19.54
N SER A 155 16.14 7.86 18.97
CA SER A 155 17.22 8.50 19.70
C SER A 155 17.58 9.85 19.07
N ASN A 156 17.84 10.83 19.92
CA ASN A 156 18.15 12.19 19.49
C ASN A 156 17.29 12.65 18.33
N GLY A 157 15.99 12.45 18.46
CA GLY A 157 15.03 12.97 17.51
C GLY A 157 15.10 12.16 16.23
N GLN A 158 15.82 11.05 16.27
CA GLN A 158 15.86 10.17 15.11
C GLN A 158 15.56 8.72 15.46
N PRO A 159 14.85 8.02 14.56
CA PRO A 159 14.60 6.59 14.72
C PRO A 159 15.92 5.85 14.84
N GLU A 160 16.01 4.86 15.72
CA GLU A 160 17.21 4.05 15.74
C GLU A 160 17.13 3.00 14.63
N ASN A 161 18.30 2.60 14.15
CA ASN A 161 18.43 1.89 12.89
C ASN A 161 18.51 0.39 13.15
N ASN A 162 18.43 0.04 14.43
CA ASN A 162 18.73 -1.31 14.89
C ASN A 162 18.00 -1.67 16.17
N TYR A 163 16.71 -1.90 16.01
CA TYR A 163 15.84 -2.38 17.07
C TYR A 163 14.99 -3.45 16.45
N LYS A 164 14.51 -4.40 17.23
CA LYS A 164 13.57 -5.34 16.64
C LYS A 164 12.36 -5.43 17.55
N THR A 165 11.20 -5.64 16.95
CA THR A 165 9.95 -5.72 17.68
C THR A 165 9.25 -7.02 17.37
N THR A 166 8.75 -7.69 18.40
CA THR A 166 8.03 -8.93 18.18
C THR A 166 6.65 -8.69 17.60
N PRO A 167 6.11 -9.71 16.94
CA PRO A 167 4.70 -9.73 16.53
C PRO A 167 3.88 -9.67 17.81
N PRO A 168 2.63 -9.24 17.73
CA PRO A 168 1.79 -9.34 18.93
C PRO A 168 1.71 -10.76 19.47
N VAL A 169 1.71 -10.89 20.79
CA VAL A 169 1.49 -12.17 21.42
C VAL A 169 0.28 -12.10 22.33
N LEU A 170 -0.53 -13.15 22.28
CA LEU A 170 -1.74 -13.26 23.10
C LEU A 170 -1.37 -13.49 24.56
N ASP A 171 -1.72 -12.54 25.43
CA ASP A 171 -1.53 -12.79 26.85
C ASP A 171 -2.62 -13.70 27.42
N SER A 172 -2.42 -14.07 28.67
CA SER A 172 -3.30 -14.99 29.38
C SER A 172 -4.62 -14.36 29.75
N ASP A 173 -4.61 -13.03 29.86
CA ASP A 173 -5.80 -12.26 30.21
C ASP A 173 -6.63 -11.86 29.00
N GLY A 174 -6.38 -12.52 27.88
CA GLY A 174 -7.14 -12.26 26.66
C GLY A 174 -6.53 -11.09 25.91
N SER A 175 -5.61 -10.39 26.56
CA SER A 175 -4.94 -9.26 25.94
C SER A 175 -3.66 -9.72 25.28
N PHE A 176 -3.01 -8.81 24.57
CA PHE A 176 -1.78 -9.15 23.91
C PHE A 176 -0.66 -8.40 24.63
N PHE A 177 0.56 -8.91 24.54
CA PHE A 177 1.73 -8.13 24.87
C PHE A 177 2.78 -8.33 23.78
N LEU A 178 3.78 -7.46 23.72
CA LEU A 178 4.95 -7.73 22.90
C LEU A 178 6.21 -7.06 23.44
N TYR A 179 7.35 -7.44 22.87
CA TYR A 179 8.61 -6.78 23.15
C TYR A 179 9.27 -6.21 21.91
N SER A 180 9.92 -5.06 22.07
CA SER A 180 10.77 -4.55 21.02
C SER A 180 12.18 -4.44 21.58
N LYS A 181 13.16 -5.03 20.89
CA LYS A 181 14.52 -4.99 21.40
C LYS A 181 15.38 -4.05 20.57
N LEU A 182 15.89 -3.01 21.22
CA LEU A 182 16.83 -2.09 20.59
C LEU A 182 18.25 -2.40 21.01
N THR A 183 19.15 -2.48 20.03
CA THR A 183 20.56 -2.80 20.28
C THR A 183 21.44 -1.58 20.06
N VAL A 184 22.26 -1.27 21.05
CA VAL A 184 23.17 -0.14 20.96
C VAL A 184 24.56 -0.43 21.52
N ASP A 185 25.56 0.18 20.88
CA ASP A 185 26.93 0.20 21.40
C ASP A 185 27.01 0.56 22.86
N LYS A 186 27.89 -0.10 23.59
CA LYS A 186 28.01 0.12 25.03
C LYS A 186 28.40 1.56 25.34
N SER A 187 29.31 2.11 24.54
CA SER A 187 29.79 3.46 24.77
C SER A 187 28.69 4.50 24.85
N ARG A 188 27.75 4.40 23.93
CA ARG A 188 26.69 5.38 23.86
C ARG A 188 25.84 5.33 25.13
N TRP A 189 25.52 4.12 25.59
CA TRP A 189 24.75 3.98 26.82
C TRP A 189 25.51 4.57 28.00
N GLN A 190 26.76 4.15 28.16
CA GLN A 190 27.49 4.46 29.37
C GLN A 190 27.87 5.90 29.27
N GLN A 191 27.80 6.42 28.05
CA GLN A 191 28.02 7.82 27.88
C GLN A 191 26.71 8.51 28.24
N GLY A 192 25.68 7.72 28.55
CA GLY A 192 24.46 8.30 29.07
C GLY A 192 23.56 8.89 28.01
N ASN A 193 23.65 8.38 26.79
CA ASN A 193 22.66 8.72 25.77
C ASN A 193 21.23 8.36 26.19
N VAL A 194 20.28 9.17 25.76
CA VAL A 194 18.88 8.96 26.06
C VAL A 194 18.17 8.30 24.89
N PHE A 195 17.49 7.19 25.19
CA PHE A 195 16.80 6.41 24.19
C PHE A 195 15.30 6.35 24.45
N SER A 196 14.51 6.29 23.38
CA SER A 196 13.06 6.32 23.53
C SER A 196 12.36 5.21 22.75
N CYS A 197 11.39 4.60 23.42
CA CYS A 197 10.53 3.61 22.78
C CYS A 197 9.22 4.28 22.42
N SER A 198 8.84 4.21 21.15
CA SER A 198 7.62 4.88 20.72
C SER A 198 6.56 3.87 20.30
N VAL A 199 5.33 4.11 20.74
CA VAL A 199 4.24 3.18 20.52
C VAL A 199 2.99 3.88 20.01
N MET A 200 2.33 3.29 19.02
CA MET A 200 1.11 3.90 18.51
C MET A 200 -0.03 2.89 18.55
N HIS A 201 -1.11 3.28 19.20
CA HIS A 201 -2.25 2.41 19.42
C HIS A 201 -3.52 3.21 19.59
N GLU A 202 -4.62 2.67 19.07
CA GLU A 202 -5.96 3.21 19.28
C GLU A 202 -6.23 3.78 20.68
N ALA A 203 -5.82 3.04 21.70
CA ALA A 203 -6.31 3.24 23.06
C ALA A 203 -5.42 4.10 23.94
N LEU A 204 -4.44 4.75 23.35
CA LEU A 204 -3.62 5.68 24.10
C LEU A 204 -4.10 7.09 23.84
N HIS A 205 -3.89 7.97 24.82
CA HIS A 205 -4.22 9.37 24.60
C HIS A 205 -3.34 9.83 23.47
N ASN A 206 -3.98 10.47 22.50
CA ASN A 206 -3.35 10.85 21.25
C ASN A 206 -2.80 9.66 20.47
N HIS A 207 -3.26 8.46 20.82
CA HIS A 207 -2.79 7.23 20.18
C HIS A 207 -1.28 7.05 20.23
N TYR A 208 -0.64 7.63 21.24
CA TYR A 208 0.81 7.70 21.25
C TYR A 208 1.32 7.76 22.68
N THR A 209 2.43 7.08 22.94
CA THR A 209 3.16 7.28 24.17
C THR A 209 4.63 6.92 24.03
N GLN A 210 5.45 7.51 24.89
CA GLN A 210 6.86 7.17 24.95
C GLN A 210 7.39 7.15 26.36
N LYS A 211 8.42 6.34 26.60
CA LYS A 211 9.05 6.32 27.91
C LYS A 211 10.55 6.52 27.70
N SER A 212 11.11 7.26 28.65
CA SER A 212 12.50 7.65 28.64
C SER A 212 13.34 6.91 29.68
N LEU A 213 14.67 7.06 29.60
CA LEU A 213 15.54 6.25 30.44
C LEU A 213 16.89 6.91 30.66
N SER A 214 17.19 7.10 31.95
CA SER A 214 18.45 7.61 32.44
C SER A 214 18.58 7.24 33.92
N LEU A 215 19.79 7.24 34.46
CA LEU A 215 20.04 6.76 35.81
C LEU A 215 19.14 7.53 36.78
N SER A 216 18.77 6.92 37.90
CA SER A 216 17.91 7.56 38.88
C SER A 216 18.19 7.03 40.28
N PRO A 217 19.15 7.73 41.01
CA PRO A 217 19.39 7.20 42.36
C PRO A 217 18.12 7.08 43.18
N GLY A 218 17.57 8.21 43.62
CA GLY A 218 16.43 8.23 44.51
C GLY A 218 16.59 8.98 45.81
N ALA B 3 -14.60 -26.11 2.19
CA ALA B 3 -13.15 -26.28 2.21
C ALA B 3 -12.73 -27.56 1.49
N PRO B 4 -13.39 -28.68 1.81
CA PRO B 4 -13.23 -29.85 0.94
C PRO B 4 -13.66 -29.50 -0.47
N GLU B 5 -12.72 -29.33 -1.25
CA GLU B 5 -12.92 -28.81 -2.59
C GLU B 5 -13.50 -29.83 -3.54
N LEU B 6 -13.38 -29.53 -4.86
CA LEU B 6 -13.73 -30.55 -5.83
C LEU B 6 -12.67 -31.60 -5.57
N LEU B 7 -12.75 -32.65 -6.37
CA LEU B 7 -12.45 -34.05 -6.21
C LEU B 7 -10.96 -34.20 -6.45
N GLY B 8 -10.21 -34.33 -5.35
CA GLY B 8 -8.82 -34.70 -5.43
C GLY B 8 -8.40 -35.87 -4.57
N GLY B 9 -7.95 -35.59 -3.35
CA GLY B 9 -7.52 -36.66 -2.47
C GLY B 9 -6.75 -36.22 -1.23
N PRO B 10 -6.28 -37.20 -0.44
CA PRO B 10 -5.55 -36.99 0.81
C PRO B 10 -4.23 -36.21 0.65
N SER B 11 -3.87 -35.49 1.71
CA SER B 11 -2.67 -34.65 1.79
C SER B 11 -1.71 -35.07 2.90
N VAL B 12 -0.42 -34.76 2.73
CA VAL B 12 0.59 -35.22 3.67
C VAL B 12 1.40 -34.11 4.33
N PHE B 13 1.53 -34.24 5.65
CA PHE B 13 2.36 -33.39 6.50
C PHE B 13 3.36 -34.13 7.36
N LEU B 14 4.59 -33.63 7.38
CA LEU B 14 5.70 -34.30 8.05
C LEU B 14 6.25 -33.44 9.17
N PHE B 15 6.14 -33.96 10.39
CA PHE B 15 6.43 -33.21 11.61
C PHE B 15 7.66 -33.63 12.39
N PRO B 16 8.39 -32.64 12.90
CA PRO B 16 9.62 -32.86 13.66
C PRO B 16 9.20 -33.33 15.06
N PRO B 17 10.14 -33.85 15.84
CA PRO B 17 9.90 -34.18 17.24
C PRO B 17 9.70 -32.96 18.13
N LYS B 18 9.10 -33.18 19.30
CA LYS B 18 9.03 -32.11 20.27
C LYS B 18 10.44 -31.92 20.79
N PRO B 19 10.85 -30.67 20.99
CA PRO B 19 12.21 -30.37 21.41
C PRO B 19 12.62 -31.08 22.69
N LYS B 20 11.78 -31.04 23.71
CA LYS B 20 12.12 -31.69 24.97
C LYS B 20 12.39 -33.17 24.80
N ASP B 21 11.73 -33.80 23.85
CA ASP B 21 11.99 -35.20 23.61
C ASP B 21 13.39 -35.24 23.05
N THR B 22 13.71 -34.26 22.20
CA THR B 22 15.05 -34.22 21.66
C THR B 22 15.97 -33.79 22.78
N LEU B 23 15.37 -33.20 23.81
CA LEU B 23 16.16 -32.52 24.82
C LEU B 23 16.29 -33.29 26.11
N MET B 24 15.25 -34.05 26.45
CA MET B 24 15.26 -34.81 27.68
C MET B 24 15.43 -36.30 27.52
N ILE B 25 16.42 -36.87 28.18
CA ILE B 25 16.76 -38.26 27.97
C ILE B 25 15.66 -39.13 28.56
N SER B 26 14.91 -38.54 29.48
CA SER B 26 13.75 -39.21 30.02
C SER B 26 12.63 -39.01 29.02
N ARG B 27 13.04 -38.71 27.77
CA ARG B 27 12.06 -38.58 26.72
C ARG B 27 12.49 -39.24 25.42
N THR B 28 11.47 -39.43 24.59
CA THR B 28 11.57 -40.18 23.35
C THR B 28 11.17 -39.25 22.23
N PRO B 29 12.15 -38.76 21.47
CA PRO B 29 11.82 -37.87 20.34
C PRO B 29 11.25 -38.65 19.17
N GLU B 30 10.28 -38.05 18.49
CA GLU B 30 9.62 -38.70 17.37
C GLU B 30 9.42 -37.83 16.15
N VAL B 31 9.62 -38.43 14.97
CA VAL B 31 9.10 -37.85 13.75
C VAL B 31 7.73 -38.40 13.44
N THR B 32 6.86 -37.55 12.92
CA THR B 32 5.47 -37.93 12.74
C THR B 32 5.04 -37.65 11.31
N CYS B 33 4.66 -38.70 10.60
CA CYS B 33 4.20 -38.57 9.23
C CYS B 33 2.70 -38.65 9.34
N VAL B 34 2.01 -37.57 9.04
CA VAL B 34 0.57 -37.53 9.19
C VAL B 34 -0.19 -37.47 7.87
N VAL B 35 -1.14 -38.41 7.71
CA VAL B 35 -1.95 -38.51 6.51
C VAL B 35 -3.42 -38.24 6.80
N VAL B 36 -3.97 -37.25 6.11
CA VAL B 36 -5.36 -36.82 6.24
C VAL B 36 -6.14 -37.01 4.96
N ASP B 37 -7.45 -36.78 5.02
CA ASP B 37 -8.32 -36.88 3.84
C ASP B 37 -8.32 -38.29 3.23
N VAL B 38 -8.33 -39.29 4.11
CA VAL B 38 -8.58 -40.68 3.75
C VAL B 38 -10.06 -41.04 3.65
N SER B 39 -10.45 -41.58 2.50
CA SER B 39 -11.84 -41.97 2.29
C SER B 39 -12.07 -43.29 2.99
N HIS B 40 -13.33 -43.58 3.28
CA HIS B 40 -13.69 -44.88 3.86
C HIS B 40 -13.48 -45.93 2.78
N GLU B 41 -13.62 -45.49 1.55
CA GLU B 41 -13.49 -46.30 0.36
C GLU B 41 -12.06 -46.74 0.07
N ASP B 42 -11.10 -45.86 0.33
CA ASP B 42 -9.72 -46.23 0.08
C ASP B 42 -8.77 -45.91 1.23
N PRO B 43 -8.81 -46.76 2.27
CA PRO B 43 -8.20 -46.72 3.61
C PRO B 43 -6.82 -47.40 3.70
N GLU B 44 -6.38 -48.04 2.62
CA GLU B 44 -5.09 -48.73 2.64
C GLU B 44 -3.93 -47.75 2.48
N VAL B 45 -3.00 -47.76 3.44
CA VAL B 45 -1.86 -46.86 3.38
C VAL B 45 -0.54 -47.63 3.38
N LYS B 46 0.33 -47.31 2.44
CA LYS B 46 1.65 -47.94 2.40
C LYS B 46 2.72 -46.97 2.88
N PHE B 47 3.55 -47.40 3.82
CA PHE B 47 4.68 -46.59 4.25
C PHE B 47 6.04 -47.10 3.80
N ASN B 48 6.83 -46.24 3.18
CA ASN B 48 8.25 -46.53 3.06
C ASN B 48 9.01 -45.47 3.83
N TRP B 49 10.08 -45.89 4.52
CA TRP B 49 10.85 -44.98 5.36
C TRP B 49 12.34 -44.85 5.08
N TYR B 50 12.70 -44.33 3.93
CA TYR B 50 14.11 -44.13 3.63
C TYR B 50 14.63 -43.13 4.66
N VAL B 51 15.61 -43.59 5.43
CA VAL B 51 16.37 -42.79 6.37
C VAL B 51 17.70 -42.47 5.75
N ASP B 52 17.92 -41.21 5.38
CA ASP B 52 19.14 -40.89 4.66
C ASP B 52 19.16 -41.70 3.37
N GLY B 53 18.04 -42.35 3.06
CA GLY B 53 17.92 -43.14 1.86
C GLY B 53 17.72 -44.56 2.32
N VAL B 54 18.01 -44.79 3.60
CA VAL B 54 17.87 -46.12 4.17
C VAL B 54 16.47 -46.45 4.68
N GLU B 55 15.75 -47.25 3.90
CA GLU B 55 14.46 -47.79 4.32
C GLU B 55 14.58 -48.32 5.75
N VAL B 56 13.67 -47.95 6.63
CA VAL B 56 13.66 -48.59 7.93
C VAL B 56 12.33 -49.32 8.08
N HIS B 57 12.25 -50.22 9.07
CA HIS B 57 11.01 -50.90 9.38
C HIS B 57 10.55 -50.64 10.82
N ASN B 58 11.47 -50.16 11.64
CA ASN B 58 11.24 -49.81 13.03
C ASN B 58 10.31 -48.62 13.19
N ALA B 59 9.68 -48.17 12.10
CA ALA B 59 8.55 -47.28 12.28
C ALA B 59 7.36 -47.92 12.98
N LYS B 60 6.73 -47.05 13.77
CA LYS B 60 5.53 -47.29 14.57
C LYS B 60 4.27 -46.64 14.03
N THR B 61 3.38 -47.44 13.44
CA THR B 61 2.14 -46.92 12.86
C THR B 61 1.01 -46.84 13.89
N LYS B 62 0.49 -45.63 14.07
CA LYS B 62 -0.59 -45.38 15.03
C LYS B 62 -1.96 -45.72 14.48
N PRO B 63 -2.94 -45.98 15.36
CA PRO B 63 -4.29 -46.28 14.87
C PRO B 63 -5.02 -45.13 14.17
N ARG B 64 -5.75 -45.49 13.10
CA ARG B 64 -6.52 -44.50 12.36
C ARG B 64 -7.59 -43.87 13.25
N GLU B 65 -7.88 -42.55 13.11
CA GLU B 65 -8.93 -41.99 13.96
C GLU B 65 -9.93 -41.33 13.02
N GLU B 66 -11.23 -41.61 13.17
CA GLU B 66 -12.20 -41.01 12.26
C GLU B 66 -12.44 -39.52 12.49
N GLN B 67 -12.39 -38.72 11.42
CA GLN B 67 -12.70 -37.31 11.53
C GLN B 67 -14.17 -37.14 11.18
N TYR B 68 -14.76 -35.99 11.50
CA TYR B 68 -16.16 -35.78 11.20
C TYR B 68 -16.38 -35.89 9.68
N ASN B 69 -15.43 -35.36 8.92
CA ASN B 69 -15.56 -35.30 7.47
C ASN B 69 -15.24 -36.64 6.82
N SER B 70 -15.04 -37.65 7.67
CA SER B 70 -14.84 -39.02 7.22
C SER B 70 -13.49 -39.24 6.59
N THR B 71 -12.56 -38.35 6.88
CA THR B 71 -11.17 -38.62 6.61
C THR B 71 -10.55 -39.15 7.87
N TYR B 72 -9.46 -39.89 7.74
CA TYR B 72 -8.75 -40.38 8.89
C TYR B 72 -7.36 -39.76 8.94
N ARG B 73 -7.01 -39.17 10.07
CA ARG B 73 -5.64 -38.75 10.30
C ARG B 73 -4.79 -40.00 10.49
N VAL B 74 -3.95 -40.31 9.50
CA VAL B 74 -3.07 -41.45 9.67
C VAL B 74 -1.70 -40.98 10.11
N VAL B 75 -1.15 -41.65 11.12
CA VAL B 75 0.09 -41.22 11.74
C VAL B 75 1.15 -42.30 11.65
N SER B 76 2.36 -41.93 11.26
CA SER B 76 3.47 -42.87 11.41
C SER B 76 4.50 -42.25 12.31
N VAL B 77 4.92 -42.99 13.34
CA VAL B 77 5.88 -42.47 14.28
C VAL B 77 7.18 -43.23 14.17
N LEU B 78 8.24 -42.53 13.81
CA LEU B 78 9.55 -43.15 13.77
C LEU B 78 10.34 -42.75 14.99
N THR B 79 10.66 -43.72 15.84
CA THR B 79 11.57 -43.46 16.94
C THR B 79 12.97 -43.06 16.48
N VAL B 80 13.51 -42.03 17.12
CA VAL B 80 14.78 -41.47 16.69
C VAL B 80 15.81 -41.48 17.81
N LEU B 81 17.07 -41.73 17.49
CA LEU B 81 18.09 -41.64 18.52
C LEU B 81 18.41 -40.14 18.57
N HIS B 82 18.39 -39.57 19.77
CA HIS B 82 18.61 -38.13 19.97
C HIS B 82 19.72 -37.52 19.11
N GLN B 83 20.89 -38.13 19.14
CA GLN B 83 22.10 -37.62 18.50
C GLN B 83 22.07 -37.70 16.97
N ASP B 84 21.32 -38.66 16.44
CA ASP B 84 21.09 -38.74 14.98
C ASP B 84 20.50 -37.45 14.42
N TRP B 85 19.47 -36.94 15.07
CA TRP B 85 18.81 -35.71 14.62
C TRP B 85 19.74 -34.52 14.69
N LEU B 86 20.45 -34.40 15.78
CA LEU B 86 21.31 -33.25 16.02
C LEU B 86 22.48 -33.22 15.06
N ASN B 87 22.99 -34.39 14.67
CA ASN B 87 24.01 -34.41 13.63
C ASN B 87 23.45 -34.03 12.25
N GLY B 88 22.13 -33.83 12.17
CA GLY B 88 21.55 -33.30 10.95
C GLY B 88 21.28 -34.33 9.87
N LYS B 89 21.11 -35.58 10.27
CA LYS B 89 20.71 -36.63 9.33
C LYS B 89 19.35 -36.32 8.71
N GLU B 90 19.17 -36.71 7.45
CA GLU B 90 17.91 -36.44 6.77
C GLU B 90 16.98 -37.62 6.94
N TYR B 91 15.73 -37.31 7.25
CA TYR B 91 14.68 -38.32 7.41
C TYR B 91 13.58 -38.22 6.36
N LYS B 92 13.33 -39.30 5.63
CA LYS B 92 12.38 -39.28 4.52
C LYS B 92 11.20 -40.21 4.77
N CYS B 93 9.99 -39.67 4.64
CA CYS B 93 8.78 -40.45 4.74
C CYS B 93 8.12 -40.58 3.38
N LYS B 94 7.91 -41.80 2.94
CA LYS B 94 7.28 -42.06 1.66
C LYS B 94 5.91 -42.71 1.80
N VAL B 95 4.93 -42.20 1.08
CA VAL B 95 3.56 -42.67 1.26
C VAL B 95 3.01 -43.23 -0.05
N SER B 96 2.62 -44.50 -0.01
CA SER B 96 2.03 -45.18 -1.15
C SER B 96 0.55 -45.55 -0.94
N ASN B 97 -0.28 -45.28 -1.93
CA ASN B 97 -1.70 -45.61 -1.87
C ASN B 97 -2.34 -45.74 -3.22
N LYS B 98 -3.25 -46.71 -3.33
CA LYS B 98 -3.88 -47.01 -4.60
C LYS B 98 -4.60 -45.82 -5.18
N ALA B 99 -5.01 -44.86 -4.34
CA ALA B 99 -5.73 -43.75 -4.90
C ALA B 99 -4.73 -42.72 -5.36
N LEU B 100 -3.46 -42.99 -5.09
CA LEU B 100 -2.42 -42.07 -5.50
C LEU B 100 -1.76 -42.59 -6.74
N PRO B 101 -1.80 -41.80 -7.82
CA PRO B 101 -1.07 -42.16 -9.04
C PRO B 101 0.38 -42.48 -8.71
N ALA B 102 1.01 -41.54 -8.00
CA ALA B 102 2.38 -41.66 -7.54
C ALA B 102 2.54 -41.44 -6.04
N PRO B 103 3.51 -42.12 -5.43
CA PRO B 103 3.90 -41.98 -4.01
C PRO B 103 4.22 -40.54 -3.65
N ILE B 104 4.12 -40.20 -2.36
CA ILE B 104 4.37 -38.85 -1.89
C ILE B 104 5.68 -38.80 -1.11
N GLU B 105 6.55 -37.84 -1.41
CA GLU B 105 7.80 -37.79 -0.67
C GLU B 105 7.94 -36.52 0.14
N LYS B 106 8.31 -36.68 1.41
CA LYS B 106 8.60 -35.55 2.26
C LYS B 106 9.96 -35.73 2.90
N THR B 107 10.74 -34.66 2.99
CA THR B 107 12.01 -34.73 3.69
C THR B 107 12.04 -33.65 4.77
N ILE B 108 12.67 -33.94 5.90
CA ILE B 108 12.96 -32.88 6.85
C ILE B 108 14.32 -33.10 7.49
N SER B 109 14.76 -32.10 8.24
CA SER B 109 16.03 -32.16 8.94
C SER B 109 16.26 -30.82 9.63
N LYS B 110 17.14 -30.84 10.62
CA LYS B 110 17.44 -29.64 11.38
C LYS B 110 17.87 -28.52 10.43
N ALA B 111 17.51 -27.29 10.79
CA ALA B 111 17.95 -26.13 10.04
C ALA B 111 19.47 -26.16 9.97
N LYS B 112 20.04 -25.74 8.86
CA LYS B 112 21.48 -25.85 8.73
C LYS B 112 22.14 -24.57 9.18
N GLY B 113 23.40 -24.67 9.57
CA GLY B 113 24.15 -23.52 10.03
C GLY B 113 24.71 -23.74 11.41
N GLN B 114 25.78 -23.01 11.72
CA GLN B 114 26.50 -23.22 12.97
C GLN B 114 25.69 -22.90 14.21
N PRO B 115 25.45 -23.93 15.04
CA PRO B 115 24.70 -23.73 16.28
C PRO B 115 25.44 -22.68 17.09
N ARG B 116 24.69 -21.73 17.64
CA ARG B 116 25.25 -20.68 18.47
C ARG B 116 24.53 -20.57 19.79
N GLU B 117 25.31 -20.42 20.86
CA GLU B 117 24.77 -20.47 22.19
C GLU B 117 24.03 -19.19 22.48
N PRO B 118 22.83 -19.32 23.04
CA PRO B 118 22.11 -18.10 23.40
C PRO B 118 22.86 -17.44 24.53
N GLN B 119 22.89 -16.12 24.56
CA GLN B 119 23.28 -15.46 25.79
C GLN B 119 22.01 -15.15 26.58
N VAL B 120 22.08 -15.35 27.89
CA VAL B 120 20.95 -15.14 28.79
C VAL B 120 21.13 -14.15 29.94
N TYR B 121 20.21 -13.20 30.00
CA TYR B 121 20.20 -12.15 31.02
C TYR B 121 18.78 -12.12 31.58
N THR B 122 18.66 -12.13 32.90
CA THR B 122 17.35 -12.05 33.53
C THR B 122 17.06 -10.64 33.98
N LEU B 123 15.82 -10.22 33.79
CA LEU B 123 15.43 -8.86 34.11
C LEU B 123 14.21 -8.76 35.01
N PRO B 124 14.35 -8.01 36.10
CA PRO B 124 13.30 -7.74 37.09
C PRO B 124 12.22 -6.86 36.51
N PRO B 125 11.08 -6.76 37.21
CA PRO B 125 10.00 -5.84 36.84
C PRO B 125 10.50 -4.42 36.76
N SER B 126 9.90 -3.60 35.89
CA SER B 126 10.14 -2.17 35.93
C SER B 126 9.65 -1.56 37.24
N ARG B 127 10.42 -0.60 37.74
CA ARG B 127 10.01 0.22 38.85
C ARG B 127 8.59 0.77 38.72
N ASP B 128 8.25 1.21 37.51
CA ASP B 128 6.92 1.78 37.25
C ASP B 128 5.78 0.80 37.47
N GLU B 129 6.07 -0.49 37.38
CA GLU B 129 5.05 -1.50 37.56
C GLU B 129 4.81 -1.73 39.04
N LEU B 130 5.81 -1.41 39.84
CA LEU B 130 5.73 -1.65 41.27
C LEU B 130 4.57 -0.97 41.97
N THR B 131 3.75 -0.26 41.21
CA THR B 131 2.64 0.48 41.79
C THR B 131 1.41 -0.38 41.64
N LYS B 132 1.54 -1.41 40.81
CA LYS B 132 0.42 -2.28 40.46
C LYS B 132 0.31 -3.54 41.31
N ASN B 133 -0.84 -4.19 41.18
CA ASN B 133 -1.09 -5.47 41.83
C ASN B 133 -0.27 -6.60 41.22
N GLN B 134 0.01 -6.49 39.92
CA GLN B 134 0.84 -7.48 39.26
C GLN B 134 2.10 -6.90 38.64
N VAL B 135 3.13 -7.72 38.60
CA VAL B 135 4.40 -7.31 38.02
C VAL B 135 4.86 -8.33 36.97
N SER B 136 5.75 -7.89 36.09
CA SER B 136 6.16 -8.72 34.96
C SER B 136 7.58 -9.21 35.12
N LEU B 137 7.82 -10.51 34.95
CA LEU B 137 9.19 -11.02 34.98
C LEU B 137 9.67 -11.53 33.63
N THR B 138 10.84 -11.07 33.22
CA THR B 138 11.31 -11.29 31.85
C THR B 138 12.58 -12.14 31.81
N CYS B 139 12.61 -13.10 30.89
CA CYS B 139 13.82 -13.86 30.63
C CYS B 139 14.18 -13.63 29.17
N LEU B 140 15.35 -13.05 28.93
CA LEU B 140 15.80 -12.80 27.56
C LEU B 140 16.79 -13.84 27.05
N VAL B 141 16.47 -14.44 25.91
CA VAL B 141 17.35 -15.41 25.28
C VAL B 141 17.75 -15.01 23.87
N LYS B 142 19.04 -14.82 23.64
CA LYS B 142 19.51 -14.32 22.36
C LYS B 142 20.81 -15.01 22.00
N GLY B 143 21.16 -14.99 20.72
CA GLY B 143 22.42 -15.55 20.25
C GLY B 143 22.30 -17.03 19.95
N PHE B 144 21.09 -17.56 20.01
CA PHE B 144 20.84 -19.00 19.92
C PHE B 144 20.51 -19.43 18.49
N TYR B 145 20.80 -20.68 18.17
CA TYR B 145 20.45 -21.26 16.87
C TYR B 145 20.50 -22.79 16.97
N PRO B 146 19.60 -23.50 16.28
CA PRO B 146 18.36 -23.16 15.55
C PRO B 146 17.24 -22.63 16.43
N SER B 147 16.09 -22.36 15.83
CA SER B 147 15.04 -21.69 16.58
C SER B 147 14.31 -22.66 17.52
N ASP B 148 14.49 -23.95 17.31
CA ASP B 148 13.96 -24.96 18.21
C ASP B 148 14.49 -24.76 19.63
N ILE B 149 13.61 -24.65 20.62
CA ILE B 149 14.06 -24.35 21.97
C ILE B 149 12.96 -24.56 22.99
N ALA B 150 13.34 -24.77 24.25
CA ALA B 150 12.39 -24.80 25.34
C ALA B 150 12.79 -23.97 26.56
N VAL B 151 11.83 -23.22 27.09
CA VAL B 151 12.04 -22.34 28.23
C VAL B 151 10.97 -22.52 29.31
N GLU B 152 11.39 -22.63 30.56
CA GLU B 152 10.45 -22.72 31.67
C GLU B 152 10.89 -21.82 32.83
N TRP B 153 9.94 -21.49 33.70
CA TRP B 153 10.20 -20.75 34.93
C TRP B 153 9.96 -21.57 36.16
N GLU B 154 10.84 -21.42 37.14
CA GLU B 154 10.72 -22.20 38.36
C GLU B 154 10.96 -21.28 39.54
N SER B 155 10.51 -21.71 40.72
CA SER B 155 10.81 -21.03 41.97
C SER B 155 10.84 -21.96 43.17
N ASN B 156 11.80 -21.74 44.07
CA ASN B 156 11.97 -22.59 45.25
C ASN B 156 11.77 -24.03 44.87
N GLY B 157 12.46 -24.41 43.80
CA GLY B 157 12.51 -25.79 43.36
C GLY B 157 11.19 -26.15 42.73
N GLN B 158 10.32 -25.16 42.49
CA GLN B 158 9.10 -25.49 41.79
C GLN B 158 8.86 -24.58 40.61
N PRO B 159 8.33 -25.15 39.52
CA PRO B 159 7.91 -24.44 38.30
C PRO B 159 6.86 -23.38 38.54
N GLU B 160 6.97 -22.22 37.91
CA GLU B 160 5.86 -21.27 38.00
C GLU B 160 4.74 -21.56 37.00
N ASN B 161 3.54 -21.17 37.39
CA ASN B 161 2.28 -21.61 36.79
C ASN B 161 1.80 -20.55 35.82
N ASN B 162 2.60 -19.50 35.66
CA ASN B 162 2.15 -18.29 34.98
C ASN B 162 3.25 -17.46 34.33
N TYR B 163 3.75 -17.98 33.22
CA TYR B 163 4.70 -17.27 32.40
C TYR B 163 4.27 -17.45 30.96
N LYS B 164 4.65 -16.49 30.11
CA LYS B 164 4.40 -16.64 28.69
C LYS B 164 5.68 -16.34 27.95
N THR B 165 5.85 -17.03 26.82
CA THR B 165 7.04 -16.88 26.02
C THR B 165 6.70 -16.49 24.60
N THR B 166 7.46 -15.54 24.07
CA THR B 166 7.25 -15.09 22.71
C THR B 166 7.76 -16.14 21.72
N PRO B 167 7.24 -16.10 20.49
CA PRO B 167 7.76 -16.88 19.36
C PRO B 167 9.19 -16.46 19.07
N PRO B 168 9.97 -17.32 18.41
CA PRO B 168 11.30 -16.89 17.97
C PRO B 168 11.24 -15.67 17.04
N VAL B 169 12.18 -14.75 17.21
CA VAL B 169 12.32 -13.62 16.30
C VAL B 169 13.69 -13.55 15.64
N LEU B 170 13.70 -13.24 14.35
CA LEU B 170 14.94 -13.10 13.59
C LEU B 170 15.69 -11.86 14.04
N ASP B 171 16.88 -12.01 14.63
CA ASP B 171 17.71 -10.84 14.93
C ASP B 171 18.40 -10.32 13.67
N SER B 172 19.05 -9.17 13.81
CA SER B 172 19.70 -8.52 12.68
C SER B 172 20.96 -9.26 12.26
N ASP B 173 21.54 -9.97 13.22
CA ASP B 173 22.76 -10.74 12.97
C ASP B 173 22.49 -12.15 12.47
N GLY B 174 21.25 -12.40 12.02
CA GLY B 174 20.93 -13.71 11.50
C GLY B 174 20.50 -14.65 12.61
N SER B 175 20.72 -14.25 13.86
CA SER B 175 20.35 -15.07 15.00
C SER B 175 18.95 -14.76 15.49
N PHE B 176 18.48 -15.53 16.46
CA PHE B 176 17.15 -15.29 16.97
C PHE B 176 17.28 -14.77 18.38
N PHE B 177 16.27 -14.03 18.83
CA PHE B 177 16.09 -13.76 20.24
C PHE B 177 14.62 -13.95 20.59
N LEU B 178 14.32 -14.09 21.88
CA LEU B 178 12.95 -14.02 22.37
C LEU B 178 12.88 -13.51 23.79
N TYR B 179 11.67 -13.21 24.23
CA TYR B 179 11.44 -12.90 25.63
C TYR B 179 10.41 -13.89 26.15
N SER B 180 10.57 -14.32 27.39
CA SER B 180 9.54 -15.10 28.05
C SER B 180 9.07 -14.33 29.27
N LYS B 181 7.76 -14.14 29.41
CA LYS B 181 7.26 -13.37 30.54
C LYS B 181 6.58 -14.23 31.57
N LEU B 182 7.15 -14.24 32.77
CA LEU B 182 6.55 -14.89 33.91
C LEU B 182 5.90 -13.82 34.76
N THR B 183 4.64 -14.03 35.14
CA THR B 183 3.90 -13.07 35.93
C THR B 183 3.65 -13.53 37.36
N VAL B 184 4.02 -12.70 38.33
CA VAL B 184 3.79 -13.05 39.73
C VAL B 184 3.29 -11.85 40.54
N ASP B 185 2.43 -12.13 41.50
CA ASP B 185 1.99 -11.19 42.51
C ASP B 185 3.12 -10.39 43.17
N LYS B 186 2.87 -9.09 43.34
CA LYS B 186 3.81 -8.18 44.00
C LYS B 186 4.28 -8.66 45.38
N SER B 187 3.35 -9.17 46.16
CA SER B 187 3.64 -9.62 47.52
C SER B 187 4.77 -10.64 47.52
N ARG B 188 4.67 -11.55 46.57
CA ARG B 188 5.62 -12.64 46.42
C ARG B 188 6.99 -12.03 46.12
N TRP B 189 6.97 -11.02 45.27
CA TRP B 189 8.18 -10.29 44.88
C TRP B 189 8.95 -9.59 46.01
N GLN B 190 8.26 -8.79 46.82
CA GLN B 190 8.98 -7.93 47.76
C GLN B 190 9.56 -8.63 48.98
N GLN B 191 9.11 -9.84 49.30
CA GLN B 191 9.74 -10.55 50.40
C GLN B 191 11.06 -11.18 49.93
N GLY B 192 11.35 -11.04 48.64
CA GLY B 192 12.63 -11.45 48.12
C GLY B 192 12.87 -12.91 47.80
N ASN B 193 11.81 -13.66 47.50
CA ASN B 193 11.97 -14.99 46.94
C ASN B 193 12.76 -14.95 45.64
N VAL B 194 13.55 -16.00 45.41
CA VAL B 194 14.37 -16.14 44.20
C VAL B 194 13.78 -17.01 43.11
N PHE B 195 13.74 -16.45 41.91
CA PHE B 195 13.19 -17.13 40.75
C PHE B 195 14.24 -17.36 39.71
N SER B 196 14.09 -18.47 39.00
CA SER B 196 15.06 -18.89 38.01
C SER B 196 14.36 -19.22 36.71
N CYS B 197 14.97 -18.77 35.63
CA CYS B 197 14.53 -19.09 34.29
C CYS B 197 15.44 -20.21 33.84
N SER B 198 14.85 -21.32 33.42
CA SER B 198 15.63 -22.48 33.04
C SER B 198 15.52 -22.74 31.55
N VAL B 199 16.66 -23.04 30.96
CA VAL B 199 16.78 -23.20 29.52
C VAL B 199 17.52 -24.45 29.09
N MET B 200 17.00 -25.13 28.08
CA MET B 200 17.65 -26.33 27.59
C MET B 200 17.90 -26.20 26.09
N HIS B 201 19.15 -26.38 25.69
CA HIS B 201 19.55 -26.20 24.31
C HIS B 201 20.78 -27.03 23.96
N GLU B 202 20.83 -27.54 22.73
CA GLU B 202 22.01 -28.21 22.19
C GLU B 202 23.32 -27.60 22.66
N ALA B 203 23.39 -26.28 22.64
CA ALA B 203 24.65 -25.56 22.70
C ALA B 203 24.95 -25.13 24.13
N LEU B 204 24.19 -25.66 25.07
CA LEU B 204 24.45 -25.43 26.49
C LEU B 204 25.18 -26.61 27.09
N HIS B 205 25.99 -26.35 28.11
CA HIS B 205 26.62 -27.45 28.83
C HIS B 205 25.49 -28.25 29.43
N ASN B 206 25.50 -29.57 29.24
CA ASN B 206 24.37 -30.36 29.67
C ASN B 206 23.09 -29.91 28.97
N HIS B 207 23.24 -29.19 27.85
CA HIS B 207 22.08 -28.65 27.14
C HIS B 207 21.22 -27.78 28.04
N TYR B 208 21.84 -27.17 29.05
CA TYR B 208 21.09 -26.51 30.09
C TYR B 208 21.84 -25.38 30.74
N THR B 209 21.07 -24.34 31.02
CA THR B 209 21.48 -23.27 31.89
C THR B 209 20.22 -22.68 32.46
N GLN B 210 20.36 -22.05 33.62
CA GLN B 210 19.25 -21.34 34.23
C GLN B 210 19.76 -20.08 34.86
N LYS B 211 18.92 -19.05 34.93
CA LYS B 211 19.35 -17.85 35.61
C LYS B 211 18.33 -17.42 36.63
N SER B 212 18.86 -16.89 37.72
CA SER B 212 18.06 -16.47 38.85
C SER B 212 17.97 -14.97 38.94
N LEU B 213 17.09 -14.50 39.81
CA LEU B 213 16.75 -13.10 39.90
C LEU B 213 16.21 -12.88 41.30
N SER B 214 16.86 -11.99 42.04
CA SER B 214 16.44 -11.67 43.40
C SER B 214 16.70 -10.21 43.74
N LEU B 215 15.70 -9.50 44.24
CA LEU B 215 15.90 -8.10 44.62
C LEU B 215 15.30 -7.75 45.98
N SER B 216 16.14 -7.24 46.88
CA SER B 216 15.70 -6.87 48.22
C SER B 216 16.78 -6.07 48.96
N PRO B 217 16.35 -5.14 49.79
CA PRO B 217 17.29 -4.31 50.56
C PRO B 217 18.56 -5.06 50.91
N GLY B 218 19.61 -4.89 50.11
CA GLY B 218 20.87 -5.56 50.35
C GLY B 218 21.51 -5.15 51.66
N PRO C 4 -6.95 41.07 0.36
CA PRO C 4 -6.27 42.18 1.04
C PRO C 4 -5.30 41.76 2.17
N GLU C 5 -4.02 41.96 1.89
CA GLU C 5 -2.94 41.42 2.70
C GLU C 5 -2.92 41.96 4.12
N LEU C 6 -2.52 41.06 5.02
CA LEU C 6 -2.57 41.26 6.45
C LEU C 6 -1.34 40.55 6.98
N LEU C 7 -1.15 40.57 8.28
CA LEU C 7 0.00 39.92 8.85
C LEU C 7 0.15 38.50 9.31
N GLY C 8 -0.47 38.22 10.45
CA GLY C 8 -0.86 36.88 10.84
C GLY C 8 -2.19 36.99 11.55
N GLY C 9 -3.12 36.11 11.24
CA GLY C 9 -4.29 35.94 12.07
C GLY C 9 -5.18 34.80 11.61
N PRO C 10 -6.31 34.61 12.30
CA PRO C 10 -7.23 33.53 11.92
C PRO C 10 -7.65 33.80 10.49
N SER C 11 -7.95 32.74 9.74
CA SER C 11 -8.33 32.94 8.36
C SER C 11 -9.74 32.47 8.03
N VAL C 12 -10.31 33.11 7.01
CA VAL C 12 -11.68 32.87 6.62
C VAL C 12 -11.77 32.44 5.17
N PHE C 13 -12.55 31.39 4.95
CA PHE C 13 -12.86 30.96 3.60
C PHE C 13 -14.34 30.91 3.44
N LEU C 14 -14.81 31.47 2.33
CA LEU C 14 -16.22 31.62 2.09
C LEU C 14 -16.58 30.84 0.85
N PHE C 15 -17.43 29.84 1.06
CA PHE C 15 -17.71 28.88 0.02
C PHE C 15 -19.12 28.97 -0.54
N PRO C 16 -19.23 28.81 -1.85
CA PRO C 16 -20.50 28.91 -2.55
C PRO C 16 -21.29 27.63 -2.31
N PRO C 17 -22.58 27.63 -2.64
CA PRO C 17 -23.41 26.43 -2.61
C PRO C 17 -23.09 25.39 -3.67
N LYS C 18 -23.53 24.15 -3.42
CA LYS C 18 -23.48 23.08 -4.40
C LYS C 18 -24.48 23.34 -5.50
N PRO C 19 -24.08 23.07 -6.75
CA PRO C 19 -24.96 23.35 -7.89
C PRO C 19 -26.33 22.70 -7.78
N LYS C 20 -26.34 21.41 -7.45
CA LYS C 20 -27.58 20.66 -7.32
C LYS C 20 -28.44 21.33 -6.24
N ASP C 21 -27.78 21.93 -5.27
CA ASP C 21 -28.49 22.63 -4.21
C ASP C 21 -29.13 23.84 -4.87
N THR C 22 -28.40 24.47 -5.79
CA THR C 22 -28.92 25.61 -6.52
C THR C 22 -29.99 25.20 -7.51
N LEU C 23 -30.05 23.91 -7.86
CA LEU C 23 -30.87 23.48 -8.99
C LEU C 23 -32.20 22.83 -8.66
N MET C 24 -32.27 22.11 -7.54
CA MET C 24 -33.53 21.46 -7.23
C MET C 24 -34.22 22.18 -6.08
N ILE C 25 -35.47 22.57 -6.32
CA ILE C 25 -36.17 23.42 -5.38
C ILE C 25 -36.48 22.57 -4.17
N SER C 26 -36.48 21.26 -4.40
CA SER C 26 -36.62 20.28 -3.33
C SER C 26 -35.29 20.06 -2.63
N ARG C 27 -34.40 21.04 -2.78
CA ARG C 27 -33.12 21.00 -2.10
C ARG C 27 -32.79 22.37 -1.53
N THR C 28 -31.83 22.38 -0.61
CA THR C 28 -31.50 23.56 0.15
C THR C 28 -30.05 23.94 -0.08
N PRO C 29 -29.85 25.00 -0.88
CA PRO C 29 -28.55 25.58 -1.23
C PRO C 29 -28.01 26.37 -0.05
N GLU C 30 -26.69 26.32 0.16
CA GLU C 30 -26.09 27.01 1.28
C GLU C 30 -24.86 27.78 0.85
N VAL C 31 -24.68 28.98 1.38
CA VAL C 31 -23.39 29.66 1.36
C VAL C 31 -22.59 29.40 2.62
N THR C 32 -21.28 29.23 2.48
CA THR C 32 -20.46 28.81 3.60
C THR C 32 -19.26 29.69 3.90
N CYS C 33 -19.27 30.27 5.09
CA CYS C 33 -18.21 31.13 5.58
C CYS C 33 -17.40 30.28 6.55
N VAL C 34 -16.15 29.99 6.22
CA VAL C 34 -15.34 29.11 7.06
C VAL C 34 -14.22 29.84 7.77
N VAL C 35 -14.17 29.65 9.08
CA VAL C 35 -13.19 30.30 9.95
C VAL C 35 -12.21 29.36 10.62
N VAL C 36 -10.91 29.60 10.39
CA VAL C 36 -9.84 28.80 10.95
C VAL C 36 -8.96 29.67 11.85
N ASP C 37 -8.04 29.03 12.56
CA ASP C 37 -7.09 29.73 13.44
C ASP C 37 -7.79 30.51 14.56
N VAL C 38 -8.85 29.93 15.12
CA VAL C 38 -9.44 30.41 16.37
C VAL C 38 -8.71 29.86 17.59
N SER C 39 -8.23 30.74 18.46
CA SER C 39 -7.53 30.30 19.65
C SER C 39 -8.47 29.80 20.74
N HIS C 40 -7.94 29.00 21.65
CA HIS C 40 -8.74 28.58 22.80
C HIS C 40 -8.91 29.81 23.66
N GLU C 41 -7.92 30.70 23.56
CA GLU C 41 -7.93 31.94 24.32
C GLU C 41 -9.00 32.88 23.81
N ASP C 42 -9.17 32.91 22.49
CA ASP C 42 -10.20 33.74 21.92
C ASP C 42 -11.02 33.02 20.87
N PRO C 43 -11.94 32.18 21.35
CA PRO C 43 -12.75 31.23 20.59
C PRO C 43 -14.05 31.90 20.21
N GLU C 44 -14.24 33.11 20.71
CA GLU C 44 -15.46 33.83 20.43
C GLU C 44 -15.41 34.42 19.04
N VAL C 45 -16.38 34.03 18.23
CA VAL C 45 -16.49 34.51 16.86
C VAL C 45 -17.81 35.20 16.57
N LYS C 46 -17.75 36.39 15.99
CA LYS C 46 -18.97 37.09 15.61
C LYS C 46 -19.15 37.01 14.12
N PHE C 47 -20.34 36.61 13.70
CA PHE C 47 -20.66 36.60 12.29
C PHE C 47 -21.59 37.75 11.97
N ASN C 48 -21.21 38.54 10.97
CA ASN C 48 -22.15 39.43 10.35
C ASN C 48 -22.30 38.95 8.92
N TRP C 49 -23.54 38.99 8.43
CA TRP C 49 -23.89 38.48 7.11
C TRP C 49 -24.53 39.51 6.20
N TYR C 50 -23.83 40.59 5.88
CA TYR C 50 -24.41 41.60 5.00
C TYR C 50 -24.78 41.00 3.65
N VAL C 51 -26.04 41.09 3.28
CA VAL C 51 -26.45 40.69 1.94
C VAL C 51 -26.64 41.92 1.08
N ASP C 52 -25.72 42.12 0.13
CA ASP C 52 -25.70 43.33 -0.69
C ASP C 52 -25.56 44.58 0.18
N GLY C 53 -25.31 44.35 1.47
CA GLY C 53 -25.12 45.42 2.43
C GLY C 53 -26.23 45.37 3.46
N VAL C 54 -27.29 44.63 3.18
CA VAL C 54 -28.37 44.53 4.14
C VAL C 54 -28.03 43.41 5.12
N GLU C 55 -27.58 43.79 6.31
CA GLU C 55 -27.36 42.82 7.39
C GLU C 55 -28.57 41.90 7.49
N VAL C 56 -28.33 40.60 7.50
CA VAL C 56 -29.38 39.63 7.79
C VAL C 56 -29.03 38.84 9.04
N HIS C 57 -30.01 38.14 9.60
CA HIS C 57 -29.76 37.23 10.72
C HIS C 57 -30.15 35.84 10.24
N ASN C 58 -30.61 34.98 11.15
CA ASN C 58 -31.04 33.63 10.78
C ASN C 58 -29.91 32.80 10.18
N ALA C 59 -28.68 33.31 10.22
CA ALA C 59 -27.56 32.42 10.01
C ALA C 59 -27.51 31.44 11.15
N LYS C 60 -27.12 30.21 10.82
CA LYS C 60 -26.97 29.17 11.82
C LYS C 60 -25.53 28.84 12.15
N THR C 61 -25.33 27.69 12.77
CA THR C 61 -23.99 27.28 13.16
C THR C 61 -23.91 25.83 13.58
N LYS C 62 -23.07 25.08 12.89
CA LYS C 62 -22.88 23.67 13.17
C LYS C 62 -21.93 23.71 14.34
N PRO C 63 -21.86 22.64 15.13
CA PRO C 63 -20.92 22.71 16.25
C PRO C 63 -19.46 22.80 15.87
N ARG C 64 -18.76 23.60 16.66
CA ARG C 64 -17.34 23.84 16.48
C ARG C 64 -16.62 22.52 16.55
N GLU C 65 -15.57 22.38 15.78
CA GLU C 65 -14.89 21.12 15.85
C GLU C 65 -13.47 21.42 16.23
N GLU C 66 -12.99 20.72 17.24
CA GLU C 66 -11.64 20.92 17.72
C GLU C 66 -10.82 20.29 16.64
N GLN C 67 -9.77 20.95 16.18
CA GLN C 67 -8.96 20.27 15.19
C GLN C 67 -7.86 19.53 15.91
N TYR C 68 -7.32 18.55 15.21
CA TYR C 68 -6.18 17.79 15.69
C TYR C 68 -5.06 18.72 16.13
N ASN C 69 -4.90 19.81 15.39
CA ASN C 69 -3.84 20.74 15.72
C ASN C 69 -4.26 21.67 16.86
N SER C 70 -5.42 21.40 17.44
CA SER C 70 -5.91 22.13 18.60
C SER C 70 -6.38 23.54 18.28
N THR C 71 -6.67 23.83 17.02
CA THR C 71 -7.43 25.04 16.78
C THR C 71 -8.88 24.64 16.71
N TYR C 72 -9.75 25.64 16.78
CA TYR C 72 -11.15 25.43 16.51
C TYR C 72 -11.52 25.73 15.07
N ARG C 73 -12.52 24.99 14.61
CA ARG C 73 -13.12 25.25 13.31
C ARG C 73 -14.59 25.51 13.49
N VAL C 74 -15.04 26.59 12.87
CA VAL C 74 -16.41 27.01 12.91
C VAL C 74 -16.98 27.27 11.53
N VAL C 75 -18.19 26.77 11.31
CA VAL C 75 -18.81 26.83 10.00
C VAL C 75 -20.10 27.61 10.21
N SER C 76 -20.37 28.57 9.34
CA SER C 76 -21.67 29.19 9.33
C SER C 76 -22.38 28.99 8.01
N VAL C 77 -23.62 28.54 8.09
CA VAL C 77 -24.39 28.25 6.89
C VAL C 77 -25.54 29.21 6.78
N LEU C 78 -25.54 29.99 5.71
CA LEU C 78 -26.64 30.88 5.45
C LEU C 78 -27.48 30.23 4.37
N THR C 79 -28.71 29.88 4.73
CA THR C 79 -29.68 29.41 3.76
C THR C 79 -29.98 30.46 2.71
N VAL C 80 -30.03 30.03 1.45
CA VAL C 80 -30.15 30.95 0.34
C VAL C 80 -31.39 30.68 -0.50
N LEU C 81 -32.01 31.75 -0.99
CA LEU C 81 -33.16 31.62 -1.88
C LEU C 81 -32.67 31.41 -3.31
N HIS C 82 -33.17 30.37 -3.97
CA HIS C 82 -32.73 30.02 -5.33
C HIS C 82 -32.57 31.20 -6.27
N GLN C 83 -33.60 32.02 -6.36
CA GLN C 83 -33.63 33.12 -7.32
C GLN C 83 -32.71 34.24 -6.91
N ASP C 84 -32.49 34.35 -5.59
CA ASP C 84 -31.51 35.29 -5.08
C ASP C 84 -30.12 35.05 -5.65
N TRP C 85 -29.67 33.80 -5.61
CA TRP C 85 -28.34 33.45 -6.10
C TRP C 85 -28.10 33.64 -7.58
N LEU C 86 -29.04 33.18 -8.40
CA LEU C 86 -28.87 33.21 -9.85
C LEU C 86 -28.88 34.62 -10.39
N ASN C 87 -29.67 35.50 -9.78
CA ASN C 87 -29.61 36.89 -10.16
C ASN C 87 -28.31 37.55 -9.72
N GLY C 88 -27.45 36.81 -9.01
CA GLY C 88 -26.14 37.37 -8.75
C GLY C 88 -26.16 38.30 -7.56
N LYS C 89 -27.12 38.05 -6.66
CA LYS C 89 -27.13 38.79 -5.42
C LYS C 89 -25.83 38.54 -4.70
N GLU C 90 -25.35 39.56 -4.00
CA GLU C 90 -24.08 39.44 -3.32
C GLU C 90 -24.24 39.01 -1.89
N TYR C 91 -23.40 38.08 -1.49
CA TYR C 91 -23.40 37.61 -0.12
C TYR C 91 -22.09 38.01 0.53
N LYS C 92 -22.19 38.76 1.62
CA LYS C 92 -21.01 39.30 2.29
C LYS C 92 -20.94 38.70 3.68
N CYS C 93 -19.79 38.14 4.03
CA CYS C 93 -19.59 37.64 5.38
C CYS C 93 -18.63 38.49 6.19
N LYS C 94 -19.12 38.94 7.34
CA LYS C 94 -18.32 39.75 8.24
C LYS C 94 -18.03 38.95 9.49
N VAL C 95 -16.76 38.95 9.89
CA VAL C 95 -16.31 38.11 10.98
C VAL C 95 -15.71 38.97 12.07
N SER C 96 -16.29 38.90 13.26
CA SER C 96 -15.77 39.64 14.39
C SER C 96 -15.15 38.80 15.51
N ASN C 97 -13.98 39.22 15.96
CA ASN C 97 -13.30 38.55 17.06
C ASN C 97 -12.38 39.56 17.70
N LYS C 98 -12.30 39.52 19.02
CA LYS C 98 -11.53 40.50 19.77
C LYS C 98 -10.06 40.52 19.38
N ALA C 99 -9.56 39.42 18.83
CA ALA C 99 -8.15 39.39 18.50
C ALA C 99 -7.88 39.98 17.13
N LEU C 100 -8.93 40.39 16.43
CA LEU C 100 -8.73 40.97 15.12
C LEU C 100 -8.81 42.48 15.21
N PRO C 101 -7.74 43.17 14.83
CA PRO C 101 -7.72 44.63 14.76
C PRO C 101 -8.90 45.19 13.98
N ALA C 102 -9.08 44.68 12.76
CA ALA C 102 -10.19 45.08 11.91
C ALA C 102 -11.02 43.90 11.40
N PRO C 103 -12.32 44.15 11.21
CA PRO C 103 -13.32 43.22 10.66
C PRO C 103 -12.93 42.68 9.28
N ILE C 104 -13.49 41.53 8.92
CA ILE C 104 -13.21 40.87 7.65
C ILE C 104 -14.40 40.96 6.72
N GLU C 105 -14.15 41.36 5.48
CA GLU C 105 -15.21 41.50 4.51
C GLU C 105 -15.02 40.51 3.39
N LYS C 106 -15.06 39.22 3.68
CA LYS C 106 -14.98 38.28 2.58
C LYS C 106 -16.21 38.55 1.74
N THR C 107 -16.04 38.54 0.42
CA THR C 107 -17.18 38.69 -0.46
C THR C 107 -17.30 37.56 -1.45
N ILE C 108 -18.52 37.18 -1.75
CA ILE C 108 -18.80 36.28 -2.86
C ILE C 108 -20.07 36.63 -3.60
N SER C 109 -20.25 35.94 -4.71
CA SER C 109 -21.41 36.10 -5.56
C SER C 109 -21.22 35.20 -6.77
N LYS C 110 -22.31 34.94 -7.47
CA LYS C 110 -22.26 34.08 -8.63
C LYS C 110 -21.21 34.58 -9.61
N ALA C 111 -20.57 33.65 -10.30
CA ALA C 111 -19.61 33.99 -11.34
C ALA C 111 -20.23 34.93 -12.35
N LYS C 112 -19.44 35.86 -12.86
CA LYS C 112 -19.94 36.86 -13.78
C LYS C 112 -19.72 36.39 -15.20
N GLY C 113 -20.49 36.93 -16.14
CA GLY C 113 -20.35 36.54 -17.52
C GLY C 113 -21.66 36.07 -18.10
N GLN C 114 -21.77 36.16 -19.42
CA GLN C 114 -23.03 35.86 -20.08
C GLN C 114 -23.41 34.41 -19.92
N PRO C 115 -24.52 34.17 -19.22
CA PRO C 115 -24.97 32.78 -19.07
C PRO C 115 -25.23 32.23 -20.47
N ARG C 116 -24.76 31.04 -20.80
CA ARG C 116 -25.00 30.50 -22.13
C ARG C 116 -25.74 29.17 -22.07
N GLU C 117 -26.79 29.02 -22.88
CA GLU C 117 -27.56 27.80 -22.83
C GLU C 117 -26.76 26.74 -23.57
N PRO C 118 -26.63 25.56 -22.98
CA PRO C 118 -25.92 24.44 -23.60
C PRO C 118 -26.67 23.87 -24.79
N GLN C 119 -25.93 23.44 -25.80
CA GLN C 119 -26.50 22.56 -26.81
C GLN C 119 -26.21 21.15 -26.39
N VAL C 120 -27.17 20.26 -26.58
CA VAL C 120 -26.98 18.88 -26.19
C VAL C 120 -27.16 17.97 -27.39
N TYR C 121 -26.14 17.16 -27.65
CA TYR C 121 -26.17 16.25 -28.78
C TYR C 121 -25.76 14.89 -28.25
N THR C 122 -26.55 13.88 -28.56
CA THR C 122 -26.21 12.52 -28.16
C THR C 122 -25.58 11.76 -29.29
N LEU C 123 -24.56 10.96 -28.98
CA LEU C 123 -23.85 10.25 -30.03
C LEU C 123 -23.74 8.76 -29.78
N PRO C 124 -24.16 7.95 -30.76
CA PRO C 124 -24.05 6.51 -30.63
C PRO C 124 -22.58 6.08 -30.70
N PRO C 125 -22.30 4.84 -30.33
CA PRO C 125 -20.98 4.21 -30.47
C PRO C 125 -20.49 4.22 -31.91
N SER C 126 -19.17 4.28 -32.11
CA SER C 126 -18.58 4.02 -33.41
C SER C 126 -18.84 2.57 -33.82
N ARG C 127 -18.95 2.35 -35.12
CA ARG C 127 -19.17 1.01 -35.62
C ARG C 127 -18.02 0.14 -35.17
N ASP C 128 -16.81 0.70 -35.18
CA ASP C 128 -15.63 -0.05 -34.80
C ASP C 128 -15.70 -0.60 -33.40
N GLU C 129 -16.50 0.03 -32.54
CA GLU C 129 -16.63 -0.42 -31.17
C GLU C 129 -17.57 -1.60 -31.07
N LEU C 130 -18.47 -1.72 -32.05
CA LEU C 130 -19.49 -2.76 -32.04
C LEU C 130 -18.93 -4.18 -31.99
N THR C 131 -17.61 -4.28 -31.92
CA THR C 131 -16.95 -5.56 -31.93
C THR C 131 -16.67 -5.99 -30.49
N LYS C 132 -16.81 -5.04 -29.57
CA LYS C 132 -16.45 -5.29 -28.18
C LYS C 132 -17.62 -5.77 -27.32
N ASN C 133 -17.29 -6.26 -26.13
CA ASN C 133 -18.25 -6.68 -25.13
C ASN C 133 -18.98 -5.51 -24.47
N GLN C 134 -18.29 -4.39 -24.37
CA GLN C 134 -18.87 -3.17 -23.82
C GLN C 134 -18.83 -2.09 -24.87
N VAL C 135 -19.80 -1.19 -24.82
CA VAL C 135 -19.85 -0.12 -25.79
C VAL C 135 -19.94 1.22 -25.10
N SER C 136 -19.59 2.26 -25.83
CA SER C 136 -19.48 3.58 -25.25
C SER C 136 -20.63 4.44 -25.74
N LEU C 137 -21.31 5.08 -24.81
CA LEU C 137 -22.35 6.01 -25.16
C LEU C 137 -21.95 7.42 -24.82
N THR C 138 -22.10 8.34 -25.77
CA THR C 138 -21.50 9.65 -25.60
C THR C 138 -22.57 10.71 -25.53
N CYS C 139 -22.43 11.60 -24.57
CA CYS C 139 -23.28 12.78 -24.46
C CYS C 139 -22.38 14.00 -24.56
N LEU C 140 -22.59 14.82 -25.58
CA LEU C 140 -21.80 16.02 -25.73
C LEU C 140 -22.49 17.26 -25.21
N VAL C 141 -21.84 17.97 -24.30
CA VAL C 141 -22.39 19.21 -23.79
C VAL C 141 -21.47 20.40 -24.01
N LYS C 142 -21.93 21.38 -24.77
CA LYS C 142 -21.10 22.51 -25.16
C LYS C 142 -21.89 23.81 -25.20
N GLY C 143 -21.18 24.94 -25.17
CA GLY C 143 -21.85 26.23 -25.28
C GLY C 143 -22.36 26.79 -23.97
N PHE C 144 -22.02 26.16 -22.86
CA PHE C 144 -22.62 26.56 -21.59
C PHE C 144 -21.79 27.55 -20.81
N TYR C 145 -22.49 28.32 -19.99
CA TYR C 145 -21.89 29.27 -19.05
C TYR C 145 -22.87 29.67 -17.96
N PRO C 146 -22.36 29.86 -16.74
CA PRO C 146 -20.99 29.52 -16.32
C PRO C 146 -20.72 28.02 -16.33
N SER C 147 -19.50 27.66 -15.91
CA SER C 147 -19.05 26.28 -16.02
C SER C 147 -19.70 25.45 -14.92
N ASP C 148 -20.28 26.15 -13.93
CA ASP C 148 -21.03 25.50 -12.88
C ASP C 148 -22.16 24.67 -13.49
N ILE C 149 -22.22 23.39 -13.15
CA ILE C 149 -23.19 22.51 -13.79
C ILE C 149 -23.34 21.15 -13.09
N ALA C 150 -24.48 20.50 -13.32
CA ALA C 150 -24.66 19.10 -12.91
C ALA C 150 -25.23 18.28 -14.07
N VAL C 151 -24.66 17.09 -14.26
CA VAL C 151 -25.02 16.17 -15.32
C VAL C 151 -25.27 14.74 -14.88
N GLU C 152 -26.35 14.14 -15.38
CA GLU C 152 -26.59 12.74 -15.06
C GLU C 152 -27.00 11.97 -16.30
N TRP C 153 -26.81 10.65 -16.20
CA TRP C 153 -27.23 9.67 -17.20
C TRP C 153 -28.32 8.78 -16.63
N GLU C 154 -29.35 8.46 -17.41
CA GLU C 154 -30.40 7.62 -16.85
C GLU C 154 -30.82 6.54 -17.84
N SER C 155 -31.46 5.51 -17.29
CA SER C 155 -32.10 4.48 -18.08
C SER C 155 -33.28 3.88 -17.34
N ASN C 156 -34.36 3.62 -18.07
CA ASN C 156 -35.60 3.09 -17.51
C ASN C 156 -35.96 3.73 -16.18
N GLY C 157 -35.90 5.05 -16.14
CA GLY C 157 -36.37 5.79 -14.98
C GLY C 157 -35.37 5.65 -13.85
N GLN C 158 -34.21 5.08 -14.16
CA GLN C 158 -33.15 4.98 -13.16
C GLN C 158 -31.83 5.50 -13.66
N PRO C 159 -31.07 6.14 -12.76
CA PRO C 159 -29.71 6.58 -13.08
C PRO C 159 -28.87 5.39 -13.50
N GLU C 160 -28.03 5.54 -14.51
CA GLU C 160 -27.11 4.46 -14.82
C GLU C 160 -25.93 4.51 -13.87
N ASN C 161 -25.34 3.33 -13.63
CA ASN C 161 -24.43 3.13 -12.52
C ASN C 161 -23.00 3.25 -12.99
N ASN C 162 -22.85 3.56 -14.28
CA ASN C 162 -21.57 3.49 -14.96
C ASN C 162 -21.48 4.42 -16.15
N TYR C 163 -21.35 5.70 -15.83
CA TYR C 163 -21.12 6.75 -16.79
C TYR C 163 -20.06 7.63 -16.20
N LYS C 164 -19.29 8.32 -17.02
CA LYS C 164 -18.37 9.28 -16.42
C LYS C 164 -18.54 10.60 -17.14
N THR C 165 -18.36 11.69 -16.40
CA THR C 165 -18.51 13.02 -16.95
C THR C 165 -17.24 13.83 -16.70
N THR C 166 -16.79 14.54 -17.72
CA THR C 166 -15.61 15.37 -17.57
C THR C 166 -15.90 16.61 -16.75
N PRO C 167 -14.84 17.17 -16.15
CA PRO C 167 -14.89 18.49 -15.54
C PRO C 167 -15.22 19.47 -16.65
N PRO C 168 -15.76 20.64 -16.32
CA PRO C 168 -15.93 21.65 -17.38
C PRO C 168 -14.62 21.98 -18.10
N VAL C 169 -14.70 22.17 -19.41
CA VAL C 169 -13.55 22.63 -20.17
C VAL C 169 -13.87 23.94 -20.87
N LEU C 170 -12.92 24.85 -20.83
CA LEU C 170 -13.05 26.16 -21.45
C LEU C 170 -13.02 26.03 -22.96
N ASP C 171 -14.11 26.38 -23.63
CA ASP C 171 -14.07 26.43 -25.08
C ASP C 171 -13.38 27.68 -25.60
N SER C 172 -13.17 27.71 -26.92
CA SER C 172 -12.46 28.77 -27.59
C SER C 172 -13.28 30.06 -27.66
N ASP C 173 -14.60 29.90 -27.59
CA ASP C 173 -15.52 31.03 -27.63
C ASP C 173 -15.80 31.64 -26.27
N GLY C 174 -14.97 31.32 -25.30
CA GLY C 174 -15.11 31.86 -23.97
C GLY C 174 -16.08 31.01 -23.17
N SER C 175 -16.79 30.12 -23.85
CA SER C 175 -17.73 29.24 -23.19
C SER C 175 -17.05 27.94 -22.80
N PHE C 176 -17.78 27.10 -22.09
CA PHE C 176 -17.23 25.83 -21.66
C PHE C 176 -17.97 24.75 -22.44
N PHE C 177 -17.34 23.60 -22.61
CA PHE C 177 -18.04 22.39 -23.01
C PHE C 177 -17.57 21.24 -22.14
N LEU C 178 -18.32 20.15 -22.11
CA LEU C 178 -17.82 18.91 -21.53
C LEU C 178 -18.44 17.67 -22.17
N TYR C 179 -17.87 16.52 -21.84
CA TYR C 179 -18.43 15.24 -22.22
C TYR C 179 -18.74 14.35 -21.04
N SER C 180 -19.83 13.59 -21.13
CA SER C 180 -20.08 12.55 -20.16
C SER C 180 -20.14 11.23 -20.92
N LYS C 181 -19.34 10.24 -20.45
CA LYS C 181 -19.32 8.96 -21.16
C LYS C 181 -20.04 7.89 -20.35
N LEU C 182 -21.14 7.36 -20.93
CA LEU C 182 -21.86 6.25 -20.35
C LEU C 182 -21.48 4.94 -21.02
N THR C 183 -21.16 3.93 -20.22
CA THR C 183 -20.75 2.62 -20.73
C THR C 183 -21.83 1.57 -20.49
N VAL C 184 -22.22 0.87 -21.54
CA VAL C 184 -23.22 -0.18 -21.43
C VAL C 184 -22.89 -1.42 -22.24
N ASP C 185 -23.29 -2.57 -21.70
CA ASP C 185 -23.26 -3.85 -22.40
C ASP C 185 -23.84 -3.76 -23.80
N LYS C 186 -23.16 -4.40 -24.75
CA LYS C 186 -23.62 -4.44 -26.13
C LYS C 186 -25.05 -4.93 -26.32
N SER C 187 -25.39 -5.97 -25.58
CA SER C 187 -26.71 -6.57 -25.69
C SER C 187 -27.84 -5.61 -25.46
N ARG C 188 -27.69 -4.80 -24.42
CA ARG C 188 -28.74 -3.88 -24.06
C ARG C 188 -28.97 -2.86 -25.17
N TRP C 189 -27.92 -2.34 -25.77
CA TRP C 189 -28.04 -1.39 -26.87
C TRP C 189 -28.73 -2.04 -28.07
N GLN C 190 -28.19 -3.20 -28.45
CA GLN C 190 -28.60 -3.79 -29.71
C GLN C 190 -29.97 -4.35 -29.46
N GLN C 191 -30.28 -4.51 -28.19
CA GLN C 191 -31.61 -4.92 -27.86
C GLN C 191 -32.44 -3.65 -27.92
N GLY C 192 -31.84 -2.51 -28.18
CA GLY C 192 -32.63 -1.30 -28.41
C GLY C 192 -33.14 -0.63 -27.14
N ASN C 193 -32.44 -0.82 -26.03
CA ASN C 193 -32.71 -0.04 -24.84
C ASN C 193 -32.57 1.45 -25.09
N VAL C 194 -33.40 2.24 -24.40
CA VAL C 194 -33.37 3.68 -24.50
C VAL C 194 -32.60 4.29 -23.34
N PHE C 195 -31.62 5.13 -23.68
CA PHE C 195 -30.77 5.77 -22.70
C PHE C 195 -30.90 7.29 -22.72
N SER C 196 -30.75 7.91 -21.56
CA SER C 196 -30.94 9.36 -21.48
C SER C 196 -29.80 10.07 -20.77
N CYS C 197 -29.39 11.19 -21.34
CA CYS C 197 -28.42 12.07 -20.73
C CYS C 197 -29.14 13.23 -20.08
N SER C 198 -28.92 13.43 -18.79
CA SER C 198 -29.62 14.49 -18.09
C SER C 198 -28.67 15.59 -17.66
N VAL C 199 -29.10 16.83 -17.86
CA VAL C 199 -28.25 17.99 -17.60
C VAL C 199 -28.97 19.05 -16.81
N MET C 200 -28.31 19.64 -15.82
CA MET C 200 -28.94 20.70 -15.05
C MET C 200 -28.07 21.93 -15.04
N HIS C 201 -28.65 23.05 -15.48
CA HIS C 201 -27.94 24.30 -15.63
C HIS C 201 -28.88 25.48 -15.49
N GLU C 202 -28.38 26.55 -14.87
CA GLU C 202 -29.08 27.83 -14.80
C GLU C 202 -29.88 28.23 -16.04
N ALA C 203 -29.27 28.05 -17.21
CA ALA C 203 -29.72 28.71 -18.43
C ALA C 203 -30.61 27.86 -19.31
N LEU C 204 -31.06 26.72 -18.79
CA LEU C 204 -32.02 25.91 -19.53
C LEU C 204 -33.41 26.18 -19.01
N HIS C 205 -34.40 26.02 -19.88
CA HIS C 205 -35.78 26.14 -19.42
C HIS C 205 -35.97 25.06 -18.39
N ASN C 206 -36.51 25.48 -17.25
CA ASN C 206 -36.64 24.63 -16.09
C ASN C 206 -35.28 24.13 -15.57
N HIS C 207 -34.21 24.78 -16.01
CA HIS C 207 -32.85 24.37 -15.62
C HIS C 207 -32.54 22.90 -15.93
N TYR C 208 -33.19 22.36 -16.94
CA TYR C 208 -33.14 20.93 -17.15
C TYR C 208 -33.36 20.61 -18.63
N THR C 209 -32.62 19.64 -19.14
CA THR C 209 -32.94 19.07 -20.44
C THR C 209 -32.43 17.65 -20.58
N GLN C 210 -33.05 16.89 -21.46
CA GLN C 210 -32.60 15.56 -21.80
C GLN C 210 -32.74 15.23 -23.26
N LYS C 211 -31.88 14.35 -23.76
CA LYS C 211 -32.01 13.91 -25.14
C LYS C 211 -32.01 12.40 -25.14
N SER C 212 -32.82 11.88 -26.05
CA SER C 212 -33.07 10.46 -26.22
C SER C 212 -32.43 9.87 -27.46
N LEU C 213 -32.45 8.55 -27.55
CA LEU C 213 -31.86 7.84 -28.69
C LEU C 213 -32.89 6.95 -29.37
N SER C 214 -32.56 6.48 -30.57
CA SER C 214 -33.47 5.63 -31.32
C SER C 214 -32.89 4.23 -31.51
N LEU C 215 -33.68 3.22 -31.20
CA LEU C 215 -33.27 1.83 -31.34
C LEU C 215 -34.23 0.90 -30.63
N ALA D 3 1.98 34.25 -5.18
CA ALA D 3 1.80 34.35 -3.74
C ALA D 3 2.81 34.32 -2.60
N PRO D 4 3.32 35.47 -2.15
CA PRO D 4 4.62 35.60 -1.44
C PRO D 4 4.40 35.96 0.03
N GLU D 5 5.27 35.54 0.94
CA GLU D 5 4.94 35.48 2.36
C GLU D 5 6.13 35.82 3.25
N LEU D 6 5.87 36.11 4.52
CA LEU D 6 6.93 36.59 5.40
C LEU D 6 7.82 35.37 5.42
N LEU D 7 9.18 35.55 6.22
CA LEU D 7 10.55 35.44 5.82
C LEU D 7 10.89 33.95 5.82
N GLY D 8 11.00 33.35 4.64
CA GLY D 8 11.46 31.98 4.57
C GLY D 8 12.65 31.73 3.65
N GLY D 9 12.35 31.49 2.38
CA GLY D 9 13.31 31.31 1.32
C GLY D 9 12.76 30.67 0.05
N PRO D 10 13.65 30.43 -0.93
CA PRO D 10 13.33 29.84 -2.23
C PRO D 10 12.71 28.44 -2.17
N SER D 11 11.88 28.14 -3.16
CA SER D 11 11.16 26.87 -3.30
C SER D 11 11.51 26.11 -4.58
N VAL D 12 11.36 24.79 -4.56
CA VAL D 12 11.76 23.97 -5.70
C VAL D 12 10.66 23.12 -6.32
N PHE D 13 10.60 23.20 -7.65
CA PHE D 13 9.72 22.38 -8.49
C PHE D 13 10.42 21.60 -9.59
N LEU D 14 10.05 20.32 -9.71
CA LEU D 14 10.72 19.41 -10.62
C LEU D 14 9.76 18.91 -11.69
N PHE D 15 10.09 19.24 -12.94
CA PHE D 15 9.20 19.03 -14.06
C PHE D 15 9.61 17.98 -15.08
N PRO D 16 8.63 17.20 -15.55
CA PRO D 16 8.86 16.13 -16.50
C PRO D 16 9.07 16.77 -17.88
N PRO D 17 9.55 16.01 -18.85
CA PRO D 17 9.65 16.47 -20.23
C PRO D 17 8.31 16.64 -20.92
N LYS D 18 8.27 17.41 -22.00
CA LYS D 18 7.07 17.48 -22.81
C LYS D 18 6.95 16.14 -23.49
N PRO D 19 5.73 15.62 -23.58
CA PRO D 19 5.51 14.29 -24.16
C PRO D 19 6.05 14.14 -25.56
N LYS D 20 5.78 15.10 -26.44
CA LYS D 20 6.27 15.02 -27.81
C LYS D 20 7.77 14.91 -27.88
N ASP D 21 8.47 15.51 -26.92
CA ASP D 21 9.91 15.38 -26.92
C ASP D 21 10.17 13.93 -26.59
N THR D 22 9.38 13.39 -25.67
CA THR D 22 9.54 11.98 -25.33
C THR D 22 9.03 11.18 -26.51
N LEU D 23 8.24 11.84 -27.35
CA LEU D 23 7.50 11.11 -28.37
C LEU D 23 8.09 11.25 -29.75
N MET D 24 8.67 12.40 -30.03
CA MET D 24 9.24 12.65 -31.35
C MET D 24 10.75 12.65 -31.40
N ILE D 25 11.31 11.82 -32.28
CA ILE D 25 12.75 11.64 -32.32
C ILE D 25 13.40 12.89 -32.84
N SER D 26 12.60 13.68 -33.56
CA SER D 26 13.08 14.97 -34.01
C SER D 26 12.91 15.93 -32.84
N ARG D 27 12.84 15.35 -31.64
CA ARG D 27 12.77 16.15 -30.45
C ARG D 27 13.66 15.63 -29.33
N THR D 28 13.88 16.53 -28.38
CA THR D 28 14.81 16.35 -27.28
C THR D 28 14.01 16.49 -26.00
N PRO D 29 13.75 15.37 -25.32
CA PRO D 29 13.01 15.43 -24.05
C PRO D 29 13.89 15.95 -22.92
N GLU D 30 13.30 16.74 -22.02
CA GLU D 30 14.04 17.32 -20.92
C GLU D 30 13.35 17.25 -19.58
N VAL D 31 14.14 16.96 -18.55
CA VAL D 31 13.71 17.23 -17.19
C VAL D 31 14.16 18.61 -16.76
N THR D 32 13.31 19.29 -16.01
CA THR D 32 13.56 20.69 -15.66
C THR D 32 13.47 20.89 -14.17
N CYS D 33 14.57 21.29 -13.56
CA CYS D 33 14.59 21.54 -12.13
C CYS D 33 14.52 23.05 -12.03
N VAL D 34 13.42 23.56 -11.49
CA VAL D 34 13.23 24.99 -11.42
C VAL D 34 13.29 25.56 -10.00
N VAL D 35 14.14 26.58 -9.83
CA VAL D 35 14.34 27.24 -8.55
C VAL D 35 13.88 28.68 -8.58
N VAL D 36 12.96 29.01 -7.68
CA VAL D 36 12.37 30.34 -7.55
C VAL D 36 12.68 30.98 -6.20
N ASP D 37 12.31 32.25 -6.04
CA ASP D 37 12.50 32.96 -4.78
C ASP D 37 13.97 33.04 -4.36
N VAL D 38 14.82 33.28 -5.36
CA VAL D 38 16.22 33.66 -5.16
C VAL D 38 16.44 35.15 -4.88
N SER D 39 17.11 35.44 -3.77
CA SER D 39 17.37 36.82 -3.41
C SER D 39 18.55 37.31 -4.25
N HIS D 40 18.67 38.63 -4.38
CA HIS D 40 19.82 39.19 -5.06
C HIS D 40 21.05 38.97 -4.20
N GLU D 41 20.77 38.91 -2.90
CA GLU D 41 21.77 38.71 -1.86
C GLU D 41 22.38 37.32 -1.85
N ASP D 42 21.57 36.31 -2.13
CA ASP D 42 22.10 34.96 -2.14
C ASP D 42 21.72 34.14 -3.36
N PRO D 43 22.40 34.42 -4.48
CA PRO D 43 22.22 33.99 -5.87
C PRO D 43 23.01 32.72 -6.26
N GLU D 44 23.85 32.22 -5.37
CA GLU D 44 24.66 31.04 -5.66
C GLU D 44 23.82 29.76 -5.55
N VAL D 45 23.79 28.98 -6.63
CA VAL D 45 23.03 27.73 -6.61
C VAL D 45 23.91 26.53 -6.91
N LYS D 46 23.83 25.50 -6.07
CA LYS D 46 24.58 24.28 -6.31
C LYS D 46 23.66 23.16 -6.80
N PHE D 47 24.03 22.52 -7.92
CA PHE D 47 23.27 21.37 -8.41
C PHE D 47 23.99 20.04 -8.23
N ASN D 48 23.31 19.08 -7.62
CA ASN D 48 23.75 17.71 -7.76
C ASN D 48 22.66 16.93 -8.48
N TRP D 49 23.05 16.03 -9.38
CA TRP D 49 22.11 15.28 -10.19
C TRP D 49 22.19 13.76 -10.10
N TYR D 50 21.83 13.20 -8.96
CA TYR D 50 21.88 11.74 -8.86
C TYR D 50 20.81 11.23 -9.81
N VAL D 51 21.25 10.44 -10.77
CA VAL D 51 20.39 9.72 -11.69
C VAL D 51 20.30 8.28 -11.25
N ASP D 52 19.15 7.86 -10.74
CA ASP D 52 19.05 6.53 -10.16
C ASP D 52 20.03 6.42 -9.00
N GLY D 53 20.61 7.56 -8.63
CA GLY D 53 21.56 7.62 -7.54
C GLY D 53 22.87 8.05 -8.16
N VAL D 54 22.93 7.95 -9.49
CA VAL D 54 24.14 8.34 -10.21
C VAL D 54 24.25 9.81 -10.55
N GLU D 55 25.08 10.52 -9.78
CA GLU D 55 25.42 11.91 -10.07
C GLU D 55 25.74 12.03 -11.55
N VAL D 56 25.16 13.01 -12.24
CA VAL D 56 25.59 13.27 -13.59
C VAL D 56 26.16 14.67 -13.65
N HIS D 57 26.88 15.00 -14.73
CA HIS D 57 27.38 16.34 -14.94
C HIS D 57 26.86 16.96 -16.24
N ASN D 58 26.37 16.10 -17.11
CA ASN D 58 25.78 16.47 -18.40
C ASN D 58 24.49 17.26 -18.26
N ALA D 59 24.16 17.68 -17.04
CA ALA D 59 23.15 18.71 -16.93
C ALA D 59 23.56 20.06 -17.52
N LYS D 60 22.52 20.68 -18.09
CA LYS D 60 22.52 21.99 -18.73
C LYS D 60 21.82 23.08 -17.92
N THR D 61 22.61 23.97 -17.33
CA THR D 61 22.07 25.05 -16.50
C THR D 61 21.72 26.29 -17.33
N LYS D 62 20.45 26.70 -17.27
CA LYS D 62 19.94 27.84 -18.03
C LYS D 62 20.23 29.16 -17.32
N PRO D 63 20.25 30.27 -18.08
CA PRO D 63 20.49 31.57 -17.43
C PRO D 63 19.40 32.06 -16.49
N ARG D 64 19.80 32.67 -15.36
CA ARG D 64 18.86 33.20 -14.40
C ARG D 64 18.00 34.29 -15.02
N GLU D 65 16.73 34.41 -14.67
CA GLU D 65 15.95 35.49 -15.29
C GLU D 65 15.35 36.29 -14.13
N GLU D 66 15.46 37.61 -14.13
CA GLU D 66 14.91 38.38 -13.00
C GLU D 66 13.39 38.47 -13.00
N GLN D 67 12.77 38.18 -11.85
CA GLN D 67 11.33 38.34 -11.72
C GLN D 67 11.06 39.72 -11.15
N TYR D 68 9.87 40.26 -11.32
CA TYR D 68 9.56 41.52 -10.64
C TYR D 68 9.82 41.56 -9.16
N ASN D 69 9.53 40.45 -8.49
CA ASN D 69 9.70 40.40 -7.05
C ASN D 69 11.13 40.15 -6.64
N SER D 70 12.02 40.18 -7.64
CA SER D 70 13.45 40.09 -7.41
C SER D 70 13.89 38.70 -7.02
N THR D 71 13.06 37.71 -7.32
CA THR D 71 13.49 36.33 -7.30
C THR D 71 13.91 35.95 -8.71
N TYR D 72 14.76 34.95 -8.83
CA TYR D 72 15.15 34.45 -10.14
C TYR D 72 14.67 33.02 -10.30
N ARG D 73 13.95 32.76 -11.38
CA ARG D 73 13.64 31.39 -11.75
C ARG D 73 14.91 30.73 -12.23
N VAL D 74 15.46 29.81 -11.43
CA VAL D 74 16.65 29.11 -11.88
C VAL D 74 16.26 27.76 -12.46
N VAL D 75 16.81 27.44 -13.61
CA VAL D 75 16.42 26.24 -14.33
C VAL D 75 17.60 25.32 -14.55
N SER D 76 17.43 24.03 -14.30
CA SER D 76 18.43 23.08 -14.73
C SER D 76 17.80 22.10 -15.69
N VAL D 77 18.40 21.91 -16.84
CA VAL D 77 17.84 21.03 -17.85
C VAL D 77 18.74 19.83 -18.03
N LEU D 78 18.21 18.65 -17.74
CA LEU D 78 18.96 17.44 -17.98
C LEU D 78 18.46 16.76 -19.25
N THR D 79 19.32 16.69 -20.25
CA THR D 79 19.00 15.90 -21.44
C THR D 79 18.80 14.42 -21.14
N VAL D 80 17.75 13.85 -21.69
CA VAL D 80 17.38 12.47 -21.39
C VAL D 80 17.34 11.61 -22.65
N LEU D 81 17.76 10.36 -22.56
CA LEU D 81 17.62 9.47 -23.70
C LEU D 81 16.17 8.98 -23.61
N HIS D 82 15.42 9.09 -24.70
CA HIS D 82 13.99 8.72 -24.73
C HIS D 82 13.62 7.45 -23.96
N GLN D 83 14.35 6.38 -24.25
CA GLN D 83 14.06 5.05 -23.74
C GLN D 83 14.36 4.88 -22.24
N ASP D 84 15.32 5.66 -21.73
CA ASP D 84 15.59 5.71 -20.29
C ASP D 84 14.34 6.06 -19.48
N TRP D 85 13.64 7.10 -19.89
CA TRP D 85 12.43 7.55 -19.20
C TRP D 85 11.34 6.50 -19.24
N LEU D 86 11.14 5.91 -20.41
CA LEU D 86 10.05 4.98 -20.61
C LEU D 86 10.28 3.69 -19.83
N ASN D 87 11.54 3.28 -19.69
CA ASN D 87 11.82 2.15 -18.81
C ASN D 87 11.59 2.46 -17.34
N GLY D 88 11.29 3.72 -17.03
CA GLY D 88 10.89 4.07 -15.68
C GLY D 88 12.03 4.31 -14.72
N LYS D 89 13.19 4.69 -15.25
CA LYS D 89 14.32 5.08 -14.41
C LYS D 89 13.98 6.30 -13.56
N GLU D 90 14.53 6.36 -12.35
CA GLU D 90 14.23 7.47 -11.47
C GLU D 90 15.28 8.57 -11.64
N TYR D 91 14.80 9.80 -11.73
CA TYR D 91 15.66 10.96 -11.85
C TYR D 91 15.61 11.90 -10.65
N LYS D 92 16.76 12.18 -10.04
CA LYS D 92 16.81 12.96 -8.83
C LYS D 92 17.57 14.28 -9.01
N CYS D 93 16.93 15.39 -8.64
CA CYS D 93 17.57 16.68 -8.66
C CYS D 93 17.84 17.16 -7.24
N LYS D 94 19.09 17.45 -6.95
CA LYS D 94 19.48 17.94 -5.63
C LYS D 94 19.96 19.38 -5.66
N VAL D 95 19.47 20.18 -4.73
CA VAL D 95 19.75 21.61 -4.77
C VAL D 95 20.44 22.05 -3.48
N SER D 96 21.65 22.59 -3.63
CA SER D 96 22.43 23.10 -2.52
C SER D 96 22.61 24.62 -2.57
N ASN D 97 22.41 25.29 -1.43
CA ASN D 97 22.59 26.74 -1.33
C ASN D 97 22.86 27.21 0.08
N LYS D 98 23.74 28.19 0.19
CA LYS D 98 24.16 28.68 1.49
C LYS D 98 23.00 29.17 2.33
N ALA D 99 21.90 29.58 1.69
CA ALA D 99 20.81 30.07 2.49
C ALA D 99 19.96 28.91 2.93
N LEU D 100 20.33 27.73 2.44
CA LEU D 100 19.58 26.54 2.80
C LEU D 100 20.35 25.78 3.87
N PRO D 101 19.73 25.59 5.03
CA PRO D 101 20.34 24.76 6.07
C PRO D 101 20.75 23.41 5.49
N ALA D 102 19.78 22.77 4.83
CA ALA D 102 19.96 21.50 4.15
C ALA D 102 19.53 21.52 2.68
N PRO D 103 20.21 20.71 1.86
CA PRO D 103 19.90 20.50 0.43
C PRO D 103 18.45 20.06 0.21
N ILE D 104 17.93 20.29 -0.99
CA ILE D 104 16.54 19.94 -1.31
C ILE D 104 16.51 18.75 -2.25
N GLU D 105 15.70 17.75 -1.95
CA GLU D 105 15.67 16.61 -2.85
C GLU D 105 14.31 16.43 -3.51
N LYS D 106 14.32 16.25 -4.83
CA LYS D 106 13.10 15.93 -5.55
C LYS D 106 13.33 14.70 -6.40
N THR D 107 12.33 13.82 -6.46
CA THR D 107 12.42 12.68 -7.35
C THR D 107 11.21 12.65 -8.26
N ILE D 108 11.39 12.22 -9.50
CA ILE D 108 10.23 11.93 -10.33
C ILE D 108 10.48 10.70 -11.19
N SER D 109 9.43 10.25 -11.85
CA SER D 109 9.50 9.11 -12.74
C SER D 109 8.12 8.82 -13.27
N LYS D 110 8.06 8.07 -14.37
CA LYS D 110 6.81 7.74 -14.99
C LYS D 110 5.89 7.06 -13.99
N ALA D 111 4.59 7.31 -14.12
CA ALA D 111 3.60 6.64 -13.30
C ALA D 111 3.80 5.16 -13.45
N LYS D 112 3.61 4.39 -12.38
CA LYS D 112 3.88 2.97 -12.50
C LYS D 112 2.62 2.22 -12.87
N GLY D 113 2.78 1.04 -13.44
CA GLY D 113 1.66 0.23 -13.84
C GLY D 113 1.72 -0.13 -15.31
N GLN D 114 1.06 -1.22 -15.68
CA GLN D 114 1.15 -1.73 -17.04
C GLN D 114 0.58 -0.81 -18.10
N PRO D 115 1.44 -0.35 -19.01
CA PRO D 115 0.98 0.53 -20.08
C PRO D 115 -0.10 -0.21 -20.85
N ARG D 116 -1.19 0.49 -21.15
CA ARG D 116 -2.30 -0.09 -21.90
C ARG D 116 -2.67 0.79 -23.07
N GLU D 117 -2.88 0.14 -24.22
CA GLU D 117 -3.10 0.86 -25.46
C GLU D 117 -4.48 1.47 -25.46
N PRO D 118 -4.55 2.74 -25.84
CA PRO D 118 -5.88 3.35 -25.92
C PRO D 118 -6.61 2.68 -27.07
N GLN D 119 -7.93 2.51 -26.93
CA GLN D 119 -8.72 2.21 -28.10
C GLN D 119 -9.27 3.52 -28.63
N VAL D 120 -9.26 3.64 -29.95
CA VAL D 120 -9.71 4.85 -30.63
C VAL D 120 -10.84 4.70 -31.66
N TYR D 121 -11.88 5.50 -31.46
CA TYR D 121 -13.05 5.53 -32.32
C TYR D 121 -13.32 6.99 -32.65
N THR D 122 -13.50 7.29 -33.93
CA THR D 122 -13.81 8.65 -34.33
C THR D 122 -15.30 8.83 -34.56
N LEU D 123 -15.81 9.97 -34.13
CA LEU D 123 -17.24 10.24 -34.19
C LEU D 123 -17.59 11.55 -34.88
N PRO D 124 -18.48 11.45 -35.87
CA PRO D 124 -18.98 12.58 -36.66
C PRO D 124 -19.87 13.48 -35.81
N PRO D 125 -20.19 14.68 -36.31
CA PRO D 125 -21.15 15.58 -35.67
C PRO D 125 -22.49 14.91 -35.46
N SER D 126 -23.21 15.28 -34.41
CA SER D 126 -24.61 14.89 -34.30
C SER D 126 -25.46 15.46 -35.43
N ARG D 127 -26.39 14.66 -35.90
CA ARG D 127 -27.42 15.11 -36.83
C ARG D 127 -28.07 16.44 -36.41
N ASP D 128 -28.36 16.56 -35.12
CA ASP D 128 -29.00 17.75 -34.58
C ASP D 128 -28.19 19.02 -34.78
N GLU D 129 -26.88 18.87 -34.89
CA GLU D 129 -26.02 20.03 -35.06
C GLU D 129 -26.03 20.48 -36.50
N LEU D 130 -26.37 19.57 -37.39
CA LEU D 130 -26.35 19.86 -38.81
C LEU D 130 -27.24 21.01 -39.24
N THR D 131 -27.91 21.64 -38.27
CA THR D 131 -28.83 22.72 -38.59
C THR D 131 -28.08 24.02 -38.38
N LYS D 132 -26.94 23.91 -37.72
CA LYS D 132 -26.14 25.07 -37.32
C LYS D 132 -25.05 25.43 -38.30
N ASN D 133 -24.49 26.62 -38.10
CA ASN D 133 -23.36 27.10 -38.88
C ASN D 133 -22.08 26.35 -38.55
N GLN D 134 -21.96 25.90 -37.30
CA GLN D 134 -20.80 25.10 -36.90
C GLN D 134 -21.16 23.72 -36.40
N VAL D 135 -20.23 22.79 -36.62
CA VAL D 135 -20.42 21.43 -36.19
C VAL D 135 -19.24 20.95 -35.37
N SER D 136 -19.44 19.90 -34.58
CA SER D 136 -18.42 19.47 -33.65
C SER D 136 -17.82 18.13 -34.08
N LEU D 137 -16.49 18.03 -34.12
CA LEU D 137 -15.86 16.75 -34.42
C LEU D 137 -15.09 16.16 -33.24
N THR D 138 -15.37 14.90 -32.94
CA THR D 138 -14.90 14.28 -31.71
C THR D 138 -13.94 13.13 -31.96
N CYS D 139 -12.86 13.08 -31.20
CA CYS D 139 -11.94 11.96 -31.22
C CYS D 139 -11.92 11.38 -29.81
N LEU D 140 -12.34 10.13 -29.66
CA LEU D 140 -12.34 9.48 -28.36
C LEU D 140 -11.14 8.56 -28.14
N VAL D 141 -10.41 8.81 -27.06
CA VAL D 141 -9.27 7.96 -26.71
C VAL D 141 -9.41 7.33 -25.33
N LYS D 142 -9.44 6.01 -25.27
CA LYS D 142 -9.69 5.32 -24.02
C LYS D 142 -8.84 4.08 -23.95
N GLY D 143 -8.64 3.55 -22.75
CA GLY D 143 -7.89 2.32 -22.54
C GLY D 143 -6.39 2.59 -22.43
N PHE D 144 -6.01 3.85 -22.39
CA PHE D 144 -4.60 4.25 -22.44
C PHE D 144 -4.00 4.44 -21.06
N TYR D 145 -2.68 4.26 -20.94
CA TYR D 145 -1.96 4.51 -19.69
C TYR D 145 -0.46 4.65 -20.01
N PRO D 146 0.26 5.53 -19.31
CA PRO D 146 -0.09 6.61 -18.36
C PRO D 146 -0.86 7.76 -18.99
N SER D 147 -1.15 8.78 -18.19
CA SER D 147 -2.03 9.84 -18.68
C SER D 147 -1.29 10.79 -19.62
N ASP D 148 0.03 10.74 -19.61
CA ASP D 148 0.84 11.51 -20.55
C ASP D 148 0.47 11.15 -21.99
N ILE D 149 0.14 12.13 -22.81
CA ILE D 149 -0.32 11.83 -24.17
C ILE D 149 -0.36 13.08 -25.04
N ALA D 150 -0.30 12.89 -26.36
CA ALA D 150 -0.54 13.99 -27.29
C ALA D 150 -1.50 13.64 -28.43
N VAL D 151 -2.41 14.56 -28.71
CA VAL D 151 -3.43 14.40 -29.75
C VAL D 151 -3.51 15.62 -30.66
N GLU D 152 -3.56 15.39 -31.97
CA GLU D 152 -3.74 16.47 -32.93
C GLU D 152 -4.74 16.08 -34.00
N TRP D 153 -5.29 17.09 -34.67
CA TRP D 153 -6.18 16.91 -35.81
C TRP D 153 -5.58 17.41 -37.10
N GLU D 154 -5.78 16.65 -38.17
CA GLU D 154 -5.21 17.01 -39.44
C GLU D 154 -6.27 16.84 -40.52
N SER D 155 -6.06 17.49 -41.66
CA SER D 155 -6.90 17.27 -42.84
C SER D 155 -6.15 17.52 -44.15
N ASN D 156 -6.41 16.67 -45.15
CA ASN D 156 -5.73 16.74 -46.43
C ASN D 156 -4.27 17.07 -46.22
N GLY D 157 -3.67 16.30 -45.33
CA GLY D 157 -2.25 16.36 -45.10
C GLY D 157 -1.93 17.62 -44.33
N GLN D 158 -2.96 18.32 -43.84
CA GLN D 158 -2.64 19.47 -43.01
C GLN D 158 -3.39 19.44 -41.69
N PRO D 159 -2.72 19.89 -40.63
CA PRO D 159 -3.28 20.05 -39.28
C PRO D 159 -4.46 21.00 -39.22
N GLU D 160 -5.49 20.67 -38.45
CA GLU D 160 -6.55 21.64 -38.24
C GLU D 160 -6.23 22.65 -37.15
N ASN D 161 -6.78 23.85 -37.31
CA ASN D 161 -6.39 25.05 -36.59
C ASN D 161 -7.34 25.27 -35.41
N ASN D 162 -8.28 24.34 -35.25
CA ASN D 162 -9.41 24.54 -34.35
C ASN D 162 -10.01 23.28 -33.77
N TYR D 163 -9.29 22.71 -32.82
CA TYR D 163 -9.76 21.57 -32.06
C TYR D 163 -9.43 21.83 -30.61
N LYS D 164 -10.20 21.23 -29.71
CA LYS D 164 -9.87 21.31 -28.29
C LYS D 164 -9.92 19.91 -27.72
N THR D 165 -9.07 19.68 -26.73
CA THR D 165 -8.96 18.38 -26.10
C THR D 165 -9.17 18.48 -24.61
N THR D 166 -9.95 17.56 -24.07
CA THR D 166 -10.20 17.52 -22.64
C THR D 166 -8.98 17.01 -21.90
N PRO D 167 -8.89 17.36 -20.61
CA PRO D 167 -7.91 16.80 -19.69
C PRO D 167 -8.13 15.30 -19.56
N PRO D 168 -7.11 14.55 -19.15
CA PRO D 168 -7.33 13.12 -18.85
C PRO D 168 -8.38 12.92 -17.76
N VAL D 169 -9.23 11.91 -17.94
CA VAL D 169 -10.20 11.51 -16.92
C VAL D 169 -10.03 10.07 -16.46
N LEU D 170 -10.15 9.85 -15.17
CA LEU D 170 -10.05 8.52 -14.59
C LEU D 170 -11.27 7.69 -14.97
N ASP D 171 -11.08 6.61 -15.75
CA ASP D 171 -12.19 5.70 -16.00
C ASP D 171 -12.45 4.79 -14.81
N SER D 172 -13.53 4.02 -14.88
CA SER D 172 -13.94 3.16 -13.78
C SER D 172 -13.02 1.96 -13.66
N ASP D 173 -12.41 1.59 -14.78
CA ASP D 173 -11.49 0.46 -14.81
C ASP D 173 -10.06 0.83 -14.48
N GLY D 174 -9.87 2.00 -13.89
CA GLY D 174 -8.54 2.42 -13.51
C GLY D 174 -7.81 3.09 -14.65
N SER D 175 -8.37 2.99 -15.85
CA SER D 175 -7.78 3.61 -17.03
C SER D 175 -8.30 5.02 -17.26
N PHE D 176 -7.73 5.70 -18.24
CA PHE D 176 -8.18 7.05 -18.52
C PHE D 176 -8.89 7.04 -19.85
N PHE D 177 -9.78 8.01 -20.04
CA PHE D 177 -10.27 8.34 -21.36
C PHE D 177 -10.27 9.86 -21.52
N LEU D 178 -10.37 10.34 -22.75
CA LEU D 178 -10.65 11.75 -23.01
C LEU D 178 -11.37 11.94 -24.33
N TYR D 179 -11.85 13.15 -24.55
CA TYR D 179 -12.40 13.53 -25.84
C TYR D 179 -11.58 14.72 -26.33
N SER D 180 -11.33 14.79 -27.62
CA SER D 180 -10.77 15.99 -28.23
C SER D 180 -11.76 16.51 -29.25
N LYS D 181 -12.10 17.80 -29.16
CA LYS D 181 -13.07 18.34 -30.09
C LYS D 181 -12.46 19.25 -31.12
N LEU D 182 -12.57 18.85 -32.38
CA LEU D 182 -12.15 19.66 -33.49
C LEU D 182 -13.40 20.30 -34.09
N THR D 183 -13.37 21.61 -34.30
CA THR D 183 -14.51 22.32 -34.84
C THR D 183 -14.29 22.81 -36.26
N VAL D 184 -15.22 22.48 -37.16
CA VAL D 184 -15.11 22.93 -38.55
C VAL D 184 -16.46 23.38 -39.10
N ASP D 185 -16.40 24.41 -39.95
CA ASP D 185 -17.53 24.86 -40.76
C ASP D 185 -18.30 23.74 -41.46
N LYS D 186 -19.62 23.84 -41.42
CA LYS D 186 -20.52 22.90 -42.08
C LYS D 186 -20.22 22.67 -43.56
N SER D 187 -19.92 23.76 -44.27
CA SER D 187 -19.66 23.70 -45.70
C SER D 187 -18.54 22.71 -45.99
N ARG D 188 -17.51 22.78 -45.18
CA ARG D 188 -16.33 21.97 -45.31
C ARG D 188 -16.73 20.51 -45.15
N TRP D 189 -17.61 20.29 -44.17
CA TRP D 189 -18.15 18.96 -43.87
C TRP D 189 -18.93 18.28 -45.00
N GLN D 190 -19.91 18.95 -45.58
CA GLN D 190 -20.83 18.27 -46.49
C GLN D 190 -20.26 17.96 -47.88
N GLN D 191 -19.17 18.58 -48.27
CA GLN D 191 -18.57 18.19 -49.54
C GLN D 191 -17.75 16.91 -49.36
N GLY D 192 -17.66 16.43 -48.12
CA GLY D 192 -17.06 15.14 -47.85
C GLY D 192 -15.55 15.05 -47.77
N ASN D 193 -14.88 16.14 -47.43
CA ASN D 193 -13.46 16.07 -47.09
C ASN D 193 -13.23 15.10 -45.91
N VAL D 194 -12.09 14.43 -45.94
CA VAL D 194 -11.69 13.48 -44.91
C VAL D 194 -10.71 14.03 -43.87
N PHE D 195 -11.09 13.84 -42.61
CA PHE D 195 -10.31 14.32 -41.48
C PHE D 195 -9.81 13.16 -40.64
N SER D 196 -8.64 13.36 -40.07
CA SER D 196 -7.97 12.33 -39.32
C SER D 196 -7.53 12.88 -37.98
N CYS D 197 -7.75 12.07 -36.95
CA CYS D 197 -7.27 12.36 -35.61
C CYS D 197 -6.02 11.54 -35.45
N SER D 198 -4.92 12.20 -35.10
CA SER D 198 -3.65 11.53 -35.00
C SER D 198 -3.19 11.46 -33.57
N VAL D 199 -2.68 10.29 -33.19
CA VAL D 199 -2.31 10.01 -31.81
C VAL D 199 -0.94 9.38 -31.68
N MET D 200 -0.17 9.85 -30.69
CA MET D 200 1.15 9.29 -30.47
C MET D 200 1.28 8.83 -29.03
N HIS D 201 1.64 7.56 -28.84
CA HIS D 201 1.70 6.95 -27.53
C HIS D 201 2.69 5.81 -27.48
N GLU D 202 3.39 5.66 -26.35
CA GLU D 202 4.25 4.50 -26.08
C GLU D 202 3.71 3.20 -26.65
N ALA D 203 2.41 2.97 -26.47
CA ALA D 203 1.82 1.65 -26.62
C ALA D 203 1.20 1.49 -28.00
N LEU D 204 1.51 2.43 -28.89
CA LEU D 204 1.10 2.33 -30.28
C LEU D 204 2.26 1.83 -31.14
N HIS D 205 1.93 1.15 -32.22
CA HIS D 205 2.96 0.75 -33.16
C HIS D 205 3.54 2.04 -33.70
N ASN D 206 4.87 2.16 -33.68
CA ASN D 206 5.47 3.42 -34.04
C ASN D 206 5.02 4.54 -33.11
N HIS D 207 4.48 4.16 -31.94
CA HIS D 207 3.95 5.14 -31.01
C HIS D 207 2.87 5.99 -31.65
N TYR D 208 2.19 5.45 -32.64
CA TYR D 208 1.31 6.25 -33.45
C TYR D 208 0.16 5.46 -34.05
N THR D 209 -0.98 6.13 -34.07
CA THR D 209 -2.12 5.70 -34.84
C THR D 209 -2.91 6.96 -35.14
N GLN D 210 -3.65 6.89 -36.22
CA GLN D 210 -4.56 7.96 -36.56
C GLN D 210 -5.84 7.39 -37.09
N LYS D 211 -6.97 8.12 -36.89
CA LYS D 211 -8.22 7.65 -37.45
C LYS D 211 -8.90 8.73 -38.24
N SER D 212 -9.54 8.30 -39.31
CA SER D 212 -10.18 9.17 -40.24
C SER D 212 -11.69 9.10 -40.13
N LEU D 213 -12.37 10.04 -40.78
CA LEU D 213 -13.79 10.22 -40.63
C LEU D 213 -14.27 10.89 -41.90
N SER D 214 -15.24 10.28 -42.56
CA SER D 214 -15.83 10.87 -43.75
C SER D 214 -17.19 10.29 -44.06
N LEU D 215 -17.97 11.01 -44.86
CA LEU D 215 -19.36 10.62 -45.10
C LEU D 215 -19.93 11.41 -46.25
N SER D 216 -20.71 10.73 -47.09
CA SER D 216 -21.44 11.36 -48.18
C SER D 216 -22.64 10.48 -48.57
N LYS E 1 1.52 -47.12 -48.21
CA LYS E 1 1.70 -45.88 -47.48
C LYS E 1 0.72 -45.81 -46.31
N ALA E 2 0.94 -46.65 -45.30
CA ALA E 2 0.03 -46.67 -44.17
C ALA E 2 0.11 -45.40 -43.33
N VAL E 3 -0.86 -45.25 -42.44
CA VAL E 3 -0.92 -44.10 -41.53
C VAL E 3 -1.66 -44.51 -40.25
N ILE E 4 -1.13 -44.11 -39.10
CA ILE E 4 -1.76 -44.47 -37.83
C ILE E 4 -2.72 -43.40 -37.32
N LYS E 5 -3.92 -43.84 -36.93
CA LYS E 5 -4.90 -42.94 -36.34
C LYS E 5 -5.32 -43.48 -34.98
N LEU E 6 -5.63 -42.59 -34.04
CA LEU E 6 -6.01 -42.99 -32.70
C LEU E 6 -7.46 -42.68 -32.34
N GLN E 7 -8.18 -43.70 -31.86
CA GLN E 7 -9.57 -43.51 -31.47
C GLN E 7 -9.60 -42.42 -30.41
N PRO E 8 -9.08 -42.71 -29.22
CA PRO E 8 -8.93 -41.47 -28.47
C PRO E 8 -7.73 -40.79 -29.12
N PRO E 9 -7.95 -39.63 -29.75
CA PRO E 9 -6.94 -38.95 -30.56
C PRO E 9 -5.67 -38.72 -29.75
N TRP E 10 -5.89 -38.63 -28.45
CA TRP E 10 -4.87 -38.34 -27.45
C TRP E 10 -3.64 -39.22 -27.48
N VAL E 11 -2.51 -38.55 -27.65
CA VAL E 11 -1.22 -39.19 -27.76
C VAL E 11 -0.62 -39.57 -26.40
N SER E 12 -1.16 -38.98 -25.33
CA SER E 12 -0.69 -39.25 -23.98
C SER E 12 -1.86 -39.71 -23.11
N VAL E 13 -1.72 -40.86 -22.46
CA VAL E 13 -2.85 -41.41 -21.72
C VAL E 13 -2.51 -42.00 -20.35
N PHE E 14 -3.52 -42.02 -19.48
CA PHE E 14 -3.39 -42.59 -18.14
C PHE E 14 -3.50 -44.11 -18.12
N GLN E 15 -3.00 -44.70 -17.05
CA GLN E 15 -3.12 -46.13 -16.85
C GLN E 15 -4.58 -46.54 -16.63
N GLU E 16 -4.99 -47.63 -17.27
CA GLU E 16 -6.35 -48.17 -17.20
C GLU E 16 -7.38 -47.53 -18.13
N GLU E 17 -6.95 -46.65 -19.03
CA GLU E 17 -7.88 -46.04 -19.95
C GLU E 17 -7.89 -46.90 -21.21
N SER E 18 -8.95 -46.81 -21.98
CA SER E 18 -9.04 -47.60 -23.21
C SER E 18 -8.60 -46.81 -24.43
N VAL E 19 -7.74 -47.41 -25.24
CA VAL E 19 -7.28 -46.79 -26.48
C VAL E 19 -7.08 -47.84 -27.57
N THR E 20 -7.74 -47.61 -28.70
CA THR E 20 -7.66 -48.51 -29.85
C THR E 20 -6.96 -47.80 -31.00
N LEU E 21 -5.99 -48.46 -31.60
CA LEU E 21 -5.25 -47.89 -32.73
C LEU E 21 -5.61 -48.51 -34.09
N HIS E 22 -6.08 -47.68 -35.03
CA HIS E 22 -6.44 -48.19 -36.35
C HIS E 22 -5.51 -47.74 -37.48
N CYS E 23 -5.03 -48.69 -38.28
CA CYS E 23 -4.23 -48.36 -39.45
C CYS E 23 -5.22 -48.39 -40.60
N GLU E 24 -5.56 -47.25 -41.19
CA GLU E 24 -6.55 -47.29 -42.27
C GLU E 24 -6.22 -46.57 -43.58
N VAL E 25 -6.44 -47.30 -44.67
CA VAL E 25 -6.25 -46.89 -46.07
C VAL E 25 -7.61 -46.86 -46.75
N PRO E 26 -7.88 -45.83 -47.55
CA PRO E 26 -9.25 -45.66 -48.04
C PRO E 26 -9.54 -46.59 -49.22
N HIS E 27 -9.59 -47.88 -48.91
CA HIS E 27 -10.14 -48.89 -49.81
C HIS E 27 -11.31 -49.54 -49.10
N LEU E 28 -12.46 -49.59 -49.78
CA LEU E 28 -13.66 -50.18 -49.20
C LEU E 28 -13.41 -51.62 -48.78
N PRO E 29 -13.14 -52.52 -49.80
CA PRO E 29 -12.90 -53.89 -49.35
C PRO E 29 -11.42 -54.22 -49.26
N GLY E 30 -10.76 -53.72 -48.21
CA GLY E 30 -9.34 -53.95 -48.02
C GLY E 30 -9.07 -55.15 -47.14
N SER E 31 -8.14 -56.00 -47.56
CA SER E 31 -7.78 -57.19 -46.81
C SER E 31 -7.44 -56.88 -45.36
N SER E 32 -7.58 -57.88 -44.50
CA SER E 32 -7.29 -57.71 -43.08
C SER E 32 -5.86 -58.05 -42.69
N SER E 33 -4.91 -57.26 -43.21
CA SER E 33 -3.49 -57.48 -42.92
C SER E 33 -2.86 -56.24 -42.30
N THR E 34 -1.93 -56.46 -41.37
CA THR E 34 -1.25 -55.35 -40.70
C THR E 34 0.10 -55.82 -40.14
N GLN E 35 1.06 -54.91 -40.23
CA GLN E 35 2.43 -55.09 -39.75
C GLN E 35 2.79 -53.93 -38.86
N TRP E 36 2.68 -54.17 -37.55
CA TRP E 36 2.96 -53.16 -36.52
C TRP E 36 4.41 -53.20 -36.05
N PHE E 37 5.05 -52.02 -35.99
CA PHE E 37 6.43 -51.93 -35.55
C PHE E 37 6.51 -51.08 -34.29
N LEU E 38 7.24 -51.60 -33.30
CA LEU E 38 7.45 -50.87 -32.04
C LEU E 38 8.90 -50.62 -31.66
N ASN E 39 9.35 -49.37 -31.56
CA ASN E 39 10.75 -49.17 -31.22
C ASN E 39 11.54 -49.97 -32.24
N GLY E 40 11.14 -49.91 -33.49
CA GLY E 40 11.82 -50.65 -34.55
C GLY E 40 11.55 -52.14 -34.39
N THR E 41 10.44 -52.51 -33.75
CA THR E 41 10.15 -53.94 -33.58
C THR E 41 8.71 -54.33 -33.92
N ALA E 42 8.58 -55.30 -34.81
CA ALA E 42 7.28 -55.80 -35.26
C ALA E 42 6.54 -56.53 -34.16
N ILE E 43 5.25 -56.25 -33.99
CA ILE E 43 4.54 -56.97 -32.94
C ILE E 43 3.89 -58.09 -33.74
N GLN E 44 3.46 -59.14 -33.07
CA GLN E 44 2.85 -60.31 -33.70
C GLN E 44 1.39 -60.12 -34.19
N THR E 45 0.79 -59.00 -33.84
CA THR E 45 -0.60 -58.66 -34.17
C THR E 45 -0.81 -58.26 -35.63
N SER E 46 -1.79 -58.85 -36.33
CA SER E 46 -1.92 -58.43 -37.71
C SER E 46 -3.18 -57.65 -38.03
N THR E 47 -4.14 -57.69 -37.12
CA THR E 47 -5.38 -56.94 -37.29
C THR E 47 -5.09 -55.42 -37.38
N PRO E 48 -5.73 -54.74 -38.35
CA PRO E 48 -5.66 -53.30 -38.62
C PRO E 48 -6.04 -52.41 -37.44
N THR E 49 -6.69 -52.97 -36.42
CA THR E 49 -7.06 -52.19 -35.25
C THR E 49 -6.37 -52.68 -33.98
N TYR E 50 -5.56 -51.80 -33.39
CA TYR E 50 -4.85 -52.12 -32.15
C TYR E 50 -5.63 -51.71 -30.91
N HIS E 51 -6.41 -52.65 -30.38
CA HIS E 51 -7.22 -52.38 -29.21
C HIS E 51 -6.44 -52.69 -27.94
N ILE E 52 -6.44 -51.73 -27.02
CA ILE E 52 -5.84 -51.91 -25.71
C ILE E 52 -6.91 -51.91 -24.64
N THR E 53 -7.17 -53.09 -24.09
CA THR E 53 -8.22 -53.27 -23.10
C THR E 53 -7.75 -52.55 -21.85
N SER E 54 -6.56 -52.90 -21.39
CA SER E 54 -5.96 -52.23 -20.24
C SER E 54 -4.51 -51.86 -20.55
N ALA E 55 -4.28 -50.56 -20.71
CA ALA E 55 -2.95 -50.07 -21.07
C ALA E 55 -1.96 -50.26 -19.93
N SER E 56 -0.69 -50.03 -20.21
CA SER E 56 0.37 -50.23 -19.24
C SER E 56 1.56 -49.33 -19.49
N GLU E 57 2.47 -49.30 -18.54
CA GLU E 57 3.70 -48.55 -18.71
C GLU E 57 4.41 -49.17 -19.90
N ASP E 58 4.33 -50.49 -20.01
CA ASP E 58 5.06 -51.19 -21.06
C ASP E 58 4.36 -50.98 -22.41
N ASP E 59 3.12 -50.53 -22.35
CA ASP E 59 2.35 -50.19 -23.54
C ASP E 59 2.85 -48.90 -24.20
N SER E 60 3.68 -48.16 -23.46
CA SER E 60 4.29 -46.94 -23.98
C SER E 60 5.33 -47.14 -25.07
N GLY E 61 5.48 -46.10 -25.89
CA GLY E 61 6.46 -46.07 -26.96
C GLY E 61 5.93 -45.50 -28.25
N GLU E 62 6.75 -45.62 -29.29
CA GLU E 62 6.45 -45.14 -30.63
C GLU E 62 5.76 -46.18 -31.48
N TYR E 63 4.64 -45.82 -32.10
CA TYR E 63 3.93 -46.81 -32.89
C TYR E 63 3.94 -46.53 -34.40
N ARG E 64 4.18 -47.60 -35.16
CA ARG E 64 4.20 -47.59 -36.62
C ARG E 64 3.51 -48.81 -37.18
N CYS E 65 2.91 -48.67 -38.35
CA CYS E 65 2.21 -49.79 -38.95
C CYS E 65 2.45 -49.90 -40.45
N GLN E 66 2.19 -51.09 -40.96
CA GLN E 66 2.33 -51.45 -42.36
C GLN E 66 1.14 -52.36 -42.64
N ARG E 67 0.33 -52.01 -43.62
CA ARG E 67 -0.73 -52.92 -44.07
C ARG E 67 -0.86 -52.99 -45.58
N GLY E 68 -0.46 -54.12 -46.15
CA GLY E 68 -0.74 -54.42 -47.55
C GLY E 68 -0.27 -53.34 -48.52
N LEU E 69 0.87 -52.72 -48.24
CA LEU E 69 1.36 -51.66 -49.10
C LEU E 69 2.88 -51.54 -49.11
N SER E 70 3.41 -50.98 -50.19
CA SER E 70 4.82 -50.65 -50.27
C SER E 70 5.13 -49.52 -49.29
N GLY E 71 6.29 -49.58 -48.65
CA GLY E 71 6.68 -48.56 -47.68
C GLY E 71 6.06 -48.81 -46.33
N ARG E 72 6.32 -47.90 -45.38
CA ARG E 72 5.79 -48.05 -44.04
C ARG E 72 5.23 -46.74 -43.49
N SER E 73 4.23 -46.84 -42.63
CA SER E 73 3.66 -45.67 -41.95
C SER E 73 4.62 -44.77 -41.18
N ASP E 74 4.18 -43.54 -40.95
CA ASP E 74 4.89 -42.55 -40.14
C ASP E 74 4.98 -42.99 -38.69
N PRO E 75 6.08 -42.66 -38.00
CA PRO E 75 6.21 -43.11 -36.62
C PRO E 75 5.38 -42.23 -35.67
N ILE E 76 4.58 -42.82 -34.78
CA ILE E 76 3.81 -42.01 -33.83
C ILE E 76 4.24 -42.31 -32.40
N GLN E 77 4.66 -41.28 -31.66
CA GLN E 77 5.10 -41.49 -30.29
C GLN E 77 3.96 -41.40 -29.28
N LEU E 78 3.73 -42.51 -28.57
CA LEU E 78 2.69 -42.60 -27.55
C LEU E 78 3.27 -42.64 -26.15
N GLU E 79 2.77 -41.79 -25.25
CA GLU E 79 3.30 -41.78 -23.89
C GLU E 79 2.23 -42.02 -22.83
N VAL E 80 2.44 -43.04 -22.02
CA VAL E 80 1.52 -43.33 -20.93
C VAL E 80 2.11 -42.73 -19.66
N HIS E 81 1.31 -42.01 -18.90
CA HIS E 81 1.81 -41.34 -17.72
C HIS E 81 1.08 -41.78 -16.46
N ARG E 82 1.69 -41.47 -15.32
CA ARG E 82 0.97 -41.47 -14.05
C ARG E 82 1.01 -40.08 -13.42
N GLY E 83 0.01 -39.80 -12.58
CA GLY E 83 -0.14 -38.50 -11.96
C GLY E 83 -1.61 -38.14 -11.80
N TRP E 84 -1.87 -36.91 -11.38
CA TRP E 84 -3.23 -36.43 -11.18
C TRP E 84 -3.82 -35.83 -12.43
N LEU E 85 -3.07 -34.91 -13.00
CA LEU E 85 -3.54 -34.22 -14.19
C LEU E 85 -2.68 -34.49 -15.40
N LEU E 86 -3.35 -34.44 -16.54
CA LEU E 86 -2.73 -34.67 -17.82
C LEU E 86 -3.24 -33.75 -18.89
N LEU E 87 -2.31 -33.01 -19.47
CA LEU E 87 -2.63 -32.18 -20.60
C LEU E 87 -2.62 -33.13 -21.77
N GLN E 88 -3.78 -33.25 -22.41
CA GLN E 88 -3.96 -34.16 -23.53
C GLN E 88 -3.92 -33.40 -24.84
N VAL E 89 -3.23 -33.99 -25.80
CA VAL E 89 -3.03 -33.38 -27.10
C VAL E 89 -3.43 -34.30 -28.24
N SER E 90 -3.98 -33.71 -29.29
CA SER E 90 -4.44 -34.47 -30.43
C SER E 90 -3.23 -34.83 -31.31
N SER E 91 -2.16 -34.06 -31.18
CA SER E 91 -0.95 -34.29 -31.96
C SER E 91 0.29 -33.63 -31.36
N ARG E 92 1.45 -34.25 -31.56
CA ARG E 92 2.69 -33.69 -31.03
C ARG E 92 3.39 -32.84 -32.07
N VAL E 93 3.35 -33.28 -33.33
CA VAL E 93 4.01 -32.60 -34.43
C VAL E 93 3.09 -32.36 -35.62
N LEU E 94 2.90 -31.11 -36.01
CA LEU E 94 2.03 -30.79 -37.13
C LEU E 94 2.43 -29.50 -37.83
N THR E 95 2.00 -29.35 -39.08
CA THR E 95 2.30 -28.13 -39.81
C THR E 95 1.21 -27.14 -39.48
N GLU E 96 1.53 -25.85 -39.52
CA GLU E 96 0.53 -24.83 -39.22
C GLU E 96 -0.64 -24.92 -40.19
N GLY E 97 -1.83 -24.60 -39.69
CA GLY E 97 -3.06 -24.69 -40.46
C GLY E 97 -3.85 -25.91 -40.08
N GLU E 98 -3.18 -26.99 -39.70
CA GLU E 98 -3.89 -28.17 -39.25
C GLU E 98 -4.47 -27.80 -37.90
N PRO E 99 -5.71 -28.20 -37.63
CA PRO E 99 -6.28 -27.81 -36.34
C PRO E 99 -5.67 -28.60 -35.18
N LEU E 100 -5.66 -27.98 -34.00
CA LEU E 100 -5.12 -28.61 -32.80
C LEU E 100 -6.07 -28.66 -31.63
N ALA E 101 -6.40 -29.87 -31.19
CA ALA E 101 -7.25 -30.07 -30.02
C ALA E 101 -6.43 -30.33 -28.77
N LEU E 102 -6.75 -29.63 -27.70
CA LEU E 102 -6.08 -29.82 -26.42
C LEU E 102 -7.05 -30.22 -25.33
N ARG E 103 -6.60 -31.05 -24.39
CA ARG E 103 -7.44 -31.48 -23.29
C ARG E 103 -6.66 -31.63 -22.00
N CYS E 104 -7.10 -30.94 -20.96
CA CYS E 104 -6.51 -31.09 -19.63
C CYS E 104 -7.33 -32.17 -18.94
N HIS E 105 -6.91 -33.42 -19.08
CA HIS E 105 -7.64 -34.56 -18.54
C HIS E 105 -7.25 -34.92 -17.10
N ALA E 106 -8.28 -34.99 -16.26
CA ALA E 106 -8.14 -35.34 -14.85
C ALA E 106 -8.31 -36.82 -14.57
N TRP E 107 -7.61 -37.29 -13.54
CA TRP E 107 -7.66 -38.67 -13.10
C TRP E 107 -9.05 -39.16 -12.72
N LYS E 108 -9.44 -40.29 -13.30
CA LYS E 108 -10.72 -40.89 -13.00
C LYS E 108 -11.78 -39.87 -13.38
N ASP E 109 -11.48 -39.08 -14.39
CA ASP E 109 -12.43 -38.09 -14.86
C ASP E 109 -12.94 -37.23 -13.70
N LYS E 110 -12.12 -37.05 -12.66
CA LYS E 110 -12.51 -36.24 -11.52
C LYS E 110 -12.77 -34.81 -11.95
N LEU E 111 -13.73 -34.15 -11.28
CA LEU E 111 -14.09 -32.78 -11.62
C LEU E 111 -13.08 -31.75 -11.11
N VAL E 112 -12.56 -30.94 -12.04
CA VAL E 112 -11.61 -29.86 -11.75
C VAL E 112 -12.10 -28.49 -12.22
N TYR E 113 -11.92 -27.45 -11.40
CA TYR E 113 -12.37 -26.11 -11.76
C TYR E 113 -11.16 -25.17 -11.81
N ASN E 114 -11.35 -23.93 -12.35
CA ASN E 114 -10.30 -22.93 -12.50
C ASN E 114 -9.12 -23.52 -13.26
N VAL E 115 -9.45 -24.09 -14.38
CA VAL E 115 -8.48 -24.74 -15.23
C VAL E 115 -7.66 -23.75 -16.05
N LEU E 116 -6.35 -23.95 -16.08
CA LEU E 116 -5.48 -23.10 -16.89
C LEU E 116 -4.69 -23.90 -17.93
N TYR E 117 -4.54 -23.30 -19.10
CA TYR E 117 -3.76 -23.87 -20.20
C TYR E 117 -2.52 -23.01 -20.49
N TYR E 118 -1.34 -23.62 -20.62
CA TYR E 118 -0.14 -22.81 -20.86
C TYR E 118 0.52 -23.08 -22.20
N ARG E 119 1.09 -22.03 -22.80
CA ARG E 119 1.85 -22.14 -24.02
C ARG E 119 3.18 -21.42 -23.89
N ASN E 120 4.25 -22.19 -23.82
CA ASN E 120 5.58 -21.62 -23.68
C ASN E 120 5.67 -20.85 -22.37
N GLY E 121 5.07 -21.41 -21.33
CA GLY E 121 5.06 -20.79 -20.02
C GLY E 121 4.01 -19.73 -19.77
N LYS E 122 3.41 -19.17 -20.81
CA LYS E 122 2.42 -18.13 -20.61
C LYS E 122 0.98 -18.62 -20.64
N ALA E 123 0.26 -18.37 -19.55
CA ALA E 123 -1.15 -18.76 -19.51
C ALA E 123 -1.88 -17.89 -20.52
N PHE E 124 -2.67 -18.48 -21.39
CA PHE E 124 -3.38 -17.67 -22.39
C PHE E 124 -4.88 -17.89 -22.30
N LYS E 125 -5.30 -18.92 -21.57
CA LYS E 125 -6.71 -19.21 -21.47
C LYS E 125 -7.08 -19.79 -20.12
N PHE E 126 -8.17 -19.28 -19.56
CA PHE E 126 -8.73 -19.77 -18.31
C PHE E 126 -10.12 -20.34 -18.50
N PHE E 127 -10.42 -21.44 -17.81
CA PHE E 127 -11.76 -22.02 -17.87
C PHE E 127 -12.32 -22.41 -16.51
N HIS E 128 -13.48 -21.85 -16.21
CA HIS E 128 -14.15 -22.15 -14.95
C HIS E 128 -14.58 -23.60 -14.96
N TRP E 129 -15.05 -24.06 -16.11
CA TRP E 129 -15.46 -25.44 -16.24
C TRP E 129 -14.65 -26.10 -17.32
N ASN E 130 -14.20 -27.34 -17.06
CA ASN E 130 -13.25 -28.00 -17.93
C ASN E 130 -13.80 -28.03 -19.34
N SER E 131 -12.96 -27.67 -20.30
CA SER E 131 -13.39 -27.58 -21.68
C SER E 131 -12.26 -27.90 -22.65
N ASN E 132 -12.63 -28.43 -23.81
CA ASN E 132 -11.68 -28.72 -24.87
C ASN E 132 -11.20 -27.43 -25.53
N LEU E 133 -9.96 -27.42 -26.00
CA LEU E 133 -9.44 -26.24 -26.69
C LEU E 133 -9.10 -26.61 -28.12
N THR E 134 -9.86 -26.06 -29.06
CA THR E 134 -9.61 -26.29 -30.47
C THR E 134 -9.19 -25.06 -31.30
N ILE E 135 -7.97 -25.08 -31.81
CA ILE E 135 -7.48 -24.02 -32.67
C ILE E 135 -7.82 -24.39 -34.11
N LEU E 136 -8.83 -23.73 -34.67
CA LEU E 136 -9.33 -24.03 -36.01
C LEU E 136 -8.23 -23.91 -37.07
N LYS E 137 -7.22 -23.09 -36.79
CA LYS E 137 -6.13 -22.94 -37.75
C LYS E 137 -4.86 -22.53 -37.02
N THR E 138 -3.81 -23.40 -37.13
CA THR E 138 -2.54 -23.23 -36.45
C THR E 138 -1.42 -22.63 -37.28
N ASN E 139 -0.53 -21.99 -36.57
CA ASN E 139 0.63 -21.29 -37.08
C ASN E 139 1.84 -21.53 -36.18
N MET E 140 3.02 -21.16 -36.68
CA MET E 140 4.29 -21.34 -35.96
C MET E 140 4.31 -20.70 -34.58
N SER E 141 3.39 -19.78 -34.34
CA SER E 141 3.30 -19.09 -33.05
C SER E 141 2.67 -19.99 -31.99
N HIS E 142 2.02 -21.06 -32.43
CA HIS E 142 1.40 -22.01 -31.53
C HIS E 142 2.42 -23.06 -31.09
N SER E 143 3.64 -22.92 -31.62
CA SER E 143 4.75 -23.82 -31.30
C SER E 143 5.23 -23.67 -29.87
N GLY E 144 5.64 -24.79 -29.28
CA GLY E 144 6.18 -24.77 -27.92
C GLY E 144 5.61 -25.77 -26.91
N THR E 145 6.10 -25.69 -25.68
CA THR E 145 5.70 -26.56 -24.57
C THR E 145 4.43 -26.07 -23.88
N TYR E 146 3.49 -26.99 -23.75
CA TYR E 146 2.19 -26.73 -23.14
C TYR E 146 2.07 -27.35 -21.75
N HIS E 147 1.37 -26.64 -20.87
CA HIS E 147 1.13 -27.10 -19.51
C HIS E 147 -0.30 -26.78 -19.17
N CYS E 148 -0.82 -27.37 -18.09
CA CYS E 148 -2.15 -26.98 -17.64
C CYS E 148 -2.18 -27.07 -16.13
N SER E 149 -2.91 -26.14 -15.52
CA SER E 149 -3.11 -26.13 -14.09
C SER E 149 -4.58 -25.95 -13.76
N GLY E 150 -5.04 -26.56 -12.68
CA GLY E 150 -6.44 -26.42 -12.33
C GLY E 150 -6.62 -26.59 -10.84
N MET E 151 -7.74 -26.09 -10.34
CA MET E 151 -8.03 -26.19 -8.93
C MET E 151 -8.99 -27.28 -8.54
N GLY E 152 -8.48 -28.21 -7.76
CA GLY E 152 -9.26 -29.28 -7.18
C GLY E 152 -9.19 -28.85 -5.74
N LYS E 153 -8.62 -29.71 -4.91
CA LYS E 153 -8.37 -29.37 -3.52
C LYS E 153 -7.18 -28.40 -3.42
N HIS E 154 -6.30 -28.47 -4.42
CA HIS E 154 -5.14 -27.57 -4.52
C HIS E 154 -4.66 -27.41 -5.96
N ARG E 155 -3.90 -26.37 -6.24
CA ARG E 155 -3.47 -26.05 -7.59
C ARG E 155 -2.54 -27.17 -8.02
N TYR E 156 -3.07 -27.99 -8.88
CA TYR E 156 -2.34 -29.13 -9.39
C TYR E 156 -1.73 -28.76 -10.73
N THR E 157 -0.72 -29.50 -11.15
CA THR E 157 -0.14 -29.25 -12.46
C THR E 157 -0.02 -30.47 -13.34
N SER E 158 -0.07 -30.23 -14.64
CA SER E 158 0.08 -31.28 -15.63
C SER E 158 1.52 -31.29 -16.08
N ALA E 159 1.93 -32.37 -16.75
CA ALA E 159 3.25 -32.45 -17.34
C ALA E 159 3.27 -31.66 -18.64
N GLY E 160 4.44 -31.20 -19.06
CA GLY E 160 4.51 -30.43 -20.27
C GLY E 160 4.70 -31.32 -21.48
N ILE E 161 4.18 -30.87 -22.62
CA ILE E 161 4.34 -31.56 -23.89
C ILE E 161 4.85 -30.63 -24.97
N SER E 162 5.82 -31.12 -25.74
CA SER E 162 6.39 -30.34 -26.84
C SER E 162 5.53 -30.57 -28.08
N VAL E 163 5.04 -29.47 -28.66
CA VAL E 163 4.29 -29.50 -29.90
C VAL E 163 5.08 -28.83 -31.01
N THR E 164 5.16 -29.50 -32.16
CA THR E 164 5.93 -29.00 -33.30
C THR E 164 5.07 -28.51 -34.45
N VAL E 165 5.04 -27.19 -34.68
CA VAL E 165 4.30 -26.64 -35.82
C VAL E 165 5.16 -26.32 -37.04
N LYS E 166 5.09 -27.13 -38.10
CA LYS E 166 5.90 -26.82 -39.28
C LYS E 166 5.30 -25.77 -40.21
N GLU E 167 6.11 -24.78 -40.55
CA GLU E 167 5.72 -23.71 -41.47
C GLU E 167 5.90 -24.17 -42.92
N LEU E 168 4.96 -23.89 -43.81
CA LEU E 168 5.21 -24.30 -45.18
C LEU E 168 6.09 -23.27 -45.91
N PHE E 169 5.52 -22.11 -46.24
CA PHE E 169 6.29 -21.08 -46.91
C PHE E 169 6.16 -19.77 -46.14
N PRO E 170 7.27 -19.02 -46.01
CA PRO E 170 7.06 -17.75 -45.30
C PRO E 170 6.27 -16.80 -46.20
N ALA E 171 5.63 -15.79 -45.61
CA ALA E 171 4.87 -14.79 -46.36
C ALA E 171 5.62 -14.13 -47.52
N PRO E 172 4.96 -14.08 -48.69
CA PRO E 172 5.47 -13.57 -49.97
C PRO E 172 5.66 -12.05 -49.94
N VAL E 173 6.41 -11.49 -50.89
CA VAL E 173 6.58 -10.04 -50.94
C VAL E 173 6.24 -9.47 -52.32
N LEU E 174 5.37 -8.47 -52.36
CA LEU E 174 5.04 -7.82 -53.62
C LEU E 174 6.06 -6.69 -53.80
N THR E 175 6.90 -6.79 -54.83
CA THR E 175 7.87 -5.74 -55.08
C THR E 175 7.67 -4.90 -56.35
N ALA E 176 7.80 -3.58 -56.21
CA ALA E 176 7.69 -2.69 -57.36
C ALA E 176 9.04 -2.03 -57.68
N SER E 177 9.34 -1.90 -58.97
CA SER E 177 10.58 -1.28 -59.43
C SER E 177 10.72 0.20 -59.10
N VAL E 178 9.62 0.85 -58.76
CA VAL E 178 9.61 2.29 -58.46
C VAL E 178 8.93 2.69 -57.15
N THR E 179 9.33 3.86 -56.66
CA THR E 179 8.80 4.44 -55.43
C THR E 179 7.59 5.35 -55.70
N SER E 180 6.68 5.34 -54.75
CA SER E 180 5.43 6.10 -54.78
C SER E 180 5.62 7.46 -54.10
N PRO E 181 5.05 8.53 -54.67
CA PRO E 181 4.19 8.82 -55.84
C PRO E 181 4.75 8.72 -57.26
N LEU E 182 3.88 8.24 -58.16
CA LEU E 182 4.15 8.03 -59.59
C LEU E 182 3.35 8.91 -60.58
N LEU E 183 3.88 9.04 -61.80
CA LEU E 183 3.27 9.83 -62.88
C LEU E 183 2.14 9.12 -63.63
N GLU E 184 1.17 9.92 -64.06
CA GLU E 184 0.04 9.46 -64.86
C GLU E 184 0.32 8.80 -66.21
N GLY E 185 -0.43 7.74 -66.52
CA GLY E 185 -0.34 6.99 -67.76
C GLY E 185 0.54 5.76 -67.86
N THR E 186 1.40 5.56 -66.86
CA THR E 186 2.29 4.41 -66.82
C THR E 186 1.65 3.01 -66.73
N PRO E 187 2.28 2.03 -67.41
CA PRO E 187 1.87 0.61 -67.35
C PRO E 187 2.78 -0.06 -66.33
N VAL E 188 2.22 -0.53 -65.22
CA VAL E 188 3.01 -1.11 -64.14
C VAL E 188 2.88 -2.61 -63.88
N THR E 189 4.03 -3.29 -63.75
CA THR E 189 4.02 -4.71 -63.39
C THR E 189 4.47 -4.86 -61.94
N LEU E 190 3.59 -5.48 -61.16
CA LEU E 190 3.78 -5.80 -59.73
C LEU E 190 4.12 -7.27 -59.45
N SER E 191 5.23 -7.52 -58.77
CA SER E 191 5.63 -8.91 -58.53
C SER E 191 5.68 -9.23 -57.03
N CYS E 192 4.91 -10.28 -56.72
CA CYS E 192 4.67 -10.92 -55.43
C CYS E 192 5.71 -12.02 -55.15
N GLU E 193 6.82 -11.64 -54.54
CA GLU E 193 7.89 -12.59 -54.28
C GLU E 193 7.51 -13.73 -53.35
N THR E 194 7.90 -14.93 -53.76
CA THR E 194 7.71 -16.15 -53.00
C THR E 194 8.99 -16.93 -53.23
N LYS E 195 9.17 -17.35 -54.48
CA LYS E 195 10.36 -18.07 -54.92
C LYS E 195 10.68 -19.33 -54.13
N LEU E 196 9.67 -20.13 -53.77
CA LEU E 196 9.98 -21.35 -53.03
C LEU E 196 8.75 -22.23 -52.90
N LEU E 197 8.89 -23.51 -53.20
CA LEU E 197 7.78 -24.44 -53.14
C LEU E 197 7.98 -25.46 -52.03
N LEU E 198 6.97 -25.61 -51.18
CA LEU E 198 7.03 -26.53 -50.05
C LEU E 198 7.12 -27.98 -50.54
N GLN E 199 7.91 -28.78 -49.83
CA GLN E 199 8.08 -30.18 -50.19
C GLN E 199 8.43 -31.01 -48.96
N LEU E 203 -0.82 -26.14 -55.12
CA LEU E 203 0.15 -26.17 -56.20
C LEU E 203 -0.02 -24.97 -57.12
N GLN E 204 -1.09 -24.97 -57.91
CA GLN E 204 -1.51 -23.82 -58.68
C GLN E 204 -1.92 -22.66 -57.78
N LEU E 205 -1.73 -21.43 -58.26
CA LEU E 205 -1.99 -20.25 -57.45
C LEU E 205 -3.07 -19.30 -57.99
N TYR E 206 -3.96 -18.89 -57.09
CA TYR E 206 -5.03 -17.97 -57.45
C TYR E 206 -4.68 -16.65 -56.78
N PHE E 207 -4.51 -15.60 -57.58
CA PHE E 207 -4.12 -14.27 -57.08
C PHE E 207 -5.24 -13.24 -57.13
N SER E 208 -5.20 -12.28 -56.21
CA SER E 208 -6.21 -11.23 -56.20
C SER E 208 -5.72 -9.83 -55.83
N PHE E 209 -6.27 -8.84 -56.54
CA PHE E 209 -5.88 -7.44 -56.41
C PHE E 209 -7.04 -6.56 -55.92
N TYR E 210 -6.75 -5.66 -54.99
CA TYR E 210 -7.76 -4.86 -54.33
C TYR E 210 -7.40 -3.37 -54.31
N MET E 211 -8.42 -2.54 -54.17
CA MET E 211 -8.25 -1.09 -54.06
C MET E 211 -9.03 -0.38 -52.94
N GLY E 212 -8.35 0.00 -51.87
CA GLY E 212 -8.97 0.65 -50.73
C GLY E 212 -9.97 -0.21 -49.99
N SER E 213 -10.87 0.41 -49.24
CA SER E 213 -11.88 -0.36 -48.51
C SER E 213 -12.74 -1.10 -49.52
N LYS E 214 -12.76 -0.61 -50.75
CA LYS E 214 -13.52 -1.25 -51.81
C LYS E 214 -12.73 -2.48 -52.26
N THR E 215 -13.11 -3.04 -53.40
CA THR E 215 -12.41 -4.20 -53.93
C THR E 215 -12.24 -4.11 -55.43
N LEU E 216 -11.04 -4.44 -55.90
CA LEU E 216 -10.82 -4.67 -57.32
C LEU E 216 -11.47 -5.99 -57.70
N ARG E 217 -11.74 -6.21 -58.98
CA ARG E 217 -12.55 -7.36 -59.32
C ARG E 217 -12.14 -8.72 -58.77
N GLY E 218 -13.18 -9.35 -58.26
CA GLY E 218 -13.09 -10.71 -57.80
C GLY E 218 -14.03 -11.46 -58.70
N ARG E 219 -13.46 -12.36 -59.47
CA ARG E 219 -14.20 -13.30 -60.30
C ARG E 219 -13.66 -14.72 -60.36
N ASP E 220 -12.50 -14.81 -61.00
CA ASP E 220 -11.66 -15.98 -61.20
C ASP E 220 -10.31 -15.32 -61.56
N THR E 221 -9.70 -14.65 -60.60
CA THR E 221 -8.45 -13.91 -60.80
C THR E 221 -7.15 -14.69 -61.04
N SER E 222 -6.21 -14.05 -61.74
CA SER E 222 -4.91 -14.64 -62.07
C SER E 222 -3.98 -13.70 -61.29
N SER E 223 -2.66 -13.81 -61.49
CA SER E 223 -1.76 -12.93 -60.75
C SER E 223 -1.48 -11.43 -60.89
N GLU E 224 -2.06 -10.80 -61.91
CA GLU E 224 -1.72 -9.41 -62.20
C GLU E 224 -2.87 -8.58 -62.79
N TYR E 225 -2.51 -7.35 -63.12
CA TYR E 225 -3.32 -6.49 -63.95
C TYR E 225 -2.35 -5.52 -64.57
N GLN E 226 -2.72 -5.03 -65.75
CA GLN E 226 -2.03 -3.89 -66.34
C GLN E 226 -2.88 -2.63 -66.24
N ILE E 227 -2.25 -1.57 -65.74
CA ILE E 227 -2.82 -0.23 -65.74
C ILE E 227 -2.46 0.56 -66.99
N LEU E 228 -3.41 0.63 -67.92
CA LEU E 228 -3.21 1.32 -69.18
C LEU E 228 -2.70 2.71 -68.84
N THR E 229 -3.45 3.39 -67.97
CA THR E 229 -3.06 4.73 -67.54
C THR E 229 -3.16 4.92 -66.03
N ALA E 230 -2.00 4.91 -65.37
CA ALA E 230 -1.92 5.07 -63.93
C ALA E 230 -2.37 6.49 -63.68
N ARG E 231 -3.41 6.70 -62.89
CA ARG E 231 -3.85 8.06 -62.66
C ARG E 231 -3.73 8.48 -61.20
N ARG E 232 -3.81 9.78 -60.95
CA ARG E 232 -3.71 10.32 -59.59
C ARG E 232 -4.70 9.66 -58.65
N GLU E 233 -5.85 9.27 -59.18
CA GLU E 233 -6.88 8.61 -58.38
C GLU E 233 -6.39 7.21 -58.00
N ASP E 234 -5.36 6.75 -58.68
CA ASP E 234 -4.74 5.44 -58.43
C ASP E 234 -3.72 5.42 -57.30
N SER E 235 -3.44 6.58 -56.70
CA SER E 235 -2.50 6.60 -55.59
C SER E 235 -3.15 5.86 -54.42
N GLY E 236 -2.42 4.90 -53.87
CA GLY E 236 -2.92 4.09 -52.77
C GLY E 236 -2.11 2.83 -52.49
N LEU E 237 -2.69 1.96 -51.66
CA LEU E 237 -2.05 0.71 -51.24
C LEU E 237 -2.54 -0.50 -52.03
N TYR E 238 -1.60 -1.18 -52.72
CA TYR E 238 -1.87 -2.33 -53.57
C TYR E 238 -1.42 -3.65 -52.92
N TRP E 239 -2.18 -4.72 -53.11
CA TRP E 239 -1.84 -6.02 -52.52
C TRP E 239 -2.36 -7.28 -53.28
N CYS E 240 -1.68 -8.41 -53.04
CA CYS E 240 -2.01 -9.71 -53.65
C CYS E 240 -2.33 -10.72 -52.54
N GLU E 241 -2.88 -11.89 -52.89
CA GLU E 241 -3.27 -12.87 -51.87
C GLU E 241 -2.86 -14.33 -52.06
N ALA E 242 -2.23 -14.92 -51.04
CA ALA E 242 -1.82 -16.32 -51.05
C ALA E 242 -2.62 -17.18 -50.06
N ALA E 243 -3.17 -18.30 -50.56
CA ALA E 243 -4.02 -19.20 -49.77
C ALA E 243 -3.79 -20.66 -50.19
N THR E 244 -4.06 -21.61 -49.30
CA THR E 244 -3.93 -23.01 -49.68
C THR E 244 -5.05 -23.52 -50.56
N GLU E 245 -4.74 -24.55 -51.35
CA GLU E 245 -5.68 -25.17 -52.28
C GLU E 245 -7.04 -25.37 -51.62
N ASP E 246 -6.97 -25.72 -50.34
CA ASP E 246 -8.12 -26.04 -49.53
C ASP E 246 -8.80 -24.74 -49.21
N GLY E 247 -7.98 -23.71 -49.05
CA GLY E 247 -8.41 -22.48 -48.45
C GLY E 247 -8.07 -22.68 -46.99
N ASN E 248 -7.48 -23.84 -46.70
CA ASN E 248 -7.28 -24.26 -45.31
C ASN E 248 -6.29 -23.29 -44.71
N VAL E 249 -5.31 -22.88 -45.50
CA VAL E 249 -4.25 -22.04 -45.00
C VAL E 249 -4.31 -20.92 -46.00
N LEU E 250 -4.59 -19.72 -45.53
CA LEU E 250 -4.66 -18.59 -46.45
C LEU E 250 -4.01 -17.31 -45.93
N LYS E 251 -3.26 -16.62 -46.78
CA LYS E 251 -2.68 -15.39 -46.26
C LYS E 251 -3.15 -14.21 -47.10
N ARG E 252 -3.68 -13.19 -46.42
CA ARG E 252 -4.06 -11.96 -47.08
C ARG E 252 -2.77 -11.17 -47.13
N SER E 253 -2.62 -10.17 -48.00
CA SER E 253 -1.36 -9.45 -47.92
C SER E 253 -1.50 -8.05 -47.33
N PRO E 254 -0.38 -7.53 -46.78
CA PRO E 254 -0.18 -6.19 -46.23
C PRO E 254 -0.24 -5.12 -47.32
N GLU E 255 -0.75 -3.95 -46.97
CA GLU E 255 -0.87 -2.87 -47.94
C GLU E 255 0.46 -2.31 -48.45
N LEU E 256 0.60 -2.24 -49.77
CA LEU E 256 1.80 -1.68 -50.39
C LEU E 256 1.29 -0.40 -51.04
N GLU E 257 1.75 0.77 -50.60
CA GLU E 257 1.22 1.97 -51.23
C GLU E 257 1.85 2.35 -52.56
N LEU E 258 0.98 2.71 -53.49
CA LEU E 258 1.40 3.22 -54.78
C LEU E 258 0.68 4.54 -54.97
N GLN E 259 1.40 5.65 -55.14
CA GLN E 259 0.73 6.91 -55.40
C GLN E 259 0.95 7.33 -56.83
N VAL E 260 -0.13 7.61 -57.54
CA VAL E 260 -0.02 8.03 -58.92
C VAL E 260 -0.37 9.50 -58.97
N LEU E 261 0.53 10.29 -59.53
CA LEU E 261 0.35 11.73 -59.64
C LEU E 261 0.01 12.09 -61.08
N GLY E 262 -1.14 12.74 -61.28
CA GLY E 262 -1.54 13.14 -62.61
C GLY E 262 -2.96 13.67 -62.70
N LYS F 1 32.86 17.80 42.16
CA LYS F 1 31.52 17.54 41.64
C LYS F 1 31.10 18.64 40.68
N ALA F 2 31.73 18.68 39.51
CA ALA F 2 31.42 19.72 38.53
C ALA F 2 30.03 19.59 37.95
N VAL F 3 29.57 20.63 37.27
CA VAL F 3 28.28 20.64 36.60
C VAL F 3 28.31 21.59 35.41
N ILE F 4 27.76 21.17 34.28
CA ILE F 4 27.77 22.00 33.08
C ILE F 4 26.53 22.88 32.93
N LYS F 5 26.73 24.15 32.68
CA LYS F 5 25.63 25.07 32.42
C LYS F 5 25.83 25.74 31.06
N LEU F 6 24.73 26.03 30.37
CA LEU F 6 24.81 26.65 29.05
C LEU F 6 24.28 28.07 28.98
N GLN F 7 25.09 28.98 28.44
CA GLN F 7 24.67 30.36 28.31
C GLN F 7 23.39 30.38 27.50
N PRO F 8 23.48 30.06 26.21
CA PRO F 8 22.14 29.84 25.70
C PRO F 8 21.74 28.50 26.26
N PRO F 9 20.72 28.47 27.12
CA PRO F 9 20.34 27.27 27.89
C PRO F 9 20.10 26.10 26.95
N TRP F 10 19.70 26.47 25.74
CA TRP F 10 19.33 25.56 24.67
C TRP F 10 20.32 24.48 24.33
N VAL F 11 19.83 23.25 24.45
CA VAL F 11 20.63 22.06 24.24
C VAL F 11 20.77 21.69 22.75
N SER F 12 19.91 22.28 21.92
CA SER F 12 19.96 22.03 20.48
C SER F 12 20.08 23.36 19.73
N VAL F 13 21.09 23.47 18.87
CA VAL F 13 21.35 24.75 18.22
C VAL F 13 21.68 24.68 16.73
N PHE F 14 21.41 25.78 16.03
CA PHE F 14 21.70 25.92 14.60
C PHE F 14 23.16 26.23 14.33
N GLN F 15 23.56 25.98 13.09
CA GLN F 15 24.90 26.31 12.64
C GLN F 15 25.09 27.83 12.58
N GLU F 16 26.24 28.28 13.07
CA GLU F 16 26.59 29.71 13.11
C GLU F 16 26.05 30.51 14.28
N GLU F 17 25.44 29.84 15.26
CA GLU F 17 24.93 30.56 16.41
C GLU F 17 26.03 30.52 17.47
N SER F 18 26.00 31.45 18.41
CA SER F 18 27.01 31.49 19.45
C SER F 18 26.54 30.80 20.72
N VAL F 19 27.37 29.92 21.25
CA VAL F 19 27.08 29.23 22.50
C VAL F 19 28.34 29.03 23.33
N THR F 20 28.29 29.50 24.57
CA THR F 20 29.40 29.39 25.50
C THR F 20 29.03 28.47 26.64
N LEU F 21 29.90 27.51 26.95
CA LEU F 21 29.66 26.57 28.05
C LEU F 21 30.51 26.82 29.29
N HIS F 22 29.86 27.05 30.43
CA HIS F 22 30.58 27.30 31.67
C HIS F 22 30.47 26.18 32.71
N CYS F 23 31.61 25.74 33.23
CA CYS F 23 31.61 24.75 34.30
C CYS F 23 31.78 25.58 35.57
N GLU F 24 30.73 25.68 36.37
CA GLU F 24 30.73 26.60 37.50
C GLU F 24 30.31 25.91 38.79
N VAL F 25 31.24 25.14 39.36
CA VAL F 25 31.04 24.57 40.67
C VAL F 25 30.99 25.73 41.66
N PRO F 26 30.47 25.53 42.86
CA PRO F 26 30.53 26.65 43.79
C PRO F 26 31.99 27.11 43.73
N HIS F 27 32.17 28.43 43.72
CA HIS F 27 33.44 29.13 43.54
C HIS F 27 34.62 29.02 44.52
N LEU F 28 34.38 28.55 45.74
CA LEU F 28 35.46 28.49 46.73
C LEU F 28 36.68 27.63 46.35
N PRO F 29 36.47 26.48 45.71
CA PRO F 29 37.59 25.60 45.33
C PRO F 29 38.83 26.39 44.93
N GLY F 30 40.00 25.84 45.25
CA GLY F 30 41.26 26.49 44.95
C GLY F 30 41.51 26.70 43.47
N SER F 31 41.18 25.70 42.66
CA SER F 31 41.46 25.76 41.23
C SER F 31 40.26 25.82 40.29
N SER F 32 40.33 26.74 39.34
CA SER F 32 39.28 26.94 38.34
C SER F 32 39.61 26.22 37.03
N SER F 33 40.68 25.42 37.05
CA SER F 33 41.10 24.68 35.86
C SER F 33 40.02 23.71 35.41
N THR F 34 39.85 23.58 34.10
CA THR F 34 38.82 22.70 33.56
C THR F 34 39.28 21.53 32.69
N GLN F 35 38.74 20.36 32.98
CA GLN F 35 39.06 19.19 32.18
C GLN F 35 37.84 19.07 31.30
N TRP F 36 38.02 19.24 30.00
CA TRP F 36 36.91 19.15 29.08
C TRP F 36 37.04 17.85 28.33
N PHE F 37 36.00 17.05 28.38
CA PHE F 37 36.04 15.76 27.69
C PHE F 37 34.96 15.73 26.61
N LEU F 38 35.36 15.29 25.42
CA LEU F 38 34.44 15.15 24.30
C LEU F 38 34.34 13.76 23.67
N ASN F 39 33.20 13.09 23.73
CA ASN F 39 33.17 11.75 23.15
C ASN F 39 34.30 10.98 23.81
N GLY F 40 34.44 11.15 25.12
CA GLY F 40 35.49 10.48 25.87
C GLY F 40 36.84 11.06 25.50
N THR F 41 36.88 12.32 25.04
CA THR F 41 38.17 12.92 24.67
C THR F 41 38.38 14.33 25.22
N ALA F 42 39.48 14.51 25.93
CA ALA F 42 39.85 15.78 26.53
C ALA F 42 40.18 16.84 25.49
N ILE F 43 39.65 18.05 25.63
CA ILE F 43 40.01 19.05 24.65
C ILE F 43 41.16 19.78 25.35
N GLN F 44 41.94 20.52 24.59
CA GLN F 44 43.10 21.25 25.12
C GLN F 44 42.79 22.53 25.92
N THR F 45 41.54 23.00 25.87
CA THR F 45 41.23 24.21 26.60
C THR F 45 40.96 23.90 28.07
N SER F 46 41.81 24.43 28.93
CA SER F 46 41.69 24.23 30.37
C SER F 46 40.76 25.28 30.95
N THR F 47 40.40 26.26 30.13
CA THR F 47 39.52 27.33 30.57
C THR F 47 38.17 26.75 30.94
N PRO F 48 37.61 27.26 32.10
CA PRO F 48 36.29 26.68 32.44
C PRO F 48 35.21 26.98 31.42
N THR F 49 35.20 28.21 30.88
CA THR F 49 34.16 28.61 29.95
C THR F 49 34.46 28.16 28.52
N TYR F 50 33.56 27.33 27.99
CA TYR F 50 33.70 26.84 26.63
C TYR F 50 32.96 27.70 25.62
N HIS F 51 33.68 28.67 25.05
CA HIS F 51 33.08 29.57 24.08
C HIS F 51 33.21 29.02 22.67
N ILE F 52 32.08 29.01 21.96
CA ILE F 52 32.05 28.61 20.55
C ILE F 52 31.71 29.80 19.68
N THR F 53 32.73 30.30 18.98
CA THR F 53 32.58 31.48 18.15
C THR F 53 31.66 31.09 17.00
N SER F 54 32.04 30.02 16.30
CA SER F 54 31.22 29.49 15.21
C SER F 54 31.08 27.98 15.37
N ALA F 55 29.88 27.54 15.73
CA ALA F 55 29.62 26.12 15.96
C ALA F 55 29.67 25.33 14.67
N SER F 56 29.65 24.01 14.80
CA SER F 56 29.76 23.13 13.65
C SER F 56 29.06 21.81 13.87
N GLU F 57 28.89 21.06 12.79
CA GLU F 57 28.41 19.70 12.85
C GLU F 57 29.30 18.90 13.79
N ASP F 58 30.60 19.18 13.73
CA ASP F 58 31.58 18.43 14.51
C ASP F 58 31.58 18.90 15.95
N ASP F 59 31.00 20.07 16.19
CA ASP F 59 30.83 20.62 17.51
C ASP F 59 29.77 19.87 18.31
N SER F 60 28.99 19.04 17.62
CA SER F 60 27.97 18.21 18.25
C SER F 60 28.49 17.08 19.12
N GLY F 61 27.66 16.68 20.07
CA GLY F 61 27.96 15.58 20.97
C GLY F 61 27.62 15.85 22.42
N GLU F 62 28.05 14.92 23.27
CA GLU F 62 27.83 14.98 24.71
C GLU F 62 28.94 15.69 25.45
N TYR F 63 28.60 16.64 26.30
CA TYR F 63 29.64 17.37 26.98
C TYR F 63 29.68 17.14 28.49
N ARG F 64 30.90 16.95 28.98
CA ARG F 64 31.21 16.74 30.40
C ARG F 64 32.45 17.51 30.81
N CYS F 65 32.48 17.93 32.08
CA CYS F 65 33.62 18.69 32.56
C CYS F 65 34.07 18.30 33.96
N GLN F 66 35.31 18.65 34.27
CA GLN F 66 35.93 18.40 35.56
C GLN F 66 36.75 19.66 35.83
N ARG F 67 36.45 20.36 36.90
CA ARG F 67 37.08 21.67 37.08
C ARG F 67 37.82 21.93 38.40
N GLY F 68 37.12 21.79 39.51
CA GLY F 68 37.66 22.18 40.81
C GLY F 68 37.78 21.02 41.77
N LEU F 69 38.95 20.91 42.39
CA LEU F 69 39.20 19.83 43.32
C LEU F 69 38.95 18.52 42.56
N SER F 70 38.19 17.61 43.15
CA SER F 70 37.86 16.37 42.46
C SER F 70 36.36 16.09 42.37
N GLY F 71 35.91 15.81 41.15
CA GLY F 71 34.61 15.22 40.91
C GLY F 71 34.44 15.20 39.41
N ARG F 72 33.54 14.36 38.91
CA ARG F 72 33.27 14.33 37.47
C ARG F 72 31.86 14.83 37.21
N SER F 73 31.72 15.83 36.36
CA SER F 73 30.39 16.31 36.02
C SER F 73 29.46 15.35 35.28
N ASP F 74 28.16 15.64 35.37
CA ASP F 74 27.11 14.91 34.66
C ASP F 74 27.25 15.08 33.15
N PRO F 75 26.90 14.03 32.39
CA PRO F 75 27.06 14.14 30.93
C PRO F 75 25.93 14.97 30.31
N ILE F 76 26.22 15.96 29.46
CA ILE F 76 25.16 16.72 28.81
C ILE F 76 25.20 16.52 27.30
N GLN F 77 24.09 16.07 26.72
CA GLN F 77 24.06 15.85 25.28
C GLN F 77 23.65 17.09 24.50
N LEU F 78 24.55 17.55 23.63
CA LEU F 78 24.32 18.71 22.78
C LEU F 78 24.12 18.33 21.32
N GLU F 79 23.06 18.82 20.69
CA GLU F 79 22.83 18.48 19.30
C GLU F 79 22.72 19.70 18.39
N VAL F 80 23.58 19.75 17.38
CA VAL F 80 23.52 20.84 16.42
C VAL F 80 22.75 20.34 15.21
N HIS F 81 21.80 21.12 14.72
CA HIS F 81 20.96 20.69 13.63
C HIS F 81 21.05 21.62 12.44
N ARG F 82 20.58 21.14 11.30
CA ARG F 82 20.23 22.00 10.19
C ARG F 82 18.75 21.86 9.82
N GLY F 83 18.20 22.91 9.22
CA GLY F 83 16.80 22.97 8.88
C GLY F 83 16.25 24.37 9.03
N TRP F 84 14.94 24.51 8.89
CA TRP F 84 14.28 25.80 8.99
C TRP F 84 13.89 26.14 10.41
N LEU F 85 13.19 25.20 11.02
CA LEU F 85 12.74 25.41 12.38
C LEU F 85 13.34 24.46 13.37
N LEU F 86 13.45 24.96 14.59
CA LEU F 86 14.00 24.21 15.68
C LEU F 86 13.27 24.45 16.98
N LEU F 87 12.78 23.36 17.54
CA LEU F 87 12.16 23.41 18.84
C LEU F 87 13.32 23.38 19.79
N GLN F 88 13.45 24.45 20.57
CA GLN F 88 14.54 24.61 21.51
C GLN F 88 14.09 24.28 22.91
N VAL F 89 14.94 23.56 23.62
CA VAL F 89 14.64 23.12 24.98
C VAL F 89 15.73 23.49 25.97
N SER F 90 15.31 23.81 27.19
CA SER F 90 16.24 24.21 28.23
C SER F 90 16.89 22.97 28.82
N SER F 91 16.23 21.83 28.67
CA SER F 91 16.76 20.57 29.20
C SER F 91 16.12 19.34 28.54
N ARG F 92 16.88 18.26 28.45
CA ARG F 92 16.37 17.04 27.84
C ARG F 92 15.82 16.08 28.91
N VAL F 93 16.52 16.03 30.04
CA VAL F 93 16.16 15.14 31.14
C VAL F 93 16.08 15.87 32.48
N LEU F 94 14.91 15.82 33.12
CA LEU F 94 14.73 16.49 34.41
C LEU F 94 13.67 15.83 35.27
N THR F 95 13.74 16.06 36.58
CA THR F 95 12.75 15.51 37.47
C THR F 95 11.59 16.49 37.51
N GLU F 96 10.38 15.99 37.74
CA GLU F 96 9.22 16.87 37.79
C GLU F 96 9.38 17.90 38.90
N GLY F 97 8.84 19.09 38.66
CA GLY F 97 8.95 20.20 39.58
C GLY F 97 9.97 21.21 39.10
N GLU F 98 11.02 20.74 38.43
CA GLU F 98 11.99 21.66 37.87
C GLU F 98 11.29 22.35 36.72
N PRO F 99 11.49 23.67 36.58
CA PRO F 99 10.78 24.35 35.49
C PRO F 99 11.37 24.00 34.13
N LEU F 100 10.52 24.06 33.10
CA LEU F 100 10.94 23.77 31.73
C LEU F 100 10.64 24.87 30.73
N ALA F 101 11.70 25.40 30.12
CA ALA F 101 11.56 26.43 29.10
C ALA F 101 11.65 25.81 27.70
N LEU F 102 10.70 26.17 26.84
CA LEU F 102 10.69 25.71 25.46
C LEU F 102 10.75 26.86 24.47
N ARG F 103 11.41 26.65 23.34
CA ARG F 103 11.51 27.69 22.33
C ARG F 103 11.47 27.11 20.92
N CYS F 104 10.53 27.59 20.12
CA CYS F 104 10.47 27.20 18.71
C CYS F 104 11.29 28.23 17.95
N HIS F 105 12.59 27.97 17.79
CA HIS F 105 13.50 28.92 17.17
C HIS F 105 13.60 28.78 15.65
N ALA F 106 13.38 29.90 14.97
CA ALA F 106 13.44 30.00 13.53
C ALA F 106 14.81 30.42 13.01
N TRP F 107 15.12 29.93 11.81
CA TRP F 107 16.38 30.23 11.12
C TRP F 107 16.62 31.71 10.87
N LYS F 108 17.81 32.13 11.29
CA LYS F 108 18.24 33.51 11.16
C LYS F 108 17.26 34.42 11.88
N ASP F 109 16.61 33.86 12.89
CA ASP F 109 15.64 34.59 13.67
C ASP F 109 14.52 35.13 12.79
N LYS F 110 14.23 34.43 11.70
CA LYS F 110 13.15 34.85 10.80
C LYS F 110 11.81 34.84 11.53
N LEU F 111 10.95 35.78 11.17
CA LEU F 111 9.64 35.91 11.81
C LEU F 111 8.65 34.84 11.35
N VAL F 112 8.10 34.11 12.31
CA VAL F 112 7.11 33.06 12.09
C VAL F 112 5.81 33.29 12.89
N TYR F 113 4.66 33.09 12.25
CA TYR F 113 3.37 33.28 12.93
C TYR F 113 2.61 31.97 12.97
N ASN F 114 1.49 31.96 13.70
CA ASN F 114 0.66 30.76 13.87
C ASN F 114 1.52 29.58 14.30
N VAL F 115 2.26 29.79 15.39
CA VAL F 115 3.19 28.82 15.94
C VAL F 115 2.48 27.77 16.79
N LEU F 116 2.82 26.50 16.58
CA LEU F 116 2.26 25.43 17.40
C LEU F 116 3.32 24.63 18.13
N TYR F 117 3.01 24.25 19.35
CA TYR F 117 3.87 23.43 20.20
C TYR F 117 3.24 22.05 20.45
N TYR F 118 3.98 20.96 20.27
CA TYR F 118 3.39 19.63 20.46
C TYR F 118 4.00 18.86 21.62
N ARG F 119 3.15 18.08 22.30
CA ARG F 119 3.59 17.17 23.36
C ARG F 119 3.02 15.80 23.16
N ASN F 120 3.86 14.85 22.79
CA ASN F 120 3.43 13.49 22.55
C ASN F 120 2.43 13.47 21.40
N GLY F 121 2.68 14.28 20.39
CA GLY F 121 1.82 14.36 19.24
C GLY F 121 0.61 15.27 19.34
N LYS F 122 0.23 15.66 20.56
CA LYS F 122 -0.95 16.52 20.72
C LYS F 122 -0.63 17.99 20.87
N ALA F 123 -1.17 18.81 19.98
CA ALA F 123 -0.95 20.24 20.08
C ALA F 123 -1.68 20.71 21.34
N PHE F 124 -1.01 21.47 22.20
CA PHE F 124 -1.66 21.90 23.42
C PHE F 124 -1.63 23.42 23.54
N LYS F 125 -0.83 24.07 22.70
CA LYS F 125 -0.72 25.52 22.77
C LYS F 125 -0.45 26.13 21.40
N PHE F 126 -1.19 27.20 21.12
CA PHE F 126 -1.05 27.98 19.91
C PHE F 126 -0.60 29.41 20.20
N PHE F 127 0.30 29.94 19.37
CA PHE F 127 0.73 31.32 19.53
C PHE F 127 0.76 32.10 18.23
N HIS F 128 0.03 33.20 18.21
CA HIS F 128 -0.02 34.07 17.04
C HIS F 128 1.35 34.68 16.84
N TRP F 129 1.98 35.06 17.95
CA TRP F 129 3.31 35.64 17.87
C TRP F 129 4.27 34.79 18.68
N ASN F 130 5.46 34.56 18.11
CA ASN F 130 6.39 33.60 18.68
C ASN F 130 6.65 33.96 20.13
N SER F 131 6.59 32.96 21.00
CA SER F 131 6.74 33.19 22.43
C SER F 131 7.37 32.00 23.12
N ASN F 132 8.05 32.27 24.24
CA ASN F 132 8.69 31.23 25.00
C ASN F 132 7.64 30.52 25.85
N LEU F 133 7.84 29.23 26.11
CA LEU F 133 6.91 28.48 26.92
C LEU F 133 7.59 28.00 28.19
N THR F 134 7.17 28.55 29.32
CA THR F 134 7.71 28.16 30.61
C THR F 134 6.74 27.47 31.58
N ILE F 135 7.01 26.21 31.88
CA ILE F 135 6.21 25.50 32.85
C ILE F 135 6.87 25.74 34.19
N LEU F 136 6.19 26.50 35.04
CA LEU F 136 6.70 26.85 36.36
C LEU F 136 6.92 25.63 37.24
N LYS F 137 6.18 24.55 36.97
CA LYS F 137 6.34 23.34 37.75
C LYS F 137 5.93 22.13 36.93
N THR F 138 6.90 21.22 36.81
CA THR F 138 6.81 20.02 35.99
C THR F 138 6.37 18.76 36.71
N ASN F 139 5.79 17.86 35.92
CA ASN F 139 5.34 16.56 36.37
C ASN F 139 5.52 15.52 35.27
N MET F 140 5.40 14.24 35.63
CA MET F 140 5.55 13.11 34.71
C MET F 140 4.64 13.18 33.49
N SER F 141 3.60 13.99 33.56
CA SER F 141 2.65 14.16 32.45
C SER F 141 3.23 15.03 31.35
N HIS F 142 4.30 15.76 31.69
CA HIS F 142 4.97 16.62 30.72
C HIS F 142 6.01 15.82 29.94
N SER F 143 6.13 14.54 30.29
CA SER F 143 7.07 13.62 29.64
C SER F 143 6.67 13.31 28.22
N GLY F 144 7.67 13.15 27.35
CA GLY F 144 7.43 12.80 25.97
C GLY F 144 8.13 13.63 24.90
N THR F 145 7.84 13.29 23.64
CA THR F 145 8.42 13.95 22.46
C THR F 145 7.68 15.21 22.08
N TYR F 146 8.44 16.28 21.92
CA TYR F 146 7.92 17.59 21.59
C TYR F 146 8.22 17.98 20.14
N HIS F 147 7.27 18.69 19.53
CA HIS F 147 7.42 19.16 18.16
C HIS F 147 6.87 20.57 18.11
N CYS F 148 7.16 21.29 17.03
CA CYS F 148 6.55 22.60 16.88
C CYS F 148 6.33 22.85 15.40
N SER F 149 5.22 23.51 15.10
CA SER F 149 4.87 23.89 13.75
C SER F 149 4.48 25.35 13.69
N GLY F 150 4.79 26.03 12.60
CA GLY F 150 4.44 27.43 12.50
C GLY F 150 4.28 27.83 11.05
N MET F 151 3.57 28.94 10.85
CA MET F 151 3.19 29.41 9.53
C MET F 151 4.36 29.79 8.65
N GLY F 152 4.25 29.43 7.38
CA GLY F 152 5.28 29.70 6.38
C GLY F 152 4.66 29.70 4.99
N LYS F 153 5.42 30.16 4.00
CA LYS F 153 4.94 30.10 2.63
C LYS F 153 4.75 28.63 2.33
N HIS F 154 5.71 27.77 2.82
CA HIS F 154 5.58 26.33 2.85
C HIS F 154 5.52 25.94 4.31
N ARG F 155 4.55 25.13 4.68
CA ARG F 155 4.34 24.81 6.09
C ARG F 155 5.63 24.23 6.66
N TYR F 156 5.97 24.66 7.87
CA TYR F 156 7.24 24.27 8.48
C TYR F 156 7.08 23.51 9.79
N THR F 157 7.80 22.40 9.89
CA THR F 157 7.89 21.62 11.11
C THR F 157 9.28 21.56 11.71
N SER F 158 9.31 21.41 13.03
CA SER F 158 10.55 21.28 13.78
C SER F 158 10.82 19.79 13.99
N ALA F 159 12.05 19.47 14.37
CA ALA F 159 12.39 18.09 14.72
C ALA F 159 11.90 17.80 16.13
N GLY F 160 11.67 16.53 16.44
CA GLY F 160 11.17 16.20 17.75
C GLY F 160 12.32 15.99 18.72
N ILE F 161 12.06 16.28 19.99
CA ILE F 161 13.00 16.05 21.07
C ILE F 161 12.38 15.27 22.21
N SER F 162 13.11 14.29 22.71
CA SER F 162 12.65 13.49 23.85
C SER F 162 13.04 14.19 25.14
N VAL F 163 12.04 14.44 25.97
CA VAL F 163 12.24 15.03 27.30
C VAL F 163 11.90 14.00 28.37
N THR F 164 12.80 13.87 29.34
CA THR F 164 12.63 12.90 30.41
C THR F 164 12.30 13.54 31.76
N VAL F 165 11.08 13.35 32.24
CA VAL F 165 10.69 13.86 33.56
C VAL F 165 10.71 12.80 34.68
N LYS F 166 11.71 12.85 35.57
CA LYS F 166 11.75 11.84 36.64
C LYS F 166 10.85 12.18 37.82
N GLU F 167 10.05 11.20 38.24
CA GLU F 167 9.17 11.32 39.39
C GLU F 167 9.93 11.02 40.67
N LEU F 168 9.74 11.78 41.74
CA LEU F 168 10.45 11.41 42.95
C LEU F 168 9.70 10.32 43.72
N PHE F 169 8.58 10.67 44.34
CA PHE F 169 7.79 9.68 45.07
C PHE F 169 6.35 9.73 44.59
N PRO F 170 5.70 8.56 44.42
CA PRO F 170 4.30 8.69 44.01
C PRO F 170 3.48 9.22 45.18
N ALA F 171 2.31 9.78 44.89
CA ALA F 171 1.40 10.28 45.93
C ALA F 171 1.08 9.31 47.07
N PRO F 172 1.21 9.80 48.32
CA PRO F 172 1.02 9.05 49.58
C PRO F 172 -0.44 8.67 49.81
N VAL F 173 -0.71 7.73 50.71
CA VAL F 173 -2.08 7.36 51.02
C VAL F 173 -2.39 7.43 52.51
N LEU F 174 -3.45 8.14 52.87
CA LEU F 174 -3.85 8.22 54.27
C LEU F 174 -4.79 7.04 54.51
N THR F 175 -4.40 6.09 55.35
CA THR F 175 -5.26 4.95 55.64
C THR F 175 -5.84 4.87 57.06
N ALA F 176 -7.14 4.57 57.16
CA ALA F 176 -7.78 4.42 58.46
C ALA F 176 -8.20 2.96 58.69
N SER F 177 -8.04 2.48 59.91
CA SER F 177 -8.40 1.11 60.28
C SER F 177 -9.89 0.81 60.22
N VAL F 178 -10.72 1.85 60.18
CA VAL F 178 -12.18 1.69 60.16
C VAL F 178 -12.92 2.48 59.07
N THR F 179 -14.11 1.99 58.75
CA THR F 179 -14.99 2.59 57.75
C THR F 179 -15.94 3.62 58.37
N SER F 180 -16.23 4.64 57.59
CA SER F 180 -17.11 5.76 57.96
C SER F 180 -18.55 5.47 57.53
N PRO F 181 -19.54 5.80 58.38
CA PRO F 181 -19.68 6.48 59.70
C PRO F 181 -19.20 5.75 60.97
N LEU F 182 -18.66 6.55 61.89
CA LEU F 182 -18.12 6.13 63.19
C LEU F 182 -18.86 6.66 64.44
N LEU F 183 -18.68 5.97 65.56
CA LEU F 183 -19.29 6.31 66.86
C LEU F 183 -18.57 7.41 67.62
N GLU F 184 -19.36 8.21 68.34
CA GLU F 184 -18.86 9.28 69.20
C GLU F 184 -17.92 8.91 70.35
N GLY F 185 -16.92 9.75 70.56
CA GLY F 185 -15.93 9.61 71.62
C GLY F 185 -14.61 8.90 71.33
N THR F 186 -14.53 8.22 70.20
CA THR F 186 -13.31 7.52 69.80
C THR F 186 -12.04 8.34 69.56
N PRO F 187 -10.87 7.77 69.92
CA PRO F 187 -9.55 8.36 69.68
C PRO F 187 -9.00 7.71 68.40
N VAL F 188 -8.85 8.48 67.33
CA VAL F 188 -8.43 7.90 66.05
C VAL F 188 -7.03 8.28 65.54
N THR F 189 -6.27 7.26 65.11
CA THR F 189 -4.97 7.51 64.50
C THR F 189 -5.07 7.28 62.98
N LEU F 190 -4.73 8.33 62.25
CA LEU F 190 -4.70 8.37 60.78
C LEU F 190 -3.29 8.28 60.17
N SER F 191 -3.05 7.31 59.28
CA SER F 191 -1.72 7.15 58.72
C SER F 191 -1.71 7.35 57.21
N CYS F 192 -0.84 8.28 56.82
CA CYS F 192 -0.51 8.78 55.48
C CYS F 192 0.62 7.94 54.85
N GLU F 193 0.23 6.88 54.14
CA GLU F 193 1.11 5.87 53.53
C GLU F 193 1.85 6.33 52.27
N THR F 194 3.18 6.39 52.44
CA THR F 194 4.17 6.75 51.42
C THR F 194 5.51 6.07 51.75
N LYS F 195 6.33 5.84 50.74
CA LYS F 195 7.57 5.09 50.95
C LYS F 195 8.81 5.76 50.36
N LEU F 196 9.83 5.92 51.19
CA LEU F 196 11.11 6.46 50.76
C LEU F 196 12.20 5.42 51.00
N LEU F 197 13.02 5.18 49.99
CA LEU F 197 14.07 4.17 50.09
C LEU F 197 15.09 4.57 51.16
N LEU F 198 15.55 3.58 51.91
CA LEU F 198 16.52 3.82 52.97
C LEU F 198 17.83 4.35 52.40
N GLN F 199 18.25 3.80 51.27
CA GLN F 199 19.49 4.22 50.63
C GLN F 199 20.71 3.65 51.35
N GLN F 204 12.95 15.81 56.23
CA GLN F 204 12.00 16.24 57.24
C GLN F 204 10.66 16.61 56.61
N LEU F 205 9.59 16.04 57.17
CA LEU F 205 8.23 16.29 56.72
C LEU F 205 7.32 17.17 57.58
N TYR F 206 6.65 18.11 56.93
CA TYR F 206 5.72 19.00 57.63
C TYR F 206 4.32 18.56 57.17
N PHE F 207 3.49 18.15 58.12
CA PHE F 207 2.15 17.66 57.83
C PHE F 207 1.02 18.59 58.25
N SER F 208 -0.09 18.55 57.52
CA SER F 208 -1.23 19.39 57.86
C SER F 208 -2.62 18.78 57.70
N PHE F 209 -3.48 19.07 58.68
CA PHE F 209 -4.84 18.57 58.78
C PHE F 209 -5.88 19.66 58.54
N TYR F 210 -6.95 19.31 57.84
CA TYR F 210 -7.98 20.28 57.50
C TYR F 210 -9.39 19.73 57.71
N MET F 211 -10.35 20.64 57.88
CA MET F 211 -11.76 20.27 58.02
C MET F 211 -12.76 21.09 57.21
N GLY F 212 -13.27 20.50 56.13
CA GLY F 212 -14.21 21.18 55.24
C GLY F 212 -13.64 22.38 54.51
N SER F 213 -14.51 23.27 54.04
CA SER F 213 -14.02 24.46 53.35
C SER F 213 -13.18 25.29 54.32
N LYS F 214 -13.46 25.07 55.60
CA LYS F 214 -12.72 25.61 56.74
C LYS F 214 -11.44 24.83 57.00
N THR F 215 -10.53 25.40 57.78
CA THR F 215 -9.21 24.81 57.96
C THR F 215 -8.96 24.43 59.41
N LEU F 216 -8.51 23.19 59.61
CA LEU F 216 -8.23 22.68 60.94
C LEU F 216 -6.96 23.30 61.47
N ARG F 217 -6.88 23.48 62.78
CA ARG F 217 -5.64 23.95 63.36
C ARG F 217 -4.82 22.74 63.76
N GLY F 218 -3.77 22.48 62.99
CA GLY F 218 -2.89 21.36 63.24
C GLY F 218 -1.47 21.83 63.02
N ARG F 219 -0.52 21.22 63.72
CA ARG F 219 0.86 21.62 63.58
C ARG F 219 1.37 21.35 62.18
N ASP F 220 2.06 22.34 61.62
CA ASP F 220 2.85 22.16 60.42
C ASP F 220 3.88 21.19 60.91
N THR F 221 4.48 21.49 62.07
CA THR F 221 5.38 20.47 62.48
C THR F 221 4.49 19.45 63.26
N SER F 222 3.51 18.87 62.57
CA SER F 222 2.70 17.80 63.14
C SER F 222 2.11 16.92 62.05
N SER F 223 2.35 15.63 62.21
CA SER F 223 1.85 14.65 61.27
C SER F 223 0.45 14.18 61.64
N GLU F 224 0.00 14.51 62.84
CA GLU F 224 -1.27 13.96 63.34
C GLU F 224 -2.07 14.89 64.25
N TYR F 225 -3.10 14.31 64.86
CA TYR F 225 -3.91 14.97 65.84
C TYR F 225 -4.81 13.89 66.42
N GLN F 226 -4.86 13.83 67.78
CA GLN F 226 -5.77 12.92 68.46
C GLN F 226 -7.15 13.61 68.72
N ILE F 227 -8.22 12.92 68.34
CA ILE F 227 -9.57 13.30 68.70
C ILE F 227 -10.06 12.67 69.99
N LEU F 228 -10.03 13.48 71.06
CA LEU F 228 -10.41 13.00 72.38
C LEU F 228 -11.79 12.37 72.22
N THR F 229 -12.71 13.12 71.62
CA THR F 229 -14.05 12.62 71.39
C THR F 229 -14.57 12.90 69.98
N ALA F 230 -14.57 11.85 69.16
CA ALA F 230 -15.01 11.93 67.78
C ALA F 230 -16.50 12.20 67.88
N ARG F 231 -16.97 13.30 67.31
CA ARG F 231 -18.39 13.57 67.42
C ARG F 231 -19.09 13.59 66.06
N ARG F 232 -20.42 13.52 66.07
CA ARG F 232 -21.20 13.53 64.84
C ARG F 232 -20.86 14.71 63.96
N GLU F 233 -20.50 15.82 64.58
CA GLU F 233 -20.14 17.02 63.85
C GLU F 233 -18.81 16.79 63.13
N ASP F 234 -18.10 15.74 63.55
CA ASP F 234 -16.82 15.36 62.97
C ASP F 234 -16.93 14.51 61.71
N SER F 235 -18.14 14.16 61.29
CA SER F 235 -18.29 13.37 60.07
C SER F 235 -17.89 14.26 58.90
N GLY F 236 -16.98 13.75 58.06
CA GLY F 236 -16.49 14.51 56.93
C GLY F 236 -15.23 13.92 56.29
N LEU F 237 -14.61 14.71 55.41
CA LEU F 237 -13.42 14.32 54.67
C LEU F 237 -12.12 14.85 55.30
N TYR F 238 -11.23 13.93 55.67
CA TYR F 238 -9.95 14.25 56.33
C TYR F 238 -8.77 14.06 55.38
N TRP F 239 -7.76 14.95 55.48
CA TRP F 239 -6.58 14.86 54.61
C TRP F 239 -5.25 15.45 55.18
N CYS F 240 -4.13 14.96 54.64
CA CYS F 240 -2.77 15.38 55.03
C CYS F 240 -2.06 15.98 53.82
N GLU F 241 -0.92 16.65 54.02
CA GLU F 241 -0.21 17.30 52.91
C GLU F 241 1.31 17.08 52.75
N ALA F 242 1.72 16.68 51.55
CA ALA F 242 3.13 16.46 51.24
C ALA F 242 3.68 17.49 50.23
N ALA F 243 4.80 18.11 50.59
CA ALA F 243 5.42 19.17 49.79
C ALA F 243 6.96 19.09 49.89
N THR F 244 7.67 19.61 48.89
CA THR F 244 9.13 19.63 48.97
C THR F 244 9.67 20.69 49.91
N GLU F 245 10.87 20.42 50.43
CA GLU F 245 11.57 21.31 51.36
C GLU F 245 11.48 22.75 50.89
N ASP F 246 11.57 22.89 49.58
CA ASP F 246 11.58 24.18 48.91
C ASP F 246 10.17 24.72 48.95
N GLY F 247 9.23 23.79 48.86
CA GLY F 247 7.86 24.12 48.58
C GLY F 247 7.80 24.01 47.07
N ASN F 248 8.93 23.63 46.47
CA ASN F 248 9.07 23.65 45.02
C ASN F 248 8.10 22.64 44.47
N VAL F 249 7.99 21.52 45.16
CA VAL F 249 7.18 20.42 44.66
C VAL F 249 6.29 20.20 45.86
N LEU F 250 4.99 20.38 45.68
CA LEU F 250 4.07 20.15 46.78
C LEU F 250 2.80 19.41 46.43
N LYS F 251 2.38 18.46 47.27
CA LYS F 251 1.14 17.80 46.91
C LYS F 251 0.12 17.99 48.02
N ARG F 252 -1.07 18.45 47.64
CA ARG F 252 -2.17 18.59 48.57
C ARG F 252 -2.80 17.19 48.57
N SER F 253 -3.57 16.80 49.57
CA SER F 253 -4.14 15.47 49.43
C SER F 253 -5.64 15.49 49.15
N PRO F 254 -6.13 14.40 48.54
CA PRO F 254 -7.52 14.08 48.22
C PRO F 254 -8.36 13.86 49.48
N GLU F 255 -9.63 14.24 49.45
CA GLU F 255 -10.49 14.08 50.62
C GLU F 255 -10.78 12.63 51.00
N LEU F 256 -10.56 12.30 52.28
CA LEU F 256 -10.83 10.97 52.80
C LEU F 256 -12.00 11.21 53.74
N GLU F 257 -13.19 10.66 53.48
CA GLU F 257 -14.29 10.93 54.40
C GLU F 257 -14.32 10.08 55.65
N LEU F 258 -14.56 10.75 56.76
CA LEU F 258 -14.75 10.10 58.05
C LEU F 258 -16.07 10.62 58.59
N GLN F 259 -17.02 9.73 58.85
CA GLN F 259 -18.28 10.18 59.45
C GLN F 259 -18.37 9.71 60.88
N VAL F 260 -18.60 10.65 61.79
CA VAL F 260 -18.71 10.30 63.19
C VAL F 260 -20.18 10.44 63.58
N LEU F 261 -20.73 9.36 64.12
CA LEU F 261 -22.12 9.35 64.53
C LEU F 261 -22.22 9.45 66.04
N GLY F 262 -22.93 10.45 66.53
CA GLY F 262 -23.09 10.61 67.96
C GLY F 262 -23.74 11.92 68.37
C1 NAG G . -3.15 -16.00 -10.92
C2 NAG G . -3.74 -16.87 -9.84
C3 NAG G . -4.23 -16.02 -8.74
C4 NAG G . -3.15 -15.13 -8.24
C5 NAG G . -2.50 -14.29 -9.29
C6 NAG G . -1.31 -13.78 -8.56
C7 NAG G . -5.89 -18.30 -9.66
C8 NAG G . -6.94 -19.11 -10.42
N2 NAG G . -4.81 -17.69 -10.42
O3 NAG G . -4.66 -16.85 -7.62
O4 NAG G . -3.67 -14.21 -7.30
O5 NAG G . -2.07 -15.11 -10.40
O6 NAG G . -0.88 -14.90 -7.82
O7 NAG G . -6.00 -18.18 -8.46
C1 NAG G . -3.46 -14.80 -6.03
C2 NAG G . -3.41 -13.68 -5.04
C3 NAG G . -3.38 -14.23 -3.67
C4 NAG G . -4.64 -14.98 -3.47
C5 NAG G . -4.76 -16.17 -4.40
C6 NAG G . -6.14 -16.71 -4.35
C7 NAG G . -2.05 -11.59 -4.72
C8 NAG G . -0.85 -10.73 -5.04
N2 NAG G . -2.24 -12.86 -5.34
O3 NAG G . -3.28 -13.13 -2.74
O4 NAG G . -4.61 -15.50 -2.16
O5 NAG G . -4.52 -15.80 -5.79
O6 NAG G . -6.53 -17.06 -5.65
O7 NAG G . -2.87 -11.20 -3.90
C1 BMA G . -5.18 -14.53 -1.29
C2 BMA G . -5.81 -15.35 -0.21
C3 BMA G . -5.59 -14.96 1.19
C4 BMA G . -4.37 -14.15 1.40
C5 BMA G . -4.47 -13.00 0.45
C6 BMA G . -3.48 -11.99 0.87
O2 BMA G . -5.26 -16.67 -0.41
O3 BMA G . -5.50 -16.18 1.93
O4 BMA G . -4.34 -13.63 2.73
O5 BMA G . -4.17 -13.52 -0.87
O6 BMA G . -2.37 -12.67 1.43
C1 MAN G . -6.84 -16.70 1.83
C2 MAN G . -7.26 -17.30 3.13
C3 MAN G . -6.80 -18.69 3.25
C4 MAN G . -7.44 -19.50 2.19
C5 MAN G . -6.97 -19.03 0.83
C6 MAN G . -7.82 -19.70 -0.21
O2 MAN G . -8.68 -17.31 2.98
O3 MAN G . -7.17 -19.21 4.55
O4 MAN G . -7.08 -20.88 2.37
O5 MAN G . -7.09 -17.58 0.63
O6 MAN G . -7.02 -20.46 -1.07
C1 NAG G . -9.24 -17.11 4.26
C2 NAG G . -10.13 -18.27 4.51
C3 NAG G . -10.90 -18.06 5.75
C4 NAG G . -9.99 -17.79 6.89
C5 NAG G . -8.91 -16.74 6.62
C6 NAG G . -7.92 -16.79 7.72
C7 NAG G . -11.81 -17.36 2.83
C8 NAG G . -11.87 -15.99 3.51
N2 NAG G . -10.99 -18.43 3.33
O3 NAG G . -11.68 -19.24 6.02
O4 NAG G . -10.77 -17.33 8.01
O5 NAG G . -8.23 -16.95 5.34
O6 NAG G . -8.51 -17.42 8.83
O7 NAG G . -12.49 -17.55 1.83
C1 MAN G . -1.21 -11.93 1.05
C2 MAN G . -1.63 -10.82 0.13
C3 MAN G . -1.44 -11.17 -1.30
C4 MAN G . -0.01 -11.42 -1.63
C5 MAN G . 0.74 -12.08 -0.50
C6 MAN G . 1.56 -11.06 0.22
O2 MAN G . -0.85 -9.68 0.47
O3 MAN G . -1.96 -10.10 -2.12
O4 MAN G . 0.06 -12.29 -2.76
O5 MAN G . -0.14 -12.80 0.44
O6 MAN G . 1.20 -9.78 -0.24
C1 NAG G . -1.59 -8.50 0.20
C2 NAG G . -1.07 -7.43 1.11
C3 NAG G . -1.79 -6.15 0.90
C4 NAG G . -1.76 -5.75 -0.54
C5 NAG G . -2.20 -6.87 -1.47
C6 NAG G . -1.91 -6.40 -2.85
C7 NAG G . -0.27 -8.60 3.18
C8 NAG G . 1.09 -8.82 2.52
N2 NAG G . -1.30 -7.90 2.47
O3 NAG G . -1.15 -5.11 1.67
O4 NAG G . -2.62 -4.63 -0.75
O5 NAG G . -1.47 -8.11 -1.23
O6 NAG G . -2.86 -5.41 -3.18
O7 NAG G . -0.47 -8.99 4.31
C1 FUL G . 0.52 -14.83 -7.58
C2 FUL G . 1.31 -15.28 -8.79
O2 FUL G . 0.87 -14.63 -10.00
C3 FUL G . 2.74 -14.99 -8.60
O3 FUL G . 3.52 -15.88 -9.44
C4 FUL G . 3.16 -15.15 -7.18
O4 FUL G . 4.50 -15.65 -7.16
C5 FUL G . 2.27 -16.09 -6.39
C6 FUL G . 2.34 -17.47 -6.97
O5 FUL G . 0.87 -15.65 -6.38
C1 NAG H . -11.18 -32.88 7.79
C2 NAG H . -10.44 -32.09 6.77
C3 NAG H . -8.98 -32.13 7.04
C4 NAG H . -8.67 -31.41 8.30
C5 NAG H . -9.59 -31.82 9.45
C6 NAG H . -9.58 -30.69 10.43
C7 NAG H . -10.59 -31.77 4.32
C8 NAG H . -10.90 -32.30 2.93
N2 NAG H . -10.72 -32.63 5.45
O3 NAG H . -8.23 -31.49 5.97
O4 NAG H . -7.32 -31.72 8.64
O5 NAG H . -10.99 -32.19 9.11
O6 NAG H . -9.52 -31.22 11.74
O7 NAG H . -10.22 -30.62 4.49
C1 NAG H . -6.49 -30.56 8.55
C2 NAG H . -5.48 -30.63 9.65
C3 NAG H . -4.44 -29.59 9.59
C4 NAG H . -3.84 -29.50 8.24
C5 NAG H . -4.90 -29.31 7.18
C6 NAG H . -4.24 -29.25 5.85
C7 NAG H . -5.77 -31.29 12.04
C8 NAG H . -4.61 -32.28 11.87
N2 NAG H . -6.18 -30.49 10.93
O3 NAG H . -3.42 -29.94 10.57
O4 NAG H . -2.99 -28.36 8.20
O5 NAG H . -5.87 -30.40 7.20
O6 NAG H . -4.92 -30.08 4.94
O7 NAG H . -6.33 -31.19 13.12
C1 BMA H . -1.70 -28.74 8.71
C2 BMA H . -0.65 -28.05 7.86
C3 BMA H . 0.07 -26.89 8.46
C4 BMA H . -0.24 -26.58 9.86
C5 BMA H . -0.41 -27.88 10.60
C6 BMA H . -0.47 -27.61 12.05
O2 BMA H . -1.36 -27.56 6.70
O3 BMA H . -0.29 -25.72 7.70
O4 BMA H . 0.86 -25.87 10.43
O5 BMA H . -1.64 -28.55 10.19
O6 BMA H . 0.06 -28.78 12.62
C1 MAN H . 0.90 -25.27 7.07
C2 MAN H . 0.69 -23.80 6.77
C3 MAN H . 0.50 -23.40 5.34
C4 MAN H . 0.33 -24.47 4.32
C5 MAN H . 0.11 -25.84 4.92
C6 MAN H . 0.09 -26.88 3.84
O2 MAN H . 1.75 -23.02 7.38
O3 MAN H . 1.61 -22.54 4.93
O4 MAN H . -0.78 -24.16 3.47
O5 MAN H . 1.17 -26.11 5.87
O6 MAN H . -0.66 -26.38 2.75
C1 NAG H . 2.93 -23.82 7.62
C2 NAG H . 3.74 -23.81 6.33
C3 NAG H . 5.20 -23.67 6.44
C4 NAG H . 5.61 -22.78 7.55
C5 NAG H . 5.10 -23.36 8.85
C6 NAG H . 5.60 -22.53 9.98
C7 NAG H . 3.33 -24.93 4.16
C8 NAG H . 3.06 -26.17 3.32
N2 NAG H . 3.49 -25.03 5.58
O3 NAG H . 5.71 -23.13 5.20
O4 NAG H . 7.04 -22.71 7.60
O5 NAG H . 3.62 -23.37 8.87
O6 NAG H . 6.71 -21.76 9.55
O7 NAG H . 3.40 -23.83 3.63
C1 MAN H . 0.04 -28.69 14.04
C2 MAN H . 0.30 -30.06 14.57
C3 MAN H . -0.71 -31.02 14.08
C4 MAN H . -2.03 -30.39 13.79
C5 MAN H . -2.33 -29.13 14.61
C6 MAN H . -2.63 -29.53 16.02
O2 MAN H . 0.18 -29.94 15.99
O3 MAN H . -0.93 -32.02 15.12
O4 MAN H . -2.06 -30.03 12.40
O5 MAN H . -1.23 -28.14 14.60
O6 MAN H . -2.83 -30.93 16.08
C1 NAG H . 1.17 -30.74 16.64
C2 NAG H . 0.96 -30.36 18.09
C3 NAG H . 1.17 -31.47 19.04
C4 NAG H . 0.39 -32.64 18.58
C5 NAG H . 1.01 -33.18 17.30
C6 NAG H . 0.20 -34.35 16.85
C7 NAG H . 1.59 -27.99 17.64
C8 NAG H . 2.47 -26.77 17.88
N2 NAG H . 1.83 -29.21 18.36
O3 NAG H . 0.67 -31.07 20.35
O4 NAG H . 0.38 -33.67 19.57
O5 NAG H . 1.04 -32.18 16.23
O6 NAG H . -0.79 -34.62 17.81
O7 NAG H . 0.67 -27.92 16.84
C1 FUL H . -10.67 -30.85 12.52
C2 FUL H . -11.89 -30.54 11.67
O2 FUL H . -12.19 -31.61 10.77
C3 FUL H . -13.09 -30.36 12.51
O3 FUL H . -13.90 -29.26 11.99
C4 FUL H . -12.75 -30.10 13.94
O4 FUL H . -13.86 -29.48 14.58
C5 FUL H . -11.53 -29.19 14.10
C6 FUL H . -11.82 -27.86 13.48
O5 FUL H . -10.33 -29.76 13.49
C1 NAG I . -5.37 23.29 11.87
C2 NAG I . -4.69 24.04 10.77
C3 NAG I . -5.67 24.68 9.89
C4 NAG I . -6.45 23.61 9.23
C5 NAG I . -7.03 22.53 10.13
C6 NAG I . -6.62 21.22 9.57
C7 NAG I . -2.99 25.96 10.78
C8 NAG I . -2.11 26.89 11.57
N2 NAG I . -3.80 24.98 11.45
O3 NAG I . -4.98 25.42 8.85
O4 NAG I . -7.51 24.24 8.54
O5 NAG I . -6.63 22.56 11.54
O6 NAG I . -5.94 21.48 8.36
O7 NAG I . -3.04 26.04 9.55
C1 NAG I . -7.06 24.45 7.18
C2 NAG I . -8.26 24.26 6.32
C3 NAG I . -7.92 24.45 4.91
C4 NAG I . -7.41 25.84 4.74
C5 NAG I . -6.19 26.10 5.60
C6 NAG I . -5.80 27.54 5.47
C7 NAG I . -10.11 22.62 6.25
C8 NAG I . -10.65 21.22 6.50
N2 NAG I . -8.76 22.92 6.57
O3 NAG I . -9.13 24.23 4.14
O4 NAG I . -7.02 26.00 3.40
O5 NAG I . -6.42 25.79 7.01
O6 NAG I . -4.49 27.62 4.96
O7 NAG I . -10.83 23.49 5.77
C1 BMA I . -8.15 26.30 2.59
C2 BMA I . -7.54 26.97 1.40
C3 BMA I . -8.43 27.15 0.25
C4 BMA I . -9.10 25.89 -0.13
C5 BMA I . -9.73 25.15 1.03
C6 BMA I . -9.98 23.78 0.51
O2 BMA I . -6.45 26.10 1.01
O3 BMA I . -7.59 27.45 -0.87
O4 BMA I . -10.10 26.16 -1.11
O5 BMA I . -8.89 25.06 2.22
O6 BMA I . -11.35 23.59 0.32
C1 MAN I . -11.75 22.69 1.35
C2 MAN I . -13.13 23.01 1.85
C3 MAN I . -13.18 22.77 3.30
C4 MAN I . -12.55 21.46 3.55
C5 MAN I . -11.05 21.66 3.46
C6 MAN I . -10.36 20.39 3.08
O2 MAN I . -14.01 22.07 1.21
O3 MAN I . -14.54 22.76 3.83
O4 MAN I . -12.94 20.99 4.84
O5 MAN I . -10.75 22.68 2.45
O6 MAN I . -9.02 20.47 3.52
C1 NAG I . -15.31 22.65 1.18
C2 NAG I . -16.07 22.22 -0.03
C3 NAG I . -17.39 22.87 -0.01
C4 NAG I . -18.17 22.52 1.22
C5 NAG I . -17.38 22.95 2.44
C6 NAG I . -18.05 22.56 3.71
C7 NAG I . -14.26 21.82 -1.76
C8 NAG I . -13.92 20.47 -1.14
N2 NAG I . -15.31 22.65 -1.21
O3 NAG I . -18.12 22.46 -1.20
O4 NAG I . -19.47 23.16 1.20
O5 NAG I . -16.05 22.36 2.44
O6 NAG I . -17.09 22.53 4.74
O7 NAG I . -13.65 22.20 -2.74
C1 GAL I . -20.55 22.30 1.66
C2 GAL I . -21.76 23.10 2.12
C3 GAL I . -22.85 22.26 2.70
C4 GAL I . -23.11 21.04 1.87
C5 GAL I . -21.95 20.39 1.09
C6 GAL I . -22.50 19.71 -0.11
O2 GAL I . -21.25 24.03 3.08
O3 GAL I . -24.13 22.97 2.95
O4 GAL I . -24.11 21.36 0.89
O5 GAL I . -20.89 21.29 0.62
O6 GAL I . -22.37 18.31 -0.06
C1 MAN I . -7.33 28.85 -0.97
C2 MAN I . -6.39 29.01 -2.14
C3 MAN I . -4.96 28.83 -1.79
C4 MAN I . -4.76 28.22 -0.44
C5 MAN I . -5.47 29.00 0.67
C6 MAN I . -4.63 30.17 1.07
O2 MAN I . -6.55 30.29 -2.78
O3 MAN I . -4.30 30.13 -1.83
O4 MAN I . -5.26 26.87 -0.48
O5 MAN I . -6.81 29.47 0.28
O6 MAN I . -3.43 30.16 0.33
C1 NAG I . -7.04 31.31 -1.88
C2 NAG I . -6.62 32.63 -2.49
C3 NAG I . -7.62 33.12 -3.45
C4 NAG I . -8.43 32.01 -4.04
C5 NAG I . -9.21 31.25 -2.99
C6 NAG I . -9.35 29.82 -3.41
C7 NAG I . -7.37 34.33 -0.70
C8 NAG I . -8.86 34.14 -0.97
N2 NAG I . -6.36 33.61 -1.42
O3 NAG I . -6.93 33.82 -4.53
O4 NAG I . -9.34 32.53 -5.02
O5 NAG I . -8.52 31.27 -1.70
O6 NAG I . -8.31 29.52 -4.33
O7 NAG I . -7.03 35.13 0.15
C1 FUL I . -6.25 20.43 7.45
C2 FUL I . -5.34 19.28 7.75
O2 FUL I . -6.13 18.09 7.95
C3 FUL I . -4.43 19.08 6.62
O3 FUL I . -3.82 20.35 6.31
C4 FUL I . -5.22 18.66 5.43
O4 FUL I . -4.34 18.41 4.34
C5 FUL I . -6.20 19.75 5.07
C6 FUL I . -5.87 20.25 3.70
O5 FUL I . -6.14 20.88 6.02
C1 NAG J . 6.23 31.31 -9.19
C2 NAG J . 6.03 30.82 -10.61
C3 NAG J . 5.52 29.44 -10.83
C4 NAG J . 5.41 28.53 -9.66
C5 NAG J . 5.28 29.32 -8.36
C6 NAG J . 5.27 28.41 -7.19
C7 NAG J . 5.47 32.33 -12.51
C8 NAG J . 6.75 31.89 -13.19
N2 NAG J . 5.13 31.78 -11.24
O3 NAG J . 6.40 28.81 -11.81
O4 NAG J . 4.25 27.66 -9.80
O5 NAG J . 6.41 30.21 -8.22
O6 NAG J . 4.05 28.68 -6.56
O7 NAG J . 4.73 33.14 -13.05
C1 BMA J . 4.66 26.43 -10.42
C2 BMA J . 4.85 25.32 -9.38
C3 BMA J . 3.68 24.34 -9.23
C4 BMA J . 2.63 24.43 -10.36
C5 BMA J . 3.28 24.80 -11.68
C6 BMA J . 2.26 24.79 -12.81
O2 BMA J . 5.12 25.91 -8.09
O3 BMA J . 3.04 24.52 -7.97
O4 BMA J . 1.95 23.18 -10.48
O5 BMA J . 3.87 26.11 -11.58
O6 BMA J . 2.84 25.37 -13.98
C1 MAN J . 3.33 23.39 -7.13
C2 MAN J . 2.33 22.29 -7.41
C3 MAN J . 0.94 22.84 -7.21
C4 MAN J . 0.81 23.34 -5.78
C5 MAN J . 1.94 24.30 -5.44
C6 MAN J . 1.91 24.65 -3.95
O2 MAN J . 2.50 21.22 -6.47
O3 MAN J . -0.04 21.81 -7.45
O4 MAN J . -0.46 24.00 -5.62
O5 MAN J . 3.21 23.73 -5.74
O6 MAN J . 2.24 23.49 -3.19
C1 NAG J . 3.81 20.63 -6.59
C2 NAG J . 4.24 20.11 -5.22
C3 NAG J . 4.09 18.60 -4.97
C4 NAG J . 3.47 17.84 -6.13
C5 NAG J . 4.15 18.30 -7.41
C6 NAG J . 3.71 17.44 -8.59
C7 NAG J . 6.23 20.10 -3.83
C8 NAG J . 7.72 20.32 -3.82
N2 NAG J . 5.60 20.53 -4.92
O3 NAG J . 3.31 18.39 -3.79
O4 NAG J . 3.65 16.43 -5.95
O5 NAG J . 3.86 19.67 -7.68
O6 NAG J . 4.50 17.78 -9.74
O7 NAG J . 5.66 19.57 -2.90
C1 MAN J . 3.14 24.88 -15.35
C2 MAN J . 4.61 25.00 -15.76
C3 MAN J . 5.13 26.43 -15.79
C4 MAN J . 4.11 27.53 -15.48
C5 MAN J . 2.69 27.19 -15.95
C6 MAN J . 2.35 27.97 -17.22
O2 MAN J . 4.74 24.45 -17.07
O3 MAN J . 5.70 26.69 -17.09
O4 MAN J . 4.09 27.77 -14.06
O5 MAN J . 2.45 25.79 -16.19
O6 MAN J . 2.64 29.36 -17.01
C1 NAG J . 6.09 24.01 -17.26
C2 NAG J . 6.19 23.31 -18.61
C3 NAG J . 7.63 22.85 -18.87
C4 NAG J . 8.56 24.03 -18.74
C5 NAG J . 8.38 24.70 -17.38
C6 NAG J . 9.28 25.93 -17.28
C7 NAG J . 3.96 22.41 -18.78
C8 NAG J . 3.30 21.70 -19.93
N2 NAG J . 5.27 22.20 -18.66
O3 NAG J . 7.72 22.29 -20.18
O4 NAG J . 9.92 23.57 -18.88
O5 NAG J . 7.03 25.09 -17.18
O6 NAG J . 10.59 25.61 -17.76
O7 NAG J . 3.34 23.13 -18.01
C1 GAL K . 1.44 17.17 -6.14
C2 GAL K . 0.72 17.33 -7.46
C3 GAL K . -0.71 17.57 -7.19
C4 GAL K . -1.25 16.81 -6.02
C5 GAL K . -0.35 15.77 -5.33
C6 GAL K . -0.87 14.41 -5.64
O2 GAL K . 1.19 18.41 -8.30
O3 GAL K . -1.47 17.27 -8.40
O4 GAL K . -2.46 16.17 -6.43
O5 GAL K . 1.10 15.82 -5.63
O6 GAL K . 0.10 13.45 -5.27
C1 SIA K . -1.88 18.46 -9.92
C2 SIA K . -1.86 16.97 -9.75
C3 SIA K . -3.27 16.41 -9.90
C4 SIA K . -3.36 15.27 -10.91
C5 SIA K . -2.65 15.61 -12.21
C6 SIA K . -1.36 16.41 -12.01
C7 SIA K . -0.25 15.85 -12.89
C8 SIA K . -0.29 16.40 -14.33
C9 SIA K . -1.05 15.46 -15.25
C10 SIA K . -4.57 15.77 -13.68
C11 SIA K . -5.48 14.98 -12.79
N5 SIA K . -3.54 16.36 -13.07
O1A SIA K . -2.73 19.13 -9.29
O1B SIA K . -1.04 18.98 -10.69
O4 SIA K . -2.77 14.09 -10.35
O6 SIA K . -0.92 16.38 -10.65
O7 SIA K . 1.02 16.17 -12.31
O8 SIA K . -0.89 17.70 -14.35
O9 SIA K . -0.44 15.47 -16.55
O10 SIA K . -4.75 15.86 -14.88
C1 NAG L . 8.10 35.82 -7.48
C2 NAG L . 7.20 34.87 -6.74
C3 NAG L . 7.47 33.52 -7.25
C4 NAG L . 7.03 33.43 -8.67
C5 NAG L . 7.51 34.55 -9.57
C6 NAG L . 6.45 34.83 -10.57
C7 NAG L . 6.32 34.59 -4.43
C8 NAG L . 6.46 34.61 -2.93
N2 NAG L . 7.42 34.91 -5.30
O3 NAG L . 6.75 32.56 -6.44
O4 NAG L . 7.56 32.21 -9.21
O5 NAG L . 7.81 35.85 -8.94
O6 NAG L . 7.00 34.59 -11.86
O7 NAG L . 5.25 34.30 -4.94
C1 FUL M . 4.92 35.64 -12.12
C2 FUL M . 3.50 35.84 -11.65
O2 FUL M . 3.43 35.93 -10.21
C3 FUL M . 2.95 37.12 -12.15
O3 FUL M . 1.56 36.96 -12.52
C4 FUL M . 3.73 37.65 -13.31
O4 FUL M . 2.91 38.57 -14.03
C5 FUL M . 4.17 36.55 -14.27
C6 FUL M . 2.97 35.86 -14.83
O5 FUL M . 5.02 35.56 -13.61
#